data_1UHW
#
_entry.id   1UHW
#
_entity_poly.entity_id   1
_entity_poly.type   'polypeptide(L)'
_entity_poly.pdbx_seq_one_letter_code
;GSSGSSGLGALYLSMKDPEKGIKELNLEKDKKVFNHCLTGSGVIDWLVSNKLVRNRQEGLMISASLLSEGYLQPAGDLSK
NAADGIAENPFLDSPDAFYYFPDSGPSSG
;
_entity_poly.pdbx_strand_id   A
#
# COMPACT_ATOMS: atom_id res chain seq x y z
N GLY A 1 -14.90 0.89 4.98
CA GLY A 1 -15.42 2.15 4.47
C GLY A 1 -15.46 2.14 2.93
N SER A 2 -16.55 1.62 2.40
CA SER A 2 -16.72 1.54 0.96
C SER A 2 -17.76 2.57 0.51
N SER A 3 -18.53 3.06 1.46
CA SER A 3 -19.56 4.04 1.18
C SER A 3 -19.03 5.45 1.47
N GLY A 4 -17.89 5.49 2.13
CA GLY A 4 -17.27 6.76 2.48
C GLY A 4 -15.90 6.89 1.83
N SER A 5 -15.17 7.92 2.26
CA SER A 5 -13.84 8.17 1.74
C SER A 5 -13.90 8.32 0.21
N SER A 6 -14.66 9.32 -0.22
CA SER A 6 -14.81 9.59 -1.64
C SER A 6 -13.44 9.67 -2.31
N GLY A 7 -13.21 8.74 -3.22
CA GLY A 7 -11.95 8.70 -3.95
C GLY A 7 -11.15 7.45 -3.57
N LEU A 8 -10.46 7.53 -2.45
CA LEU A 8 -9.65 6.42 -1.97
C LEU A 8 -10.42 5.12 -2.18
N GLY A 9 -11.57 5.03 -1.53
CA GLY A 9 -12.41 3.85 -1.64
C GLY A 9 -12.35 3.26 -3.05
N ALA A 10 -12.97 3.96 -3.98
CA ALA A 10 -12.99 3.54 -5.37
C ALA A 10 -11.59 3.06 -5.77
N LEU A 11 -10.62 3.92 -5.53
CA LEU A 11 -9.24 3.61 -5.86
C LEU A 11 -8.86 2.28 -5.24
N TYR A 12 -9.02 2.21 -3.92
CA TYR A 12 -8.70 1.00 -3.19
C TYR A 12 -9.40 -0.21 -3.80
N LEU A 13 -10.71 -0.09 -3.94
CA LEU A 13 -11.51 -1.17 -4.51
C LEU A 13 -10.80 -1.74 -5.74
N SER A 14 -10.14 -0.84 -6.46
CA SER A 14 -9.42 -1.24 -7.66
C SER A 14 -8.14 -2.00 -7.27
N MET A 15 -7.37 -1.40 -6.38
CA MET A 15 -6.14 -2.01 -5.92
C MET A 15 -6.35 -3.49 -5.62
N LYS A 16 -7.57 -3.82 -5.22
CA LYS A 16 -7.90 -5.20 -4.89
C LYS A 16 -7.75 -6.07 -6.15
N ASP A 17 -8.25 -5.54 -7.25
CA ASP A 17 -8.17 -6.26 -8.52
C ASP A 17 -6.72 -6.61 -8.81
N PRO A 18 -6.44 -7.94 -8.82
CA PRO A 18 -5.09 -8.42 -9.09
C PRO A 18 -4.75 -8.31 -10.57
N GLU A 19 -5.73 -7.84 -11.33
CA GLU A 19 -5.55 -7.68 -12.77
C GLU A 19 -5.71 -6.21 -13.16
N LYS A 20 -6.83 -5.64 -12.77
CA LYS A 20 -7.11 -4.25 -13.07
C LYS A 20 -6.68 -3.38 -11.89
N GLY A 21 -5.92 -3.99 -10.99
CA GLY A 21 -5.45 -3.28 -9.82
C GLY A 21 -3.98 -3.62 -9.53
N ILE A 22 -3.61 -3.47 -8.27
CA ILE A 22 -2.24 -3.76 -7.85
C ILE A 22 -2.01 -5.27 -7.90
N LYS A 23 -0.74 -5.63 -8.04
CA LYS A 23 -0.37 -7.04 -8.10
C LYS A 23 -0.12 -7.56 -6.68
N GLU A 24 0.31 -8.81 -6.61
CA GLU A 24 0.58 -9.44 -5.32
C GLU A 24 1.72 -10.45 -5.47
N LEU A 25 2.87 -10.09 -4.95
CA LEU A 25 4.03 -10.96 -5.00
C LEU A 25 4.42 -11.37 -3.59
N ASN A 26 5.36 -12.31 -3.51
CA ASN A 26 5.84 -12.80 -2.23
C ASN A 26 7.27 -12.32 -1.99
N LEU A 27 7.39 -11.30 -1.15
CA LEU A 27 8.69 -10.75 -0.84
C LEU A 27 9.20 -11.35 0.47
N GLU A 28 10.50 -11.21 0.69
CA GLU A 28 11.12 -11.73 1.89
C GLU A 28 11.95 -10.65 2.57
N LYS A 29 12.40 -10.97 3.78
CA LYS A 29 13.20 -10.03 4.56
C LYS A 29 13.77 -10.75 5.78
N ASP A 30 15.10 -10.90 5.76
CA ASP A 30 15.79 -11.56 6.86
C ASP A 30 15.50 -13.07 6.79
N LYS A 31 14.26 -13.41 7.09
CA LYS A 31 13.85 -14.81 7.07
C LYS A 31 12.34 -14.89 7.34
N LYS A 32 11.59 -14.18 6.51
CA LYS A 32 10.13 -14.18 6.65
C LYS A 32 9.51 -13.84 5.29
N VAL A 33 8.68 -14.76 4.83
CA VAL A 33 8.00 -14.58 3.55
C VAL A 33 6.70 -13.78 3.78
N PHE A 34 6.41 -12.92 2.81
CA PHE A 34 5.21 -12.11 2.88
C PHE A 34 4.37 -12.24 1.62
N ASN A 35 3.32 -13.05 1.72
CA ASN A 35 2.43 -13.28 0.60
C ASN A 35 1.34 -12.19 0.58
N HIS A 36 0.79 -11.98 -0.60
CA HIS A 36 -0.26 -10.98 -0.77
C HIS A 36 0.18 -9.66 -0.13
N CYS A 37 1.36 -9.22 -0.55
CA CYS A 37 1.91 -7.98 -0.03
C CYS A 37 2.25 -7.07 -1.22
N LEU A 38 2.43 -5.80 -0.92
CA LEU A 38 2.76 -4.82 -1.94
C LEU A 38 4.13 -4.20 -1.63
N THR A 39 4.29 -2.96 -2.07
CA THR A 39 5.53 -2.24 -1.85
C THR A 39 5.27 -0.73 -1.81
N GLY A 40 5.89 -0.09 -0.82
CA GLY A 40 5.74 1.35 -0.66
C GLY A 40 5.84 2.07 -2.01
N SER A 41 6.92 1.77 -2.71
CA SER A 41 7.16 2.38 -4.01
C SER A 41 6.21 1.77 -5.06
N GLY A 42 6.13 0.45 -5.03
CA GLY A 42 5.28 -0.27 -5.96
C GLY A 42 3.85 0.29 -5.93
N VAL A 43 3.33 0.46 -4.73
CA VAL A 43 1.99 0.98 -4.55
C VAL A 43 1.82 2.24 -5.41
N ILE A 44 2.87 3.03 -5.44
CA ILE A 44 2.86 4.26 -6.22
C ILE A 44 3.08 3.93 -7.70
N ASP A 45 3.82 2.85 -7.93
CA ASP A 45 4.12 2.42 -9.27
C ASP A 45 2.81 2.12 -10.01
N TRP A 46 1.90 1.49 -9.30
CA TRP A 46 0.61 1.14 -9.87
C TRP A 46 -0.15 2.44 -10.14
N LEU A 47 0.07 3.41 -9.27
CA LEU A 47 -0.58 4.70 -9.40
C LEU A 47 -0.10 5.39 -10.68
N VAL A 48 1.22 5.53 -10.78
CA VAL A 48 1.82 6.15 -11.94
C VAL A 48 1.60 5.27 -13.17
N SER A 49 1.75 3.98 -12.96
CA SER A 49 1.57 3.02 -14.04
C SER A 49 0.26 3.29 -14.77
N ASN A 50 -0.80 3.43 -13.99
CA ASN A 50 -2.11 3.70 -14.54
C ASN A 50 -2.25 5.20 -14.82
N LYS A 51 -1.39 5.97 -14.17
CA LYS A 51 -1.40 7.41 -14.34
C LYS A 51 -2.48 8.01 -13.43
N LEU A 52 -2.37 7.69 -12.15
CA LEU A 52 -3.31 8.19 -11.17
C LEU A 52 -2.87 9.58 -10.70
N VAL A 53 -1.59 9.86 -10.91
CA VAL A 53 -1.03 11.14 -10.52
C VAL A 53 -0.17 11.69 -11.65
N ARG A 54 0.50 12.80 -11.37
CA ARG A 54 1.37 13.42 -12.35
C ARG A 54 2.80 12.91 -12.20
N ASN A 55 3.14 12.55 -10.97
CA ASN A 55 4.47 12.05 -10.68
C ASN A 55 4.41 11.13 -9.46
N ARG A 56 5.54 10.50 -9.19
CA ARG A 56 5.63 9.58 -8.05
C ARG A 56 5.33 10.33 -6.75
N GLN A 57 5.85 11.54 -6.66
CA GLN A 57 5.65 12.37 -5.49
C GLN A 57 4.17 12.38 -5.09
N GLU A 58 3.36 12.94 -5.98
CA GLU A 58 1.93 13.03 -5.74
C GLU A 58 1.43 11.76 -5.08
N GLY A 59 1.82 10.63 -5.65
CA GLY A 59 1.42 9.33 -5.13
C GLY A 59 1.86 9.16 -3.68
N LEU A 60 3.09 9.57 -3.41
CA LEU A 60 3.63 9.48 -2.07
C LEU A 60 2.63 10.06 -1.07
N MET A 61 2.10 11.23 -1.43
CA MET A 61 1.13 11.89 -0.57
C MET A 61 -0.18 11.10 -0.51
N ILE A 62 -0.73 10.81 -1.68
CA ILE A 62 -1.97 10.06 -1.76
C ILE A 62 -1.82 8.75 -1.00
N SER A 63 -0.76 8.03 -1.33
CA SER A 63 -0.49 6.76 -0.69
C SER A 63 -0.81 6.84 0.81
N ALA A 64 -0.28 7.89 1.43
CA ALA A 64 -0.49 8.11 2.84
C ALA A 64 -1.99 8.05 3.14
N SER A 65 -2.74 8.83 2.39
CA SER A 65 -4.18 8.89 2.57
C SER A 65 -4.76 7.47 2.54
N LEU A 66 -4.23 6.67 1.63
CA LEU A 66 -4.67 5.29 1.50
C LEU A 66 -4.36 4.52 2.77
N LEU A 67 -3.08 4.53 3.13
CA LEU A 67 -2.63 3.84 4.33
C LEU A 67 -3.42 4.35 5.54
N SER A 68 -3.34 5.67 5.73
CA SER A 68 -4.04 6.30 6.84
C SER A 68 -5.40 5.62 7.07
N GLU A 69 -6.29 5.84 6.11
CA GLU A 69 -7.62 5.26 6.20
C GLU A 69 -7.55 3.83 6.73
N GLY A 70 -6.53 3.11 6.29
CA GLY A 70 -6.33 1.74 6.72
C GLY A 70 -6.47 0.77 5.54
N TYR A 71 -6.42 1.33 4.34
CA TYR A 71 -6.55 0.53 3.14
C TYR A 71 -5.29 -0.30 2.89
N LEU A 72 -4.22 0.10 3.59
CA LEU A 72 -2.95 -0.60 3.45
C LEU A 72 -2.36 -0.83 4.85
N GLN A 73 -2.11 -2.10 5.16
CA GLN A 73 -1.55 -2.46 6.44
C GLN A 73 -0.03 -2.66 6.32
N PRO A 74 0.71 -2.13 7.32
CA PRO A 74 2.16 -2.25 7.33
C PRO A 74 2.58 -3.66 7.72
N ALA A 75 3.68 -4.10 7.13
CA ALA A 75 4.20 -5.42 7.40
C ALA A 75 5.73 -5.42 7.23
N GLY A 76 6.41 -5.63 8.34
CA GLY A 76 7.86 -5.64 8.33
C GLY A 76 8.43 -4.57 9.27
N ASP A 77 8.69 -3.40 8.69
CA ASP A 77 9.22 -2.30 9.45
C ASP A 77 9.08 -1.00 8.64
N LEU A 78 9.68 0.05 9.16
CA LEU A 78 9.63 1.35 8.50
C LEU A 78 8.18 1.85 8.48
N SER A 79 7.41 1.27 7.57
CA SER A 79 6.01 1.65 7.44
C SER A 79 5.35 1.73 8.82
N LYS A 80 5.58 0.69 9.61
CA LYS A 80 5.03 0.63 10.95
C LYS A 80 5.61 1.77 11.79
N ASN A 81 6.93 1.75 11.91
CA ASN A 81 7.62 2.78 12.68
C ASN A 81 7.12 4.16 12.26
N ALA A 82 6.80 4.27 10.98
CA ALA A 82 6.30 5.52 10.44
C ALA A 82 4.90 5.79 10.99
N ALA A 83 4.00 4.86 10.71
CA ALA A 83 2.62 4.98 11.18
C ALA A 83 2.63 5.33 12.67
N ASP A 84 3.70 4.93 13.33
CA ASP A 84 3.84 5.19 14.76
C ASP A 84 3.68 6.68 15.02
N GLY A 85 4.61 7.45 14.47
CA GLY A 85 4.59 8.89 14.64
C GLY A 85 5.91 9.51 14.19
N ILE A 86 6.34 9.14 13.00
CA ILE A 86 7.58 9.64 12.44
C ILE A 86 7.43 11.14 12.16
N ALA A 87 6.73 11.44 11.08
CA ALA A 87 6.50 12.82 10.68
C ALA A 87 5.04 12.99 10.25
N GLU A 88 4.85 13.86 9.27
CA GLU A 88 3.52 14.12 8.76
C GLU A 88 3.21 13.19 7.58
N ASN A 89 4.09 12.22 7.38
CA ASN A 89 3.93 11.27 6.30
C ASN A 89 4.18 9.86 6.82
N PRO A 90 3.06 9.09 6.97
CA PRO A 90 3.16 7.73 7.47
C PRO A 90 3.71 6.79 6.39
N PHE A 91 3.38 7.12 5.15
CA PHE A 91 3.83 6.31 4.02
C PHE A 91 5.30 6.61 3.69
N LEU A 92 5.94 5.62 3.09
CA LEU A 92 7.34 5.75 2.73
C LEU A 92 7.54 5.23 1.30
N ASP A 93 7.87 6.15 0.40
CA ASP A 93 8.09 5.80 -0.98
C ASP A 93 9.42 5.05 -1.12
N SER A 94 9.46 3.86 -0.55
CA SER A 94 10.66 3.04 -0.59
C SER A 94 10.30 1.60 -0.98
N PRO A 95 11.25 0.95 -1.71
CA PRO A 95 11.04 -0.43 -2.14
C PRO A 95 11.22 -1.40 -0.97
N ASP A 96 11.74 -0.87 0.13
CA ASP A 96 11.96 -1.67 1.32
C ASP A 96 10.65 -1.84 2.07
N ALA A 97 9.95 -0.72 2.24
CA ALA A 97 8.69 -0.73 2.93
C ALA A 97 7.69 -1.61 2.18
N PHE A 98 6.86 -2.30 2.95
CA PHE A 98 5.87 -3.19 2.36
C PHE A 98 4.49 -2.98 3.02
N TYR A 99 3.45 -3.21 2.23
CA TYR A 99 2.10 -3.05 2.72
C TYR A 99 1.19 -4.15 2.17
N TYR A 100 0.03 -4.29 2.81
CA TYR A 100 -0.93 -5.30 2.39
C TYR A 100 -2.34 -4.91 2.84
N PHE A 101 -3.32 -5.36 2.05
CA PHE A 101 -4.71 -5.08 2.36
C PHE A 101 -5.17 -5.87 3.58
N PRO A 102 -6.03 -5.21 4.40
CA PRO A 102 -6.55 -5.84 5.60
C PRO A 102 -7.64 -6.87 5.25
N ASP A 103 -7.18 -7.98 4.69
CA ASP A 103 -8.10 -9.05 4.30
C ASP A 103 -7.30 -10.23 3.75
N SER A 104 -6.27 -9.89 2.98
CA SER A 104 -5.42 -10.92 2.39
C SER A 104 -4.14 -11.08 3.22
N GLY A 105 -3.23 -10.13 3.02
CA GLY A 105 -1.97 -10.16 3.74
C GLY A 105 -1.32 -11.54 3.67
N PRO A 106 -0.23 -11.71 4.46
CA PRO A 106 0.49 -12.97 4.49
C PRO A 106 -0.30 -14.04 5.27
N SER A 107 -1.00 -14.87 4.52
CA SER A 107 -1.79 -15.93 5.13
C SER A 107 -0.88 -16.95 5.81
N SER A 108 -1.15 -17.18 7.09
CA SER A 108 -0.35 -18.12 7.85
C SER A 108 -0.48 -19.54 7.25
N GLY A 109 0.67 -20.16 7.07
CA GLY A 109 0.70 -21.51 6.50
C GLY A 109 1.63 -21.57 5.29
N GLY A 1 -19.83 3.57 -4.77
CA GLY A 1 -18.81 2.54 -4.71
C GLY A 1 -17.94 2.70 -3.47
N SER A 2 -18.53 2.43 -2.31
CA SER A 2 -17.82 2.54 -1.06
C SER A 2 -17.36 4.00 -0.85
N SER A 3 -18.21 4.74 -0.16
CA SER A 3 -17.92 6.14 0.11
C SER A 3 -16.83 6.24 1.19
N GLY A 4 -16.14 7.37 1.19
CA GLY A 4 -15.08 7.60 2.15
C GLY A 4 -14.60 9.05 2.10
N SER A 5 -13.30 9.22 2.32
CA SER A 5 -12.71 10.55 2.31
C SER A 5 -13.32 11.39 1.19
N SER A 6 -13.22 10.87 -0.03
CA SER A 6 -13.76 11.56 -1.19
C SER A 6 -13.62 10.67 -2.43
N GLY A 7 -12.40 10.24 -2.68
CA GLY A 7 -12.12 9.39 -3.82
C GLY A 7 -10.90 8.49 -3.56
N LEU A 8 -11.11 7.53 -2.68
CA LEU A 8 -10.04 6.61 -2.33
C LEU A 8 -10.55 5.17 -2.47
N GLY A 9 -11.67 4.92 -1.81
CA GLY A 9 -12.28 3.59 -1.84
C GLY A 9 -12.09 2.94 -3.21
N ALA A 10 -12.55 3.65 -4.24
CA ALA A 10 -12.44 3.16 -5.60
C ALA A 10 -11.06 2.54 -5.80
N LEU A 11 -10.04 3.31 -5.42
CA LEU A 11 -8.66 2.86 -5.56
C LEU A 11 -8.50 1.51 -4.85
N TYR A 12 -8.71 1.55 -3.54
CA TYR A 12 -8.59 0.34 -2.74
C TYR A 12 -9.32 -0.83 -3.40
N LEU A 13 -10.52 -0.55 -3.89
CA LEU A 13 -11.32 -1.57 -4.55
C LEU A 13 -10.56 -2.13 -5.75
N SER A 14 -10.01 -1.20 -6.54
CA SER A 14 -9.25 -1.59 -7.72
C SER A 14 -7.94 -2.26 -7.30
N MET A 15 -7.23 -1.59 -6.41
CA MET A 15 -5.96 -2.11 -5.92
C MET A 15 -6.10 -3.58 -5.49
N LYS A 16 -7.33 -3.96 -5.21
CA LYS A 16 -7.60 -5.33 -4.79
C LYS A 16 -7.38 -6.27 -5.98
N ASP A 17 -7.89 -5.85 -7.13
CA ASP A 17 -7.75 -6.64 -8.34
C ASP A 17 -6.26 -6.93 -8.60
N PRO A 18 -5.92 -8.24 -8.55
CA PRO A 18 -4.54 -8.66 -8.78
C PRO A 18 -4.18 -8.57 -10.26
N GLU A 19 -5.17 -8.20 -11.06
CA GLU A 19 -4.98 -8.08 -12.49
C GLU A 19 -5.22 -6.63 -12.94
N LYS A 20 -6.40 -6.13 -12.59
CA LYS A 20 -6.77 -4.78 -12.95
C LYS A 20 -6.41 -3.83 -11.79
N GLY A 21 -5.60 -4.34 -10.88
CA GLY A 21 -5.18 -3.56 -9.74
C GLY A 21 -3.69 -3.77 -9.44
N ILE A 22 -3.33 -3.57 -8.18
CA ILE A 22 -1.95 -3.73 -7.76
C ILE A 22 -1.58 -5.22 -7.82
N LYS A 23 -0.28 -5.46 -7.97
CA LYS A 23 0.22 -6.82 -8.06
C LYS A 23 0.38 -7.39 -6.64
N GLU A 24 0.79 -8.64 -6.59
CA GLU A 24 1.00 -9.30 -5.31
C GLU A 24 2.16 -10.29 -5.40
N LEU A 25 3.33 -9.82 -4.98
CA LEU A 25 4.52 -10.64 -5.01
C LEU A 25 4.83 -11.13 -3.60
N ASN A 26 5.51 -12.27 -3.53
CA ASN A 26 5.87 -12.86 -2.25
C ASN A 26 7.34 -12.55 -1.96
N LEU A 27 7.57 -11.97 -0.80
CA LEU A 27 8.92 -11.62 -0.38
C LEU A 27 9.21 -12.26 0.97
N GLU A 28 10.48 -12.60 1.18
CA GLU A 28 10.90 -13.21 2.43
C GLU A 28 11.96 -12.35 3.11
N LYS A 29 11.50 -11.39 3.88
CA LYS A 29 12.40 -10.49 4.58
C LYS A 29 12.88 -11.18 5.87
N ASP A 30 14.18 -11.43 5.92
CA ASP A 30 14.77 -12.07 7.08
C ASP A 30 14.30 -13.53 7.15
N LYS A 31 13.03 -13.69 7.46
CA LYS A 31 12.45 -15.02 7.57
C LYS A 31 10.93 -14.90 7.65
N LYS A 32 10.39 -13.95 6.89
CA LYS A 32 8.96 -13.73 6.87
C LYS A 32 8.46 -13.74 5.43
N VAL A 33 7.88 -14.87 5.04
CA VAL A 33 7.37 -15.03 3.69
C VAL A 33 6.09 -14.20 3.54
N PHE A 34 6.27 -12.93 3.25
CA PHE A 34 5.14 -12.03 3.08
C PHE A 34 4.38 -12.34 1.80
N ASN A 35 3.24 -12.98 1.96
CA ASN A 35 2.42 -13.33 0.81
C ASN A 35 1.28 -12.32 0.67
N HIS A 36 0.97 -12.00 -0.58
CA HIS A 36 -0.10 -11.05 -0.86
C HIS A 36 0.25 -9.69 -0.24
N CYS A 37 1.46 -9.24 -0.52
CA CYS A 37 1.92 -7.96 0.00
C CYS A 37 2.28 -7.05 -1.18
N LEU A 38 2.45 -5.78 -0.87
CA LEU A 38 2.79 -4.80 -1.89
C LEU A 38 4.14 -4.17 -1.56
N THR A 39 4.30 -2.93 -1.97
CA THR A 39 5.54 -2.21 -1.73
C THR A 39 5.30 -0.70 -1.78
N GLY A 40 5.90 -0.01 -0.83
CA GLY A 40 5.75 1.44 -0.75
C GLY A 40 5.94 2.08 -2.13
N SER A 41 6.94 1.61 -2.83
CA SER A 41 7.24 2.13 -4.17
C SER A 41 6.23 1.57 -5.18
N GLY A 42 6.11 0.25 -5.19
CA GLY A 42 5.19 -0.41 -6.08
C GLY A 42 3.78 0.21 -5.99
N VAL A 43 3.36 0.44 -4.76
CA VAL A 43 2.05 1.02 -4.53
C VAL A 43 1.90 2.30 -5.36
N ILE A 44 2.97 3.08 -5.38
CA ILE A 44 2.96 4.32 -6.14
C ILE A 44 3.19 4.01 -7.62
N ASP A 45 3.88 2.90 -7.86
CA ASP A 45 4.16 2.48 -9.22
C ASP A 45 2.85 2.18 -9.94
N TRP A 46 1.93 1.56 -9.21
CA TRP A 46 0.63 1.22 -9.77
C TRP A 46 -0.12 2.51 -10.05
N LEU A 47 0.10 3.49 -9.19
CA LEU A 47 -0.55 4.78 -9.33
C LEU A 47 -0.07 5.45 -10.62
N VAL A 48 1.24 5.56 -10.73
CA VAL A 48 1.84 6.18 -11.90
C VAL A 48 1.60 5.29 -13.11
N SER A 49 1.79 4.00 -12.91
CA SER A 49 1.60 3.03 -13.98
C SER A 49 0.29 3.32 -14.71
N ASN A 50 -0.77 3.45 -13.93
CA ASN A 50 -2.08 3.73 -14.50
C ASN A 50 -2.21 5.22 -14.78
N LYS A 51 -1.36 5.99 -14.11
CA LYS A 51 -1.36 7.44 -14.29
C LYS A 51 -2.45 8.05 -13.40
N LEU A 52 -2.38 7.71 -12.12
CA LEU A 52 -3.34 8.22 -11.16
C LEU A 52 -2.92 9.62 -10.70
N VAL A 53 -1.64 9.90 -10.89
CA VAL A 53 -1.10 11.19 -10.51
C VAL A 53 -0.25 11.75 -11.66
N ARG A 54 0.43 12.85 -11.37
CA ARG A 54 1.27 13.49 -12.37
C ARG A 54 2.72 13.03 -12.21
N ASN A 55 3.04 12.57 -11.01
CA ASN A 55 4.38 12.11 -10.72
C ASN A 55 4.34 11.16 -9.52
N ARG A 56 5.50 10.60 -9.20
CA ARG A 56 5.60 9.68 -8.08
C ARG A 56 5.30 10.41 -6.77
N GLN A 57 5.79 11.63 -6.68
CA GLN A 57 5.57 12.44 -5.49
C GLN A 57 4.10 12.42 -5.09
N GLU A 58 3.28 13.02 -5.95
CA GLU A 58 1.85 13.07 -5.71
C GLU A 58 1.36 11.77 -5.09
N GLY A 59 1.76 10.67 -5.71
CA GLY A 59 1.38 9.35 -5.23
C GLY A 59 1.83 9.14 -3.78
N LEU A 60 3.10 9.44 -3.55
CA LEU A 60 3.67 9.30 -2.22
C LEU A 60 2.69 9.85 -1.18
N MET A 61 2.23 11.07 -1.44
CA MET A 61 1.29 11.72 -0.54
C MET A 61 -0.03 10.95 -0.48
N ILE A 62 -0.63 10.78 -1.65
CA ILE A 62 -1.90 10.07 -1.74
C ILE A 62 -1.78 8.73 -1.03
N SER A 63 -0.78 7.96 -1.45
CA SER A 63 -0.56 6.65 -0.86
C SER A 63 -0.82 6.69 0.64
N ALA A 64 -0.21 7.67 1.30
CA ALA A 64 -0.38 7.84 2.73
C ALA A 64 -1.87 7.84 3.06
N SER A 65 -2.61 8.68 2.34
CA SER A 65 -4.03 8.80 2.55
C SER A 65 -4.67 7.40 2.56
N LEU A 66 -4.23 6.58 1.63
CA LEU A 66 -4.75 5.22 1.52
C LEU A 66 -4.42 4.46 2.79
N LEU A 67 -3.14 4.41 3.10
CA LEU A 67 -2.67 3.70 4.29
C LEU A 67 -3.44 4.22 5.51
N SER A 68 -3.33 5.53 5.72
CA SER A 68 -4.00 6.16 6.84
C SER A 68 -5.41 5.61 6.98
N GLU A 69 -6.23 5.89 5.98
CA GLU A 69 -7.60 5.42 5.98
C GLU A 69 -7.69 4.01 6.52
N GLY A 70 -6.62 3.26 6.32
CA GLY A 70 -6.55 1.89 6.78
C GLY A 70 -6.78 0.90 5.63
N TYR A 71 -6.40 1.34 4.44
CA TYR A 71 -6.55 0.52 3.25
C TYR A 71 -5.31 -0.35 3.03
N LEU A 72 -4.21 0.09 3.63
CA LEU A 72 -2.95 -0.63 3.50
C LEU A 72 -2.32 -0.79 4.89
N GLN A 73 -2.16 -2.05 5.28
CA GLN A 73 -1.57 -2.36 6.57
C GLN A 73 -0.05 -2.53 6.43
N PRO A 74 0.68 -2.07 7.49
CA PRO A 74 2.13 -2.17 7.50
C PRO A 74 2.58 -3.61 7.77
N ALA A 75 3.58 -4.04 7.00
CA ALA A 75 4.11 -5.38 7.15
C ALA A 75 5.62 -5.31 7.37
N GLY A 76 5.99 -4.87 8.57
CA GLY A 76 7.38 -4.75 8.92
C GLY A 76 7.60 -3.60 9.91
N ASP A 77 8.77 -3.62 10.54
CA ASP A 77 9.11 -2.59 11.51
C ASP A 77 9.22 -1.25 10.80
N LEU A 78 9.91 -1.26 9.67
CA LEU A 78 10.09 -0.04 8.90
C LEU A 78 8.74 0.67 8.73
N SER A 79 7.82 -0.03 8.09
CA SER A 79 6.49 0.51 7.86
C SER A 79 5.86 0.92 9.20
N LYS A 80 5.84 -0.03 10.12
CA LYS A 80 5.27 0.22 11.43
C LYS A 80 5.68 1.62 11.91
N ASN A 81 6.97 1.74 12.19
CA ASN A 81 7.50 3.02 12.65
C ASN A 81 6.92 4.15 11.80
N ALA A 82 6.95 3.95 10.50
CA ALA A 82 6.43 4.94 9.57
C ALA A 82 5.07 5.43 10.06
N ALA A 83 4.17 4.46 10.24
CA ALA A 83 2.83 4.78 10.70
C ALA A 83 2.78 4.66 12.23
N ASP A 84 3.68 5.40 12.87
CA ASP A 84 3.74 5.38 14.32
C ASP A 84 3.94 6.82 14.83
N GLY A 85 5.05 7.41 14.42
CA GLY A 85 5.36 8.77 14.83
C GLY A 85 6.70 9.23 14.22
N ILE A 86 6.91 8.81 12.98
CA ILE A 86 8.13 9.18 12.28
C ILE A 86 8.09 10.66 11.92
N ALA A 87 7.14 11.01 11.06
CA ALA A 87 6.98 12.39 10.64
C ALA A 87 5.53 12.64 10.25
N GLU A 88 5.35 13.47 9.22
CA GLU A 88 4.02 13.79 8.75
C GLU A 88 3.65 12.91 7.55
N ASN A 89 4.49 11.91 7.31
CA ASN A 89 4.27 10.99 6.21
C ASN A 89 4.48 9.56 6.70
N PRO A 90 3.34 8.83 6.81
CA PRO A 90 3.39 7.44 7.27
C PRO A 90 3.90 6.52 6.17
N PHE A 91 3.51 6.82 4.94
CA PHE A 91 3.93 6.03 3.80
C PHE A 91 5.38 6.36 3.42
N LEU A 92 6.10 5.31 3.05
CA LEU A 92 7.50 5.47 2.66
C LEU A 92 7.70 4.91 1.25
N ASP A 93 7.99 5.81 0.33
CA ASP A 93 8.20 5.43 -1.06
C ASP A 93 9.49 4.62 -1.17
N SER A 94 9.46 3.43 -0.59
CA SER A 94 10.61 2.56 -0.61
C SER A 94 10.19 1.13 -0.95
N PRO A 95 11.10 0.41 -1.67
CA PRO A 95 10.83 -0.96 -2.07
C PRO A 95 10.96 -1.91 -0.87
N ASP A 96 11.52 -1.39 0.20
CA ASP A 96 11.71 -2.18 1.41
C ASP A 96 10.41 -2.22 2.19
N ALA A 97 9.77 -1.06 2.31
CA ALA A 97 8.52 -0.95 3.03
C ALA A 97 7.44 -1.74 2.29
N PHE A 98 6.86 -2.69 3.00
CA PHE A 98 5.81 -3.52 2.43
C PHE A 98 4.47 -3.25 3.10
N TYR A 99 3.41 -3.46 2.33
CA TYR A 99 2.06 -3.24 2.83
C TYR A 99 1.08 -4.25 2.22
N TYR A 100 -0.11 -4.28 2.79
CA TYR A 100 -1.15 -5.19 2.32
C TYR A 100 -2.53 -4.71 2.76
N PHE A 101 -3.54 -5.23 2.08
CA PHE A 101 -4.92 -4.87 2.39
C PHE A 101 -5.43 -5.66 3.59
N PRO A 102 -6.25 -4.98 4.44
CA PRO A 102 -6.81 -5.60 5.62
C PRO A 102 -7.94 -6.55 5.25
N ASP A 103 -7.56 -7.66 4.62
CA ASP A 103 -8.53 -8.66 4.21
C ASP A 103 -7.80 -9.86 3.60
N SER A 104 -6.76 -9.56 2.84
CA SER A 104 -5.98 -10.59 2.20
C SER A 104 -4.69 -10.84 3.01
N GLY A 105 -3.80 -9.85 2.96
CA GLY A 105 -2.54 -9.96 3.68
C GLY A 105 -1.93 -11.35 3.51
N PRO A 106 -0.91 -11.63 4.37
CA PRO A 106 -0.23 -12.92 4.33
C PRO A 106 -1.11 -14.01 4.94
N SER A 107 -2.02 -14.52 4.12
CA SER A 107 -2.92 -15.57 4.58
C SER A 107 -2.33 -16.94 4.25
N SER A 108 -1.93 -17.09 3.00
CA SER A 108 -1.35 -18.33 2.53
C SER A 108 -2.46 -19.36 2.26
N GLY A 109 -3.29 -19.57 3.26
CA GLY A 109 -4.39 -20.51 3.14
C GLY A 109 -5.45 -20.27 4.22
N GLY A 1 -18.62 -1.12 4.26
CA GLY A 1 -18.04 -1.42 2.95
C GLY A 1 -16.96 -0.40 2.58
N SER A 2 -17.09 0.16 1.39
CA SER A 2 -16.15 1.14 0.91
C SER A 2 -16.88 2.30 0.24
N SER A 3 -16.48 3.51 0.62
CA SER A 3 -17.08 4.71 0.06
C SER A 3 -16.59 5.95 0.82
N GLY A 4 -16.66 7.08 0.15
CA GLY A 4 -16.22 8.33 0.74
C GLY A 4 -14.89 8.80 0.13
N SER A 5 -14.35 9.86 0.71
CA SER A 5 -13.10 10.41 0.24
C SER A 5 -13.25 10.88 -1.20
N SER A 6 -12.34 11.75 -1.61
CA SER A 6 -12.36 12.28 -2.96
C SER A 6 -12.53 11.14 -3.97
N GLY A 7 -11.70 10.12 -3.80
CA GLY A 7 -11.74 8.96 -4.67
C GLY A 7 -10.69 7.93 -4.26
N LEU A 8 -10.98 7.24 -3.17
CA LEU A 8 -10.08 6.22 -2.67
C LEU A 8 -10.78 4.86 -2.70
N GLY A 9 -11.85 4.76 -1.93
CA GLY A 9 -12.61 3.53 -1.87
C GLY A 9 -12.58 2.80 -3.22
N ALA A 10 -13.25 3.39 -4.20
CA ALA A 10 -13.31 2.81 -5.52
C ALA A 10 -11.89 2.44 -5.97
N LEU A 11 -10.97 3.36 -5.74
CA LEU A 11 -9.58 3.14 -6.11
C LEU A 11 -9.05 1.91 -5.40
N TYR A 12 -9.20 1.90 -4.09
CA TYR A 12 -8.75 0.79 -3.28
C TYR A 12 -9.32 -0.54 -3.80
N LEU A 13 -10.59 -0.49 -4.16
CA LEU A 13 -11.26 -1.68 -4.68
C LEU A 13 -10.51 -2.19 -5.91
N SER A 14 -10.01 -1.24 -6.70
CA SER A 14 -9.28 -1.58 -7.90
C SER A 14 -7.96 -2.29 -7.53
N MET A 15 -7.26 -1.70 -6.57
CA MET A 15 -6.00 -2.25 -6.13
C MET A 15 -6.13 -3.74 -5.80
N LYS A 16 -7.27 -4.08 -5.21
CA LYS A 16 -7.55 -5.46 -4.85
C LYS A 16 -7.30 -6.36 -6.05
N ASP A 17 -7.81 -5.92 -7.19
CA ASP A 17 -7.66 -6.67 -8.42
C ASP A 17 -6.18 -6.94 -8.67
N PRO A 18 -5.80 -8.25 -8.59
CA PRO A 18 -4.42 -8.65 -8.80
C PRO A 18 -4.05 -8.60 -10.29
N GLU A 19 -5.04 -8.23 -11.10
CA GLU A 19 -4.84 -8.14 -12.53
C GLU A 19 -5.08 -6.71 -13.01
N LYS A 20 -6.26 -6.20 -12.68
CA LYS A 20 -6.62 -4.84 -13.07
C LYS A 20 -6.28 -3.88 -11.93
N GLY A 21 -5.51 -4.39 -10.98
CA GLY A 21 -5.11 -3.58 -9.84
C GLY A 21 -3.62 -3.78 -9.52
N ILE A 22 -3.29 -3.61 -8.26
CA ILE A 22 -1.92 -3.77 -7.82
C ILE A 22 -1.55 -5.25 -7.85
N LYS A 23 -0.25 -5.50 -8.01
CA LYS A 23 0.25 -6.87 -8.07
C LYS A 23 0.73 -7.28 -6.68
N GLU A 24 0.55 -8.56 -6.40
CA GLU A 24 0.96 -9.11 -5.11
C GLU A 24 1.94 -10.27 -5.30
N LEU A 25 3.20 -10.00 -5.03
CA LEU A 25 4.23 -11.02 -5.17
C LEU A 25 4.53 -11.63 -3.80
N ASN A 26 5.17 -12.79 -3.83
CA ASN A 26 5.52 -13.49 -2.61
C ASN A 26 6.88 -12.98 -2.12
N LEU A 27 6.85 -11.90 -1.35
CA LEU A 27 8.06 -11.32 -0.81
C LEU A 27 8.52 -12.13 0.39
N GLU A 28 9.80 -12.46 0.39
CA GLU A 28 10.38 -13.24 1.47
C GLU A 28 11.42 -12.41 2.22
N LYS A 29 10.99 -11.87 3.36
CA LYS A 29 11.88 -11.06 4.18
C LYS A 29 12.63 -11.96 5.16
N ASP A 30 13.62 -12.66 4.63
CA ASP A 30 14.43 -13.56 5.44
C ASP A 30 13.62 -14.82 5.74
N LYS A 31 12.56 -14.65 6.52
CA LYS A 31 11.71 -15.76 6.88
C LYS A 31 10.26 -15.42 6.54
N LYS A 32 9.83 -14.26 6.99
CA LYS A 32 8.48 -13.80 6.73
C LYS A 32 8.23 -13.79 5.22
N VAL A 33 7.29 -14.64 4.80
CA VAL A 33 6.96 -14.73 3.39
C VAL A 33 5.51 -14.25 3.18
N PHE A 34 5.40 -13.08 2.59
CA PHE A 34 4.09 -12.49 2.34
C PHE A 34 3.64 -12.79 0.90
N ASN A 35 2.66 -13.68 0.79
CA ASN A 35 2.13 -14.06 -0.50
C ASN A 35 0.89 -13.21 -0.80
N HIS A 36 0.95 -11.96 -0.38
CA HIS A 36 -0.14 -11.03 -0.60
C HIS A 36 0.21 -9.66 -0.02
N CYS A 37 1.41 -9.21 -0.34
CA CYS A 37 1.88 -7.92 0.15
C CYS A 37 2.19 -7.04 -1.06
N LEU A 38 2.43 -5.77 -0.78
CA LEU A 38 2.74 -4.81 -1.83
C LEU A 38 4.12 -4.22 -1.58
N THR A 39 4.28 -2.97 -1.99
CA THR A 39 5.55 -2.28 -1.82
C THR A 39 5.34 -0.76 -1.87
N GLY A 40 5.85 -0.09 -0.85
CA GLY A 40 5.72 1.35 -0.77
C GLY A 40 5.89 2.00 -2.14
N SER A 41 6.92 1.54 -2.85
CA SER A 41 7.20 2.06 -4.18
C SER A 41 6.19 1.51 -5.19
N GLY A 42 6.14 0.19 -5.25
CA GLY A 42 5.23 -0.48 -6.18
C GLY A 42 3.85 0.17 -6.13
N VAL A 43 3.38 0.41 -4.91
CA VAL A 43 2.07 1.02 -4.72
C VAL A 43 1.98 2.31 -5.55
N ILE A 44 3.02 3.13 -5.40
CA ILE A 44 3.07 4.39 -6.12
C ILE A 44 3.38 4.11 -7.60
N ASP A 45 3.96 2.96 -7.84
CA ASP A 45 4.30 2.55 -9.20
C ASP A 45 3.03 2.21 -9.96
N TRP A 46 2.12 1.54 -9.27
CA TRP A 46 0.85 1.15 -9.87
C TRP A 46 0.04 2.42 -10.13
N LEU A 47 0.21 3.39 -9.25
CA LEU A 47 -0.50 4.65 -9.38
C LEU A 47 0.01 5.39 -10.62
N VAL A 48 1.32 5.56 -10.68
CA VAL A 48 1.94 6.24 -11.80
C VAL A 48 1.80 5.38 -13.05
N SER A 49 1.97 4.08 -12.87
CA SER A 49 1.87 3.14 -13.98
C SER A 49 0.56 3.38 -14.74
N ASN A 50 -0.53 3.37 -13.98
CA ASN A 50 -1.84 3.59 -14.57
C ASN A 50 -2.08 5.09 -14.76
N LYS A 51 -1.26 5.87 -14.07
CA LYS A 51 -1.37 7.32 -14.16
C LYS A 51 -2.55 7.78 -13.29
N LEU A 52 -2.37 7.64 -11.98
CA LEU A 52 -3.40 8.04 -11.04
C LEU A 52 -3.06 9.42 -10.46
N VAL A 53 -1.80 9.80 -10.66
CA VAL A 53 -1.33 11.08 -10.16
C VAL A 53 -0.55 11.80 -11.27
N ARG A 54 0.06 12.91 -10.89
CA ARG A 54 0.85 13.69 -11.83
C ARG A 54 2.29 13.19 -11.87
N ASN A 55 2.69 12.55 -10.78
CA ASN A 55 4.04 12.03 -10.67
C ASN A 55 4.18 11.27 -9.35
N ARG A 56 5.27 10.52 -9.24
CA ARG A 56 5.53 9.76 -8.04
C ARG A 56 5.25 10.59 -6.79
N GLN A 57 5.74 11.82 -6.82
CA GLN A 57 5.54 12.73 -5.70
C GLN A 57 4.10 12.66 -5.22
N GLU A 58 3.19 13.04 -6.10
CA GLU A 58 1.77 13.04 -5.79
C GLU A 58 1.38 11.69 -5.17
N GLY A 59 1.78 10.63 -5.85
CA GLY A 59 1.48 9.29 -5.40
C GLY A 59 1.91 9.09 -3.94
N LEU A 60 3.15 9.50 -3.67
CA LEU A 60 3.70 9.37 -2.33
C LEU A 60 2.69 9.92 -1.32
N MET A 61 2.22 11.12 -1.58
CA MET A 61 1.25 11.76 -0.70
C MET A 61 -0.05 10.97 -0.66
N ILE A 62 -0.63 10.77 -1.84
CA ILE A 62 -1.88 10.03 -1.94
C ILE A 62 -1.75 8.72 -1.16
N SER A 63 -0.74 7.95 -1.51
CA SER A 63 -0.50 6.67 -0.84
C SER A 63 -0.81 6.80 0.65
N ALA A 64 -0.17 7.76 1.28
CA ALA A 64 -0.37 7.99 2.70
C ALA A 64 -1.87 7.98 3.00
N SER A 65 -2.60 8.79 2.25
CA SER A 65 -4.04 8.89 2.44
C SER A 65 -4.65 7.49 2.52
N LEU A 66 -4.17 6.62 1.65
CA LEU A 66 -4.66 5.24 1.61
C LEU A 66 -4.27 4.54 2.91
N LEU A 67 -2.98 4.59 3.20
CA LEU A 67 -2.46 3.96 4.41
C LEU A 67 -3.24 4.48 5.62
N SER A 68 -3.31 5.79 5.71
CA SER A 68 -4.01 6.43 6.81
C SER A 68 -5.39 5.81 6.98
N GLU A 69 -6.21 5.99 5.95
CA GLU A 69 -7.56 5.45 5.97
C GLU A 69 -7.57 4.04 6.57
N GLY A 70 -6.53 3.29 6.24
CA GLY A 70 -6.40 1.94 6.73
C GLY A 70 -6.57 0.92 5.60
N TYR A 71 -6.37 1.41 4.38
CA TYR A 71 -6.50 0.55 3.20
C TYR A 71 -5.25 -0.30 3.01
N LEU A 72 -4.16 0.14 3.63
CA LEU A 72 -2.90 -0.56 3.53
C LEU A 72 -2.33 -0.79 4.94
N GLN A 73 -2.13 -2.06 5.26
CA GLN A 73 -1.60 -2.42 6.56
C GLN A 73 -0.09 -2.64 6.47
N PRO A 74 0.62 -2.23 7.56
CA PRO A 74 2.07 -2.39 7.62
C PRO A 74 2.45 -3.85 7.87
N ALA A 75 3.13 -4.42 6.88
CA ALA A 75 3.57 -5.80 6.99
C ALA A 75 5.08 -5.84 7.20
N GLY A 76 5.47 -5.99 8.46
CA GLY A 76 6.87 -6.05 8.81
C GLY A 76 7.16 -5.21 10.05
N ASP A 77 8.25 -4.45 9.98
CA ASP A 77 8.64 -3.60 11.09
C ASP A 77 8.84 -2.17 10.58
N LEU A 78 9.64 -2.04 9.53
CA LEU A 78 9.91 -0.75 8.95
C LEU A 78 8.59 -0.06 8.60
N SER A 79 7.61 -0.88 8.26
CA SER A 79 6.30 -0.37 7.90
C SER A 79 5.54 0.06 9.16
N LYS A 80 5.95 -0.53 10.28
CA LYS A 80 5.32 -0.22 11.55
C LYS A 80 5.81 1.14 12.05
N ASN A 81 7.00 1.50 11.58
CA ASN A 81 7.59 2.78 11.96
C ASN A 81 7.00 3.89 11.09
N ALA A 82 6.40 3.48 9.99
CA ALA A 82 5.80 4.44 9.07
C ALA A 82 4.56 5.04 9.71
N ALA A 83 3.78 4.17 10.34
CA ALA A 83 2.55 4.61 11.01
C ALA A 83 2.83 4.81 12.49
N ASP A 84 4.06 5.17 12.80
CA ASP A 84 4.47 5.40 14.17
C ASP A 84 4.29 6.88 14.51
N GLY A 85 5.04 7.71 13.81
CA GLY A 85 4.98 9.15 14.04
C GLY A 85 6.25 9.84 13.54
N ILE A 86 6.70 9.41 12.37
CA ILE A 86 7.91 9.98 11.78
C ILE A 86 7.69 11.47 11.54
N ALA A 87 7.01 11.77 10.44
CA ALA A 87 6.72 13.14 10.08
C ALA A 87 5.26 13.28 9.68
N GLU A 88 5.03 14.08 8.65
CA GLU A 88 3.67 14.30 8.16
C GLU A 88 3.36 13.30 7.04
N ASN A 89 4.25 12.36 6.84
CA ASN A 89 4.09 11.36 5.80
C ASN A 89 4.45 9.98 6.37
N PRO A 90 3.39 9.16 6.62
CA PRO A 90 3.59 7.83 7.15
C PRO A 90 4.13 6.88 6.07
N PHE A 91 3.57 7.02 4.88
CA PHE A 91 3.98 6.18 3.76
C PHE A 91 5.46 6.41 3.41
N LEU A 92 6.09 5.36 2.93
CA LEU A 92 7.48 5.43 2.56
C LEU A 92 7.65 4.97 1.10
N ASP A 93 7.99 5.94 0.26
CA ASP A 93 8.18 5.65 -1.15
C ASP A 93 9.44 4.80 -1.34
N SER A 94 9.39 3.60 -0.78
CA SER A 94 10.51 2.68 -0.88
C SER A 94 10.02 1.28 -1.25
N PRO A 95 10.86 0.56 -2.04
CA PRO A 95 10.51 -0.78 -2.47
C PRO A 95 10.69 -1.79 -1.33
N ASP A 96 11.20 -1.28 -0.21
CA ASP A 96 11.42 -2.11 0.95
C ASP A 96 10.13 -2.18 1.78
N ALA A 97 9.62 -1.01 2.12
CA ALA A 97 8.40 -0.93 2.90
C ALA A 97 7.30 -1.75 2.23
N PHE A 98 6.77 -2.71 2.96
CA PHE A 98 5.73 -3.57 2.44
C PHE A 98 4.39 -3.26 3.12
N TYR A 99 3.32 -3.58 2.40
CA TYR A 99 1.98 -3.35 2.92
C TYR A 99 0.97 -4.32 2.28
N TYR A 100 -0.18 -4.43 2.94
CA TYR A 100 -1.23 -5.31 2.45
C TYR A 100 -2.62 -4.78 2.85
N PHE A 101 -3.62 -5.29 2.15
CA PHE A 101 -4.99 -4.88 2.42
C PHE A 101 -5.58 -5.69 3.58
N PRO A 102 -6.35 -4.98 4.45
CA PRO A 102 -6.97 -5.62 5.59
C PRO A 102 -8.19 -6.45 5.16
N ASP A 103 -7.90 -7.56 4.51
CA ASP A 103 -8.94 -8.45 4.03
C ASP A 103 -8.32 -9.60 3.24
N SER A 104 -7.34 -9.25 2.42
CA SER A 104 -6.65 -10.24 1.61
C SER A 104 -5.38 -10.71 2.32
N GLY A 105 -4.40 -9.83 2.35
CA GLY A 105 -3.13 -10.15 3.00
C GLY A 105 -2.73 -11.59 2.73
N PRO A 106 -1.83 -12.11 3.62
CA PRO A 106 -1.35 -13.47 3.48
C PRO A 106 -2.42 -14.47 3.93
N SER A 107 -2.82 -14.32 5.19
CA SER A 107 -3.83 -15.20 5.76
C SER A 107 -3.24 -16.59 6.01
N SER A 108 -2.83 -17.23 4.93
CA SER A 108 -2.24 -18.55 5.02
C SER A 108 -1.09 -18.54 6.03
N GLY A 109 -0.18 -17.60 5.83
CA GLY A 109 0.98 -17.47 6.70
C GLY A 109 0.72 -16.44 7.80
N GLY A 1 -18.42 -5.30 0.04
CA GLY A 1 -18.55 -4.05 -0.68
C GLY A 1 -17.44 -3.08 -0.29
N SER A 2 -17.84 -1.83 -0.06
CA SER A 2 -16.89 -0.80 0.31
C SER A 2 -17.62 0.51 0.60
N SER A 3 -17.27 1.11 1.73
CA SER A 3 -17.89 2.36 2.13
C SER A 3 -16.83 3.31 2.69
N GLY A 4 -17.01 4.59 2.41
CA GLY A 4 -16.09 5.61 2.88
C GLY A 4 -15.56 6.46 1.73
N SER A 5 -14.34 6.93 1.89
CA SER A 5 -13.72 7.76 0.87
C SER A 5 -14.05 7.21 -0.52
N SER A 6 -14.67 8.07 -1.32
CA SER A 6 -15.04 7.68 -2.67
C SER A 6 -13.80 7.58 -3.56
N GLY A 7 -13.14 8.72 -3.73
CA GLY A 7 -11.94 8.78 -4.55
C GLY A 7 -11.02 7.59 -4.25
N LEU A 8 -10.55 7.55 -3.01
CA LEU A 8 -9.67 6.48 -2.59
C LEU A 8 -10.39 5.14 -2.70
N GLY A 9 -11.54 5.07 -2.03
CA GLY A 9 -12.34 3.86 -2.05
C GLY A 9 -12.29 3.18 -3.42
N ALA A 10 -12.97 3.80 -4.37
CA ALA A 10 -13.02 3.26 -5.73
C ALA A 10 -11.62 2.80 -6.13
N LEU A 11 -10.64 3.66 -5.84
CA LEU A 11 -9.26 3.35 -6.17
C LEU A 11 -8.84 2.05 -5.46
N TYR A 12 -9.00 2.06 -4.15
CA TYR A 12 -8.65 0.90 -3.35
C TYR A 12 -9.30 -0.36 -3.91
N LEU A 13 -10.58 -0.25 -4.22
CA LEU A 13 -11.32 -1.37 -4.77
C LEU A 13 -10.56 -1.97 -5.95
N SER A 14 -9.97 -1.07 -6.73
CA SER A 14 -9.20 -1.50 -7.90
C SER A 14 -7.92 -2.21 -7.45
N MET A 15 -7.22 -1.58 -6.52
CA MET A 15 -5.99 -2.14 -6.00
C MET A 15 -6.16 -3.63 -5.68
N LYS A 16 -7.38 -3.99 -5.35
CA LYS A 16 -7.69 -5.38 -5.02
C LYS A 16 -7.45 -6.25 -6.24
N ASP A 17 -7.94 -5.79 -7.38
CA ASP A 17 -7.79 -6.51 -8.63
C ASP A 17 -6.31 -6.82 -8.85
N PRO A 18 -5.98 -8.14 -8.80
CA PRO A 18 -4.60 -8.58 -8.99
C PRO A 18 -4.20 -8.49 -10.47
N GLU A 19 -5.16 -8.08 -11.28
CA GLU A 19 -4.93 -7.96 -12.71
C GLU A 19 -5.11 -6.51 -13.16
N LYS A 20 -6.26 -5.96 -12.83
CA LYS A 20 -6.58 -4.59 -13.19
C LYS A 20 -6.24 -3.67 -12.01
N GLY A 21 -5.51 -4.23 -11.06
CA GLY A 21 -5.11 -3.48 -9.88
C GLY A 21 -3.65 -3.75 -9.52
N ILE A 22 -3.35 -3.57 -8.24
CA ILE A 22 -1.99 -3.79 -7.76
C ILE A 22 -1.74 -5.30 -7.64
N LYS A 23 -0.48 -5.67 -7.79
CA LYS A 23 -0.09 -7.06 -7.70
C LYS A 23 0.60 -7.32 -6.36
N GLU A 24 0.65 -8.59 -5.98
CA GLU A 24 1.27 -8.97 -4.73
C GLU A 24 2.22 -10.15 -4.95
N LEU A 25 3.48 -9.93 -4.60
CA LEU A 25 4.50 -10.96 -4.76
C LEU A 25 4.92 -11.46 -3.38
N ASN A 26 5.70 -12.53 -3.39
CA ASN A 26 6.19 -13.11 -2.15
C ASN A 26 7.60 -12.58 -1.87
N LEU A 27 7.63 -11.42 -1.23
CA LEU A 27 8.90 -10.79 -0.88
C LEU A 27 9.44 -11.40 0.40
N GLU A 28 10.74 -11.63 0.43
CA GLU A 28 11.39 -12.21 1.59
C GLU A 28 12.58 -11.36 2.02
N LYS A 29 12.86 -11.38 3.31
CA LYS A 29 13.96 -10.61 3.85
C LYS A 29 14.90 -11.55 4.62
N ASP A 30 14.38 -12.10 5.71
CA ASP A 30 15.15 -13.00 6.53
C ASP A 30 14.23 -14.11 7.06
N LYS A 31 14.05 -15.14 6.23
CA LYS A 31 13.21 -16.25 6.59
C LYS A 31 11.74 -15.88 6.37
N LYS A 32 11.36 -14.75 6.94
CA LYS A 32 9.99 -14.27 6.81
C LYS A 32 9.67 -14.07 5.32
N VAL A 33 8.58 -14.71 4.89
CA VAL A 33 8.16 -14.62 3.51
C VAL A 33 6.76 -13.99 3.45
N PHE A 34 6.75 -12.68 3.23
CA PHE A 34 5.50 -11.95 3.15
C PHE A 34 4.75 -12.29 1.86
N ASN A 35 3.75 -13.15 2.01
CA ASN A 35 2.94 -13.56 0.86
C ASN A 35 1.72 -12.66 0.76
N HIS A 36 1.24 -12.50 -0.47
CA HIS A 36 0.07 -11.67 -0.71
C HIS A 36 0.29 -10.28 -0.11
N CYS A 37 1.52 -9.80 -0.25
CA CYS A 37 1.87 -8.48 0.27
C CYS A 37 2.22 -7.58 -0.92
N LEU A 38 2.46 -6.31 -0.59
CA LEU A 38 2.81 -5.34 -1.62
C LEU A 38 4.10 -4.62 -1.21
N THR A 39 4.20 -3.37 -1.65
CA THR A 39 5.37 -2.57 -1.35
C THR A 39 4.97 -1.12 -1.10
N GLY A 40 5.99 -0.26 -1.04
CA GLY A 40 5.75 1.15 -0.82
C GLY A 40 5.90 1.96 -2.11
N SER A 41 6.95 1.63 -2.85
CA SER A 41 7.22 2.31 -4.11
C SER A 41 6.26 1.80 -5.19
N GLY A 42 6.23 0.48 -5.33
CA GLY A 42 5.37 -0.14 -6.33
C GLY A 42 3.95 0.41 -6.24
N VAL A 43 3.44 0.49 -5.02
CA VAL A 43 2.10 1.00 -4.79
C VAL A 43 1.91 2.28 -5.59
N ILE A 44 2.95 3.11 -5.59
CA ILE A 44 2.90 4.37 -6.31
C ILE A 44 3.11 4.10 -7.81
N ASP A 45 4.05 3.21 -8.09
CA ASP A 45 4.36 2.86 -9.47
C ASP A 45 3.07 2.49 -10.19
N TRP A 46 2.21 1.76 -9.48
CA TRP A 46 0.95 1.32 -10.03
C TRP A 46 0.10 2.57 -10.31
N LEU A 47 0.17 3.52 -9.37
CA LEU A 47 -0.59 4.74 -9.49
C LEU A 47 -0.16 5.48 -10.76
N VAL A 48 1.15 5.56 -10.94
CA VAL A 48 1.70 6.23 -12.11
C VAL A 48 1.46 5.36 -13.35
N SER A 49 1.72 4.07 -13.19
CA SER A 49 1.54 3.14 -14.27
C SER A 49 0.16 3.34 -14.93
N ASN A 50 -0.85 3.41 -14.08
CA ASN A 50 -2.21 3.60 -14.55
C ASN A 50 -2.44 5.09 -14.85
N LYS A 51 -1.59 5.91 -14.24
CA LYS A 51 -1.68 7.35 -14.42
C LYS A 51 -2.76 7.91 -13.49
N LEU A 52 -2.48 7.85 -12.19
CA LEU A 52 -3.42 8.33 -11.20
C LEU A 52 -2.95 9.70 -10.70
N VAL A 53 -1.67 9.97 -10.88
CA VAL A 53 -1.09 11.23 -10.46
C VAL A 53 -0.25 11.81 -11.60
N ARG A 54 0.46 12.88 -11.29
CA ARG A 54 1.30 13.54 -12.27
C ARG A 54 2.75 13.07 -12.13
N ASN A 55 3.07 12.59 -10.94
CA ASN A 55 4.42 12.11 -10.66
C ASN A 55 4.38 11.18 -9.45
N ARG A 56 5.54 10.59 -9.17
CA ARG A 56 5.66 9.68 -8.04
C ARG A 56 5.33 10.41 -6.74
N GLN A 57 5.85 11.63 -6.64
CA GLN A 57 5.64 12.44 -5.45
C GLN A 57 4.15 12.43 -5.07
N GLU A 58 3.36 13.05 -5.92
CA GLU A 58 1.93 13.13 -5.69
C GLU A 58 1.41 11.82 -5.08
N GLY A 59 1.79 10.72 -5.73
CA GLY A 59 1.38 9.41 -5.26
C GLY A 59 1.77 9.19 -3.80
N LEU A 60 3.00 9.59 -3.49
CA LEU A 60 3.50 9.44 -2.13
C LEU A 60 2.48 10.00 -1.15
N MET A 61 2.11 11.26 -1.37
CA MET A 61 1.15 11.93 -0.52
C MET A 61 -0.16 11.14 -0.46
N ILE A 62 -0.71 10.86 -1.63
CA ILE A 62 -1.94 10.12 -1.73
C ILE A 62 -1.81 8.79 -0.99
N SER A 63 -0.75 8.06 -1.33
CA SER A 63 -0.49 6.78 -0.70
C SER A 63 -0.81 6.85 0.79
N ALA A 64 -0.18 7.80 1.46
CA ALA A 64 -0.38 7.99 2.88
C ALA A 64 -1.89 7.99 3.18
N SER A 65 -2.60 8.78 2.40
CA SER A 65 -4.04 8.88 2.56
C SER A 65 -4.68 7.49 2.52
N LEU A 66 -4.14 6.65 1.65
CA LEU A 66 -4.63 5.30 1.50
C LEU A 66 -4.28 4.49 2.76
N LEU A 67 -3.01 4.49 3.09
CA LEU A 67 -2.54 3.77 4.26
C LEU A 67 -3.30 4.25 5.50
N SER A 68 -3.21 5.55 5.74
CA SER A 68 -3.88 6.17 6.87
C SER A 68 -5.29 5.58 7.02
N GLU A 69 -6.12 5.86 6.02
CA GLU A 69 -7.48 5.37 6.03
C GLU A 69 -7.53 3.94 6.58
N GLY A 70 -6.54 3.16 6.20
CA GLY A 70 -6.46 1.78 6.65
C GLY A 70 -6.63 0.82 5.47
N TYR A 71 -6.34 1.34 4.27
CA TYR A 71 -6.46 0.53 3.07
C TYR A 71 -5.21 -0.33 2.86
N LEU A 72 -4.16 0.01 3.60
CA LEU A 72 -2.91 -0.71 3.50
C LEU A 72 -2.35 -0.93 4.91
N GLN A 73 -2.23 -2.19 5.28
CA GLN A 73 -1.70 -2.55 6.58
C GLN A 73 -0.18 -2.68 6.53
N PRO A 74 0.48 -2.15 7.59
CA PRO A 74 1.93 -2.19 7.67
C PRO A 74 2.41 -3.60 8.04
N ALA A 75 3.53 -3.99 7.44
CA ALA A 75 4.10 -5.30 7.69
C ALA A 75 5.61 -5.17 7.85
N GLY A 76 6.07 -5.43 9.06
CA GLY A 76 7.49 -5.35 9.37
C GLY A 76 7.73 -4.50 10.61
N ASP A 77 8.50 -3.44 10.42
CA ASP A 77 8.83 -2.53 11.51
C ASP A 77 9.01 -1.11 10.96
N LEU A 78 9.81 -1.02 9.90
CA LEU A 78 10.08 0.26 9.28
C LEU A 78 8.75 1.01 9.08
N SER A 79 8.00 0.55 8.08
CA SER A 79 6.71 1.16 7.77
C SER A 79 5.90 1.35 9.05
N LYS A 80 6.04 0.38 9.95
CA LYS A 80 5.33 0.42 11.21
C LYS A 80 5.71 1.69 11.96
N ASN A 81 7.02 1.93 12.02
CA ASN A 81 7.52 3.11 12.71
C ASN A 81 6.91 4.36 12.09
N ALA A 82 6.37 4.20 10.90
CA ALA A 82 5.76 5.30 10.19
C ALA A 82 4.42 5.64 10.86
N ALA A 83 3.56 4.64 10.94
CA ALA A 83 2.25 4.82 11.55
C ALA A 83 2.43 5.21 13.03
N ASP A 84 3.65 5.01 13.50
CA ASP A 84 3.96 5.33 14.89
C ASP A 84 3.56 6.77 15.17
N GLY A 85 4.24 7.70 14.50
CA GLY A 85 3.96 9.10 14.68
C GLY A 85 5.17 9.96 14.25
N ILE A 86 5.74 9.59 13.12
CA ILE A 86 6.89 10.30 12.60
C ILE A 86 6.48 11.73 12.23
N ALA A 87 5.74 11.83 11.14
CA ALA A 87 5.27 13.12 10.66
C ALA A 87 3.88 12.95 10.04
N GLU A 88 3.68 13.64 8.93
CA GLU A 88 2.41 13.59 8.24
C GLU A 88 2.51 12.68 7.01
N ASN A 89 3.62 11.95 6.95
CA ASN A 89 3.85 11.04 5.83
C ASN A 89 4.23 9.66 6.38
N PRO A 90 3.18 8.87 6.69
CA PRO A 90 3.39 7.52 7.22
C PRO A 90 3.85 6.56 6.11
N PHE A 91 3.55 6.95 4.88
CA PHE A 91 3.93 6.14 3.74
C PHE A 91 5.36 6.41 3.31
N LEU A 92 6.11 5.34 3.12
CA LEU A 92 7.50 5.45 2.72
C LEU A 92 7.63 5.06 1.24
N ASP A 93 7.88 6.06 0.42
CA ASP A 93 8.03 5.82 -1.01
C ASP A 93 9.32 5.06 -1.27
N SER A 94 9.33 3.81 -0.81
CA SER A 94 10.50 2.96 -0.99
C SER A 94 10.07 1.51 -1.21
N PRO A 95 10.94 0.76 -1.94
CA PRO A 95 10.66 -0.64 -2.23
C PRO A 95 10.88 -1.50 -1.00
N ASP A 96 11.44 -0.89 0.03
CA ASP A 96 11.71 -1.60 1.28
C ASP A 96 10.40 -1.77 2.06
N ALA A 97 9.76 -0.63 2.31
CA ALA A 97 8.52 -0.63 3.05
C ALA A 97 7.52 -1.57 2.35
N PHE A 98 6.94 -2.45 3.15
CA PHE A 98 5.97 -3.41 2.63
C PHE A 98 4.59 -3.18 3.25
N TYR A 99 3.58 -3.26 2.39
CA TYR A 99 2.21 -3.06 2.84
C TYR A 99 1.28 -4.10 2.22
N TYR A 100 0.15 -4.31 2.88
CA TYR A 100 -0.83 -5.27 2.42
C TYR A 100 -2.24 -4.87 2.85
N PHE A 101 -3.20 -5.23 2.02
CA PHE A 101 -4.60 -4.92 2.30
C PHE A 101 -5.10 -5.71 3.52
N PRO A 102 -6.07 -5.10 4.24
CA PRO A 102 -6.63 -5.72 5.43
C PRO A 102 -7.59 -6.86 5.04
N ASP A 103 -7.00 -7.96 4.59
CA ASP A 103 -7.79 -9.11 4.18
C ASP A 103 -6.86 -10.17 3.59
N SER A 104 -5.92 -9.71 2.78
CA SER A 104 -4.96 -10.60 2.15
C SER A 104 -3.59 -10.46 2.82
N GLY A 105 -2.70 -11.37 2.46
CA GLY A 105 -1.36 -11.36 3.01
C GLY A 105 -0.89 -12.79 3.33
N PRO A 106 0.04 -12.87 4.33
CA PRO A 106 0.57 -14.16 4.74
C PRO A 106 -0.45 -14.94 5.57
N SER A 107 -0.12 -16.19 5.84
CA SER A 107 -1.00 -17.04 6.62
C SER A 107 -0.21 -17.72 7.75
N SER A 108 -0.66 -17.48 8.98
CA SER A 108 -0.01 -18.06 10.13
C SER A 108 -0.96 -18.03 11.34
N GLY A 109 -0.69 -18.92 12.29
CA GLY A 109 -1.50 -18.99 13.49
C GLY A 109 -2.97 -19.30 13.14
N GLY A 1 -20.86 -0.06 0.53
CA GLY A 1 -19.64 -0.19 -0.24
C GLY A 1 -18.61 0.86 0.18
N SER A 2 -17.87 1.33 -0.80
CA SER A 2 -16.85 2.34 -0.55
C SER A 2 -17.06 3.55 -1.47
N SER A 3 -17.22 4.70 -0.83
CA SER A 3 -17.44 5.93 -1.57
C SER A 3 -17.62 7.10 -0.59
N GLY A 4 -16.68 8.03 -0.65
CA GLY A 4 -16.71 9.19 0.21
C GLY A 4 -15.59 10.17 -0.12
N SER A 5 -14.39 9.83 0.33
CA SER A 5 -13.23 10.66 0.09
C SER A 5 -13.19 11.08 -1.39
N SER A 6 -12.29 12.01 -1.68
CA SER A 6 -12.15 12.50 -3.03
C SER A 6 -12.24 11.34 -4.03
N GLY A 7 -11.36 10.37 -3.83
CA GLY A 7 -11.32 9.20 -4.70
C GLY A 7 -10.31 8.17 -4.19
N LEU A 8 -10.75 7.39 -3.23
CA LEU A 8 -9.90 6.36 -2.64
C LEU A 8 -10.59 5.00 -2.76
N GLY A 9 -11.78 4.92 -2.17
CA GLY A 9 -12.54 3.69 -2.20
C GLY A 9 -12.42 3.01 -3.56
N ALA A 10 -13.05 3.61 -4.56
CA ALA A 10 -13.01 3.07 -5.91
C ALA A 10 -11.59 2.63 -6.24
N LEU A 11 -10.64 3.50 -5.91
CA LEU A 11 -9.24 3.21 -6.17
C LEU A 11 -8.84 1.94 -5.44
N TYR A 12 -9.06 1.94 -4.13
CA TYR A 12 -8.73 0.78 -3.32
C TYR A 12 -9.33 -0.50 -3.91
N LEU A 13 -10.58 -0.39 -4.34
CA LEU A 13 -11.26 -1.52 -4.91
C LEU A 13 -10.43 -2.08 -6.08
N SER A 14 -9.86 -1.17 -6.84
CA SER A 14 -9.04 -1.55 -7.97
C SER A 14 -7.79 -2.29 -7.49
N MET A 15 -7.10 -1.67 -6.55
CA MET A 15 -5.90 -2.26 -5.99
C MET A 15 -6.09 -3.74 -5.69
N LYS A 16 -7.35 -4.10 -5.46
CA LYS A 16 -7.69 -5.48 -5.15
C LYS A 16 -7.44 -6.35 -6.38
N ASP A 17 -7.89 -5.84 -7.52
CA ASP A 17 -7.72 -6.56 -8.78
C ASP A 17 -6.24 -6.88 -8.98
N PRO A 18 -5.92 -8.20 -8.98
CA PRO A 18 -4.55 -8.64 -9.16
C PRO A 18 -4.12 -8.51 -10.63
N GLU A 19 -5.07 -8.08 -11.45
CA GLU A 19 -4.81 -7.90 -12.87
C GLU A 19 -4.99 -6.43 -13.27
N LYS A 20 -6.17 -5.92 -12.95
CA LYS A 20 -6.49 -4.54 -13.26
C LYS A 20 -6.14 -3.65 -12.06
N GLY A 21 -5.40 -4.22 -11.14
CA GLY A 21 -5.00 -3.50 -9.94
C GLY A 21 -3.55 -3.80 -9.58
N ILE A 22 -3.25 -3.67 -8.29
CA ILE A 22 -1.90 -3.92 -7.81
C ILE A 22 -1.65 -5.42 -7.75
N LYS A 23 -0.39 -5.79 -7.89
CA LYS A 23 -0.01 -7.19 -7.85
C LYS A 23 0.12 -7.64 -6.40
N GLU A 24 0.38 -8.93 -6.23
CA GLU A 24 0.53 -9.50 -4.90
C GLU A 24 1.65 -10.55 -4.90
N LEU A 25 2.81 -10.13 -4.42
CA LEU A 25 3.96 -11.02 -4.36
C LEU A 25 4.43 -11.13 -2.91
N ASN A 26 4.99 -12.28 -2.59
CA ASN A 26 5.48 -12.53 -1.23
C ASN A 26 6.84 -11.84 -1.07
N LEU A 27 7.06 -11.35 0.15
CA LEU A 27 8.30 -10.65 0.46
C LEU A 27 8.81 -11.13 1.83
N GLU A 28 9.98 -11.74 1.80
CA GLU A 28 10.59 -12.24 3.03
C GLU A 28 11.74 -11.33 3.47
N LYS A 29 11.92 -11.24 4.78
CA LYS A 29 12.96 -10.41 5.33
C LYS A 29 14.04 -11.31 5.94
N ASP A 30 13.60 -12.33 6.65
CA ASP A 30 14.50 -13.27 7.28
C ASP A 30 13.81 -14.62 7.46
N LYS A 31 12.59 -14.55 7.99
CA LYS A 31 11.82 -15.76 8.22
C LYS A 31 10.34 -15.48 7.88
N LYS A 32 9.86 -14.35 8.40
CA LYS A 32 8.48 -13.96 8.17
C LYS A 32 8.19 -14.03 6.66
N VAL A 33 7.29 -14.92 6.30
CA VAL A 33 6.91 -15.09 4.91
C VAL A 33 5.63 -14.30 4.63
N PHE A 34 5.81 -13.00 4.44
CA PHE A 34 4.69 -12.12 4.16
C PHE A 34 4.11 -12.38 2.77
N ASN A 35 2.98 -13.06 2.74
CA ASN A 35 2.33 -13.37 1.48
C ASN A 35 1.36 -12.24 1.11
N HIS A 36 1.03 -12.18 -0.17
CA HIS A 36 0.13 -11.16 -0.66
C HIS A 36 0.47 -9.81 -0.01
N CYS A 37 1.60 -9.27 -0.41
CA CYS A 37 2.05 -7.99 0.11
C CYS A 37 2.43 -7.08 -1.06
N LEU A 38 2.55 -5.81 -0.76
CA LEU A 38 2.90 -4.82 -1.78
C LEU A 38 4.17 -4.09 -1.36
N THR A 39 4.32 -2.87 -1.88
CA THR A 39 5.48 -2.06 -1.56
C THR A 39 5.20 -0.60 -1.89
N GLY A 40 5.61 0.27 -0.98
CA GLY A 40 5.41 1.71 -1.16
C GLY A 40 6.00 2.18 -2.49
N SER A 41 6.99 1.43 -2.96
CA SER A 41 7.64 1.76 -4.22
C SER A 41 6.85 1.17 -5.39
N GLY A 42 6.32 -0.02 -5.16
CA GLY A 42 5.55 -0.69 -6.19
C GLY A 42 4.14 -0.10 -6.30
N VAL A 43 3.57 0.19 -5.14
CA VAL A 43 2.23 0.77 -5.09
C VAL A 43 2.20 2.04 -5.93
N ILE A 44 3.10 2.95 -5.60
CA ILE A 44 3.19 4.22 -6.31
C ILE A 44 3.35 3.94 -7.81
N ASP A 45 4.19 2.96 -8.11
CA ASP A 45 4.44 2.59 -9.49
C ASP A 45 3.11 2.25 -10.18
N TRP A 46 2.22 1.63 -9.42
CA TRP A 46 0.92 1.25 -9.93
C TRP A 46 0.10 2.53 -10.12
N LEU A 47 0.32 3.47 -9.22
CA LEU A 47 -0.39 4.74 -9.28
C LEU A 47 -0.06 5.44 -10.59
N VAL A 48 1.23 5.56 -10.85
CA VAL A 48 1.70 6.21 -12.07
C VAL A 48 1.34 5.34 -13.27
N SER A 49 1.63 4.05 -13.13
CA SER A 49 1.35 3.10 -14.20
C SER A 49 -0.04 3.36 -14.77
N ASN A 50 -1.01 3.40 -13.88
CA ASN A 50 -2.40 3.63 -14.28
C ASN A 50 -2.59 5.11 -14.59
N LYS A 51 -1.70 5.92 -14.02
CA LYS A 51 -1.76 7.36 -14.22
C LYS A 51 -2.77 7.97 -13.24
N LEU A 52 -2.57 7.66 -11.97
CA LEU A 52 -3.44 8.16 -10.92
C LEU A 52 -2.99 9.56 -10.52
N VAL A 53 -1.70 9.80 -10.66
CA VAL A 53 -1.13 11.08 -10.32
C VAL A 53 -0.32 11.61 -11.50
N ARG A 54 0.33 12.75 -11.28
CA ARG A 54 1.13 13.37 -12.31
C ARG A 54 2.60 12.99 -12.14
N ASN A 55 2.97 12.72 -10.90
CA ASN A 55 4.35 12.35 -10.59
C ASN A 55 4.34 11.38 -9.41
N ARG A 56 5.50 10.79 -9.17
CA ARG A 56 5.66 9.84 -8.08
C ARG A 56 5.34 10.51 -6.74
N GLN A 57 5.85 11.72 -6.58
CA GLN A 57 5.63 12.48 -5.36
C GLN A 57 4.15 12.44 -4.98
N GLU A 58 3.32 12.97 -5.86
CA GLU A 58 1.89 13.00 -5.62
C GLU A 58 1.41 11.65 -5.09
N GLY A 59 1.89 10.60 -5.73
CA GLY A 59 1.53 9.25 -5.33
C GLY A 59 1.89 9.00 -3.85
N LEU A 60 3.08 9.43 -3.49
CA LEU A 60 3.56 9.26 -2.13
C LEU A 60 2.53 9.83 -1.16
N MET A 61 2.33 11.15 -1.26
CA MET A 61 1.38 11.84 -0.40
C MET A 61 0.04 11.11 -0.38
N ILE A 62 -0.50 10.88 -1.57
CA ILE A 62 -1.77 10.20 -1.70
C ILE A 62 -1.71 8.87 -0.93
N SER A 63 -0.75 8.05 -1.31
CA SER A 63 -0.59 6.75 -0.67
C SER A 63 -0.87 6.87 0.83
N ALA A 64 -0.26 7.89 1.45
CA ALA A 64 -0.44 8.11 2.86
C ALA A 64 -1.93 8.09 3.20
N SER A 65 -2.69 8.85 2.42
CA SER A 65 -4.13 8.92 2.63
C SER A 65 -4.74 7.51 2.58
N LEU A 66 -4.23 6.72 1.65
CA LEU A 66 -4.70 5.35 1.50
C LEU A 66 -4.36 4.55 2.75
N LEU A 67 -3.08 4.53 3.07
CA LEU A 67 -2.60 3.80 4.24
C LEU A 67 -3.38 4.27 5.47
N SER A 68 -3.31 5.56 5.73
CA SER A 68 -3.99 6.14 6.87
C SER A 68 -5.40 5.56 6.98
N GLU A 69 -6.21 5.84 5.97
CA GLU A 69 -7.57 5.36 5.94
C GLU A 69 -7.64 3.92 6.48
N GLY A 70 -6.61 3.16 6.16
CA GLY A 70 -6.54 1.78 6.62
C GLY A 70 -6.67 0.82 5.44
N TYR A 71 -6.46 1.35 4.24
CA TYR A 71 -6.56 0.56 3.03
C TYR A 71 -5.31 -0.32 2.86
N LEU A 72 -4.22 0.12 3.47
CA LEU A 72 -2.97 -0.61 3.39
C LEU A 72 -2.39 -0.77 4.80
N GLN A 73 -2.33 -2.01 5.25
CA GLN A 73 -1.79 -2.31 6.56
C GLN A 73 -0.29 -2.58 6.48
N PRO A 74 0.44 -2.02 7.47
CA PRO A 74 1.90 -2.21 7.52
C PRO A 74 2.25 -3.61 8.01
N ALA A 75 3.37 -4.11 7.50
CA ALA A 75 3.84 -5.43 7.87
C ALA A 75 5.37 -5.47 7.80
N GLY A 76 5.98 -5.45 8.97
CA GLY A 76 7.43 -5.48 9.07
C GLY A 76 7.96 -4.32 9.90
N ASP A 77 8.82 -3.52 9.29
CA ASP A 77 9.40 -2.38 9.96
C ASP A 77 9.30 -1.15 9.05
N LEU A 78 9.92 -0.07 9.50
CA LEU A 78 9.90 1.17 8.73
C LEU A 78 8.47 1.70 8.66
N SER A 79 7.69 1.08 7.77
CA SER A 79 6.31 1.48 7.60
C SER A 79 5.63 1.67 8.96
N LYS A 80 5.48 0.57 9.67
CA LYS A 80 4.86 0.60 10.98
C LYS A 80 5.46 1.75 11.79
N ASN A 81 6.75 1.61 12.09
CA ASN A 81 7.45 2.62 12.87
C ASN A 81 7.00 4.01 12.40
N ALA A 82 6.65 4.09 11.12
CA ALA A 82 6.20 5.35 10.54
C ALA A 82 4.84 5.73 11.15
N ALA A 83 3.86 4.89 10.88
CA ALA A 83 2.52 5.12 11.39
C ALA A 83 2.60 5.53 12.86
N ASP A 84 3.66 5.07 13.51
CA ASP A 84 3.87 5.37 14.92
C ASP A 84 3.92 6.89 15.11
N GLY A 85 4.91 7.49 14.47
CA GLY A 85 5.09 8.94 14.56
C GLY A 85 6.47 9.35 14.07
N ILE A 86 6.77 8.98 12.83
CA ILE A 86 8.05 9.31 12.24
C ILE A 86 8.07 10.78 11.86
N ALA A 87 7.44 11.09 10.74
CA ALA A 87 7.38 12.46 10.25
C ALA A 87 5.94 12.79 9.86
N GLU A 88 5.82 13.60 8.81
CA GLU A 88 4.50 14.00 8.34
C GLU A 88 4.06 13.08 7.20
N ASN A 89 4.84 12.02 6.98
CA ASN A 89 4.53 11.07 5.93
C ASN A 89 4.71 9.65 6.48
N PRO A 90 3.54 8.99 6.71
CA PRO A 90 3.56 7.62 7.23
C PRO A 90 3.95 6.62 6.14
N PHE A 91 3.71 7.03 4.90
CA PHE A 91 4.03 6.18 3.76
C PHE A 91 5.48 6.38 3.33
N LEU A 92 6.19 5.27 3.17
CA LEU A 92 7.57 5.31 2.76
C LEU A 92 7.69 4.81 1.31
N ASP A 93 7.95 5.75 0.42
CA ASP A 93 8.07 5.42 -0.99
C ASP A 93 9.34 4.58 -1.20
N SER A 94 9.28 3.35 -0.70
CA SER A 94 10.40 2.44 -0.81
C SER A 94 9.90 1.00 -0.95
N PRO A 95 10.73 0.16 -1.63
CA PRO A 95 10.39 -1.23 -1.83
C PRO A 95 10.57 -2.03 -0.55
N ASP A 96 11.18 -1.39 0.44
CA ASP A 96 11.43 -2.03 1.72
C ASP A 96 10.12 -2.09 2.51
N ALA A 97 9.44 -0.96 2.56
CA ALA A 97 8.18 -0.87 3.27
C ALA A 97 7.15 -1.76 2.60
N PHE A 98 6.71 -2.78 3.33
CA PHE A 98 5.74 -3.72 2.82
C PHE A 98 4.35 -3.43 3.41
N TYR A 99 3.34 -3.57 2.55
CA TYR A 99 1.97 -3.34 2.97
C TYR A 99 1.02 -4.37 2.35
N TYR A 100 -0.05 -4.65 3.07
CA TYR A 100 -1.03 -5.60 2.62
C TYR A 100 -2.45 -5.16 2.98
N PHE A 101 -3.38 -5.43 2.08
CA PHE A 101 -4.76 -5.07 2.30
C PHE A 101 -5.36 -5.83 3.48
N PRO A 102 -6.30 -5.16 4.19
CA PRO A 102 -6.95 -5.77 5.34
C PRO A 102 -7.97 -6.82 4.90
N ASP A 103 -7.46 -7.97 4.50
CA ASP A 103 -8.31 -9.06 4.06
C ASP A 103 -7.45 -10.19 3.48
N SER A 104 -6.35 -9.78 2.85
CA SER A 104 -5.44 -10.73 2.25
C SER A 104 -4.05 -10.60 2.89
N GLY A 105 -3.28 -11.66 2.78
CA GLY A 105 -1.94 -11.68 3.33
C GLY A 105 -1.55 -13.09 3.80
N PRO A 106 -0.67 -13.13 4.83
CA PRO A 106 -0.21 -14.40 5.37
C PRO A 106 -1.29 -15.04 6.24
N SER A 107 -1.44 -16.34 6.07
CA SER A 107 -2.43 -17.09 6.84
C SER A 107 -1.86 -18.45 7.26
N SER A 108 -1.75 -18.63 8.55
CA SER A 108 -1.22 -19.87 9.10
C SER A 108 -2.04 -20.30 10.32
N GLY A 109 -1.60 -19.84 11.48
CA GLY A 109 -2.29 -20.17 12.71
C GLY A 109 -1.36 -20.01 13.91
N GLY A 1 -18.99 -3.44 0.94
CA GLY A 1 -19.36 -2.09 0.53
C GLY A 1 -18.17 -1.13 0.64
N SER A 2 -18.50 0.14 0.76
CA SER A 2 -17.48 1.17 0.87
C SER A 2 -18.13 2.53 1.09
N SER A 3 -18.52 2.76 2.33
CA SER A 3 -19.16 4.03 2.70
C SER A 3 -18.12 5.16 2.68
N GLY A 4 -18.63 6.38 2.67
CA GLY A 4 -17.77 7.54 2.65
C GLY A 4 -16.55 7.32 1.75
N SER A 5 -15.41 7.82 2.21
CA SER A 5 -14.18 7.68 1.45
C SER A 5 -14.17 8.64 0.27
N SER A 6 -15.18 8.51 -0.57
CA SER A 6 -15.30 9.36 -1.74
C SER A 6 -13.93 9.57 -2.37
N GLY A 7 -13.48 8.57 -3.09
CA GLY A 7 -12.18 8.63 -3.75
C GLY A 7 -11.37 7.36 -3.49
N LEU A 8 -10.60 7.40 -2.43
CA LEU A 8 -9.76 6.27 -2.05
C LEU A 8 -10.54 4.98 -2.29
N GLY A 9 -11.58 4.79 -1.47
CA GLY A 9 -12.41 3.60 -1.58
C GLY A 9 -12.43 3.07 -3.01
N ALA A 10 -13.07 3.83 -3.89
CA ALA A 10 -13.18 3.45 -5.28
C ALA A 10 -11.79 3.07 -5.80
N LEU A 11 -10.86 4.01 -5.66
CA LEU A 11 -9.49 3.79 -6.11
C LEU A 11 -8.98 2.46 -5.55
N TYR A 12 -9.04 2.37 -4.23
CA TYR A 12 -8.58 1.16 -3.55
C TYR A 12 -9.22 -0.08 -4.16
N LEU A 13 -10.55 -0.05 -4.26
CA LEU A 13 -11.28 -1.16 -4.81
C LEU A 13 -10.56 -1.68 -6.07
N SER A 14 -10.07 -0.73 -6.85
CA SER A 14 -9.36 -1.06 -8.07
C SER A 14 -8.05 -1.79 -7.74
N MET A 15 -7.30 -1.20 -6.83
CA MET A 15 -6.03 -1.77 -6.41
C MET A 15 -6.19 -3.25 -6.07
N LYS A 16 -7.39 -3.60 -5.60
CA LYS A 16 -7.69 -4.96 -5.24
C LYS A 16 -7.56 -5.87 -6.47
N ASP A 17 -8.05 -5.34 -7.58
CA ASP A 17 -7.99 -6.08 -8.84
C ASP A 17 -6.54 -6.46 -9.14
N PRO A 18 -6.27 -7.79 -9.09
CA PRO A 18 -4.94 -8.29 -9.36
C PRO A 18 -4.62 -8.25 -10.85
N GLU A 19 -5.60 -7.78 -11.62
CA GLU A 19 -5.44 -7.68 -13.06
C GLU A 19 -5.55 -6.23 -13.51
N LYS A 20 -6.66 -5.61 -13.13
CA LYS A 20 -6.90 -4.22 -13.48
C LYS A 20 -6.50 -3.32 -12.31
N GLY A 21 -5.75 -3.90 -11.39
CA GLY A 21 -5.29 -3.17 -10.21
C GLY A 21 -3.84 -3.52 -9.88
N ILE A 22 -3.50 -3.34 -8.61
CA ILE A 22 -2.15 -3.62 -8.15
C ILE A 22 -1.92 -5.14 -8.17
N LYS A 23 -0.65 -5.50 -8.22
CA LYS A 23 -0.27 -6.90 -8.25
C LYS A 23 0.01 -7.38 -6.82
N GLU A 24 -0.36 -8.63 -6.56
CA GLU A 24 -0.15 -9.21 -5.26
C GLU A 24 0.86 -10.36 -5.34
N LEU A 25 2.05 -10.09 -4.83
CA LEU A 25 3.11 -11.08 -4.84
C LEU A 25 3.54 -11.37 -3.40
N ASN A 26 4.21 -12.50 -3.24
CA ASN A 26 4.68 -12.92 -1.92
C ASN A 26 6.07 -12.33 -1.68
N LEU A 27 6.18 -11.62 -0.57
CA LEU A 27 7.45 -11.00 -0.20
C LEU A 27 7.92 -11.54 1.14
N GLU A 28 9.23 -11.71 1.26
CA GLU A 28 9.81 -12.22 2.49
C GLU A 28 11.10 -11.47 2.83
N LYS A 29 11.39 -11.40 4.11
CA LYS A 29 12.59 -10.71 4.57
C LYS A 29 13.45 -11.69 5.37
N ASP A 30 12.84 -12.28 6.38
CA ASP A 30 13.54 -13.23 7.23
C ASP A 30 12.54 -14.25 7.78
N LYS A 31 12.46 -15.38 7.10
CA LYS A 31 11.55 -16.44 7.50
C LYS A 31 10.11 -16.02 7.18
N LYS A 32 9.73 -14.87 7.69
CA LYS A 32 8.39 -14.34 7.46
C LYS A 32 8.04 -14.48 5.97
N VAL A 33 6.75 -14.44 5.69
CA VAL A 33 6.28 -14.56 4.32
C VAL A 33 4.98 -13.75 4.17
N PHE A 34 5.14 -12.48 3.82
CA PHE A 34 4.01 -11.60 3.64
C PHE A 34 3.23 -11.97 2.38
N ASN A 35 2.05 -12.54 2.58
CA ASN A 35 1.20 -12.95 1.48
C ASN A 35 0.41 -11.74 0.98
N HIS A 36 0.10 -11.75 -0.31
CA HIS A 36 -0.64 -10.67 -0.92
C HIS A 36 -0.17 -9.34 -0.35
N CYS A 37 1.13 -9.10 -0.46
CA CYS A 37 1.73 -7.87 0.04
C CYS A 37 2.08 -7.00 -1.16
N LEU A 38 2.44 -5.75 -0.86
CA LEU A 38 2.81 -4.81 -1.90
C LEU A 38 4.12 -4.13 -1.52
N THR A 39 4.26 -2.88 -1.96
CA THR A 39 5.46 -2.11 -1.67
C THR A 39 5.18 -0.61 -1.83
N GLY A 40 5.53 0.13 -0.79
CA GLY A 40 5.33 1.57 -0.80
C GLY A 40 5.61 2.15 -2.19
N SER A 41 6.72 1.72 -2.77
CA SER A 41 7.11 2.19 -4.08
C SER A 41 6.14 1.64 -5.15
N GLY A 42 6.08 0.32 -5.21
CA GLY A 42 5.21 -0.35 -6.16
C GLY A 42 3.81 0.26 -6.13
N VAL A 43 3.26 0.36 -4.93
CA VAL A 43 1.93 0.92 -4.75
C VAL A 43 1.79 2.18 -5.61
N ILE A 44 2.82 3.02 -5.55
CA ILE A 44 2.83 4.25 -6.31
C ILE A 44 3.06 3.93 -7.80
N ASP A 45 4.02 3.06 -8.04
CA ASP A 45 4.35 2.66 -9.39
C ASP A 45 3.06 2.38 -10.16
N TRP A 46 2.18 1.64 -9.52
CA TRP A 46 0.90 1.29 -10.12
C TRP A 46 0.15 2.59 -10.43
N LEU A 47 0.11 3.46 -9.42
CA LEU A 47 -0.57 4.74 -9.57
C LEU A 47 -0.05 5.44 -10.83
N VAL A 48 1.26 5.64 -10.87
CA VAL A 48 1.88 6.29 -12.01
C VAL A 48 1.65 5.46 -13.26
N SER A 49 1.90 4.16 -13.14
CA SER A 49 1.72 3.25 -14.25
C SER A 49 0.39 3.52 -14.94
N ASN A 50 -0.66 3.55 -14.14
CA ASN A 50 -2.01 3.80 -14.66
C ASN A 50 -2.20 5.30 -14.85
N LYS A 51 -1.37 6.06 -14.15
CA LYS A 51 -1.44 7.51 -14.23
C LYS A 51 -2.55 8.02 -13.31
N LEU A 52 -2.36 7.77 -12.02
CA LEU A 52 -3.34 8.18 -11.02
C LEU A 52 -2.90 9.53 -10.43
N VAL A 53 -1.65 9.88 -10.68
CA VAL A 53 -1.10 11.13 -10.19
C VAL A 53 -0.24 11.78 -11.27
N ARG A 54 0.39 12.88 -10.91
CA ARG A 54 1.25 13.60 -11.83
C ARG A 54 2.62 12.95 -11.90
N ASN A 55 3.01 12.33 -10.79
CA ASN A 55 4.30 11.67 -10.70
C ASN A 55 4.36 10.83 -9.42
N ARG A 56 5.51 10.22 -9.21
CA ARG A 56 5.71 9.39 -8.04
C ARG A 56 5.43 10.19 -6.77
N GLN A 57 5.84 11.45 -6.79
CA GLN A 57 5.63 12.33 -5.66
C GLN A 57 4.17 12.32 -5.24
N GLU A 58 3.33 12.94 -6.05
CA GLU A 58 1.92 13.01 -5.77
C GLU A 58 1.44 11.69 -5.16
N GLY A 59 1.76 10.60 -5.84
CA GLY A 59 1.37 9.28 -5.38
C GLY A 59 1.76 9.07 -3.92
N LEU A 60 3.01 9.37 -3.62
CA LEU A 60 3.52 9.22 -2.26
C LEU A 60 2.52 9.85 -1.29
N MET A 61 2.21 11.12 -1.55
CA MET A 61 1.27 11.84 -0.71
C MET A 61 -0.09 11.14 -0.65
N ILE A 62 -0.63 10.87 -1.83
CA ILE A 62 -1.91 10.21 -1.93
C ILE A 62 -1.85 8.89 -1.16
N SER A 63 -0.81 8.11 -1.44
CA SER A 63 -0.64 6.83 -0.79
C SER A 63 -0.99 6.94 0.69
N ALA A 64 -0.30 7.88 1.36
CA ALA A 64 -0.53 8.10 2.78
C ALA A 64 -2.03 8.10 3.06
N SER A 65 -2.76 8.82 2.21
CA SER A 65 -4.20 8.91 2.36
C SER A 65 -4.81 7.52 2.43
N LEU A 66 -4.27 6.63 1.60
CA LEU A 66 -4.75 5.25 1.56
C LEU A 66 -4.41 4.56 2.87
N LEU A 67 -3.13 4.57 3.19
CA LEU A 67 -2.66 3.94 4.43
C LEU A 67 -3.48 4.46 5.60
N SER A 68 -3.47 5.78 5.75
CA SER A 68 -4.20 6.41 6.83
C SER A 68 -5.54 5.71 7.04
N GLU A 69 -6.41 5.85 6.05
CA GLU A 69 -7.72 5.23 6.11
C GLU A 69 -7.63 3.82 6.67
N GLY A 70 -6.54 3.15 6.31
CA GLY A 70 -6.30 1.78 6.76
C GLY A 70 -6.41 0.79 5.61
N TYR A 71 -6.10 1.27 4.42
CA TYR A 71 -6.15 0.44 3.23
C TYR A 71 -4.87 -0.37 3.07
N LEU A 72 -3.82 0.11 3.71
CA LEU A 72 -2.54 -0.57 3.66
C LEU A 72 -2.08 -0.94 5.07
N GLN A 73 -1.87 -2.23 5.28
CA GLN A 73 -1.44 -2.71 6.58
C GLN A 73 0.08 -2.88 6.61
N PRO A 74 0.70 -2.36 7.69
CA PRO A 74 2.14 -2.44 7.86
C PRO A 74 2.56 -3.86 8.26
N ALA A 75 3.61 -4.34 7.59
CA ALA A 75 4.12 -5.68 7.86
C ALA A 75 5.65 -5.63 7.86
N GLY A 76 6.20 -5.34 9.02
CA GLY A 76 7.65 -5.27 9.17
C GLY A 76 8.09 -3.85 9.51
N ASP A 77 9.39 -3.71 9.72
CA ASP A 77 9.96 -2.41 10.06
C ASP A 77 9.59 -1.40 8.97
N LEU A 78 10.11 -0.20 9.13
CA LEU A 78 9.85 0.87 8.17
C LEU A 78 8.35 1.20 8.19
N SER A 79 7.58 0.37 7.52
CA SER A 79 6.14 0.56 7.45
C SER A 79 5.59 0.82 8.85
N LYS A 80 5.71 -0.18 9.70
CA LYS A 80 5.22 -0.08 11.07
C LYS A 80 5.55 1.31 11.61
N ASN A 81 6.84 1.58 11.72
CA ASN A 81 7.30 2.87 12.22
C ASN A 81 6.62 3.98 11.44
N ALA A 82 6.59 3.81 10.13
CA ALA A 82 5.96 4.80 9.26
C ALA A 82 4.65 5.28 9.89
N ALA A 83 3.79 4.31 10.19
CA ALA A 83 2.51 4.61 10.79
C ALA A 83 2.65 4.60 12.32
N ASP A 84 3.68 5.29 12.79
CA ASP A 84 3.93 5.37 14.22
C ASP A 84 3.80 6.83 14.68
N GLY A 85 4.70 7.66 14.18
CA GLY A 85 4.69 9.06 14.51
C GLY A 85 5.94 9.76 14.00
N ILE A 86 6.34 9.38 12.80
CA ILE A 86 7.52 9.95 12.17
C ILE A 86 7.26 11.44 11.88
N ALA A 87 6.52 11.67 10.80
CA ALA A 87 6.18 13.03 10.40
C ALA A 87 4.72 13.09 10.01
N GLU A 88 4.45 13.85 8.95
CA GLU A 88 3.09 14.00 8.46
C GLU A 88 2.80 12.96 7.38
N ASN A 89 3.87 12.38 6.85
CA ASN A 89 3.74 11.37 5.81
C ASN A 89 4.07 10.00 6.39
N PRO A 90 3.00 9.21 6.66
CA PRO A 90 3.16 7.88 7.22
C PRO A 90 3.67 6.91 6.16
N PHE A 91 3.32 7.20 4.91
CA PHE A 91 3.73 6.36 3.80
C PHE A 91 5.17 6.63 3.41
N LEU A 92 5.89 5.56 3.09
CA LEU A 92 7.28 5.68 2.70
C LEU A 92 7.43 5.22 1.24
N ASP A 93 7.69 6.19 0.38
CA ASP A 93 7.85 5.91 -1.04
C ASP A 93 9.14 5.11 -1.25
N SER A 94 9.12 3.87 -0.78
CA SER A 94 10.26 2.99 -0.90
C SER A 94 9.81 1.57 -1.25
N PRO A 95 10.69 0.86 -1.99
CA PRO A 95 10.39 -0.51 -2.40
C PRO A 95 10.54 -1.48 -1.21
N ASP A 96 11.09 -0.95 -0.13
CA ASP A 96 11.31 -1.74 1.06
C ASP A 96 9.99 -1.86 1.83
N ALA A 97 9.53 -0.73 2.34
CA ALA A 97 8.28 -0.69 3.10
C ALA A 97 7.24 -1.55 2.38
N PHE A 98 6.76 -2.55 3.10
CA PHE A 98 5.76 -3.46 2.56
C PHE A 98 4.40 -3.21 3.21
N TYR A 99 3.37 -3.38 2.40
CA TYR A 99 2.01 -3.18 2.87
C TYR A 99 1.05 -4.19 2.24
N TYR A 100 0.02 -4.54 3.01
CA TYR A 100 -0.96 -5.50 2.53
C TYR A 100 -2.38 -5.06 2.91
N PHE A 101 -3.31 -5.34 2.01
CA PHE A 101 -4.70 -4.98 2.24
C PHE A 101 -5.31 -5.82 3.36
N PRO A 102 -6.04 -5.12 4.26
CA PRO A 102 -6.68 -5.78 5.39
C PRO A 102 -7.93 -6.57 4.93
N ASP A 103 -7.67 -7.60 4.13
CA ASP A 103 -8.74 -8.43 3.63
C ASP A 103 -8.15 -9.54 2.75
N SER A 104 -7.15 -9.15 1.97
CA SER A 104 -6.49 -10.10 1.08
C SER A 104 -5.15 -10.53 1.68
N GLY A 105 -4.48 -9.57 2.30
CA GLY A 105 -3.19 -9.84 2.92
C GLY A 105 -3.31 -10.91 4.00
N PRO A 106 -2.25 -11.02 4.83
CA PRO A 106 -2.22 -11.99 5.91
C PRO A 106 -3.12 -11.54 7.07
N SER A 107 -4.40 -11.85 6.94
CA SER A 107 -5.37 -11.49 7.96
C SER A 107 -5.40 -12.55 9.05
N SER A 108 -5.41 -12.09 10.29
CA SER A 108 -5.44 -12.99 11.43
C SER A 108 -6.63 -13.94 11.32
N GLY A 109 -6.33 -15.24 11.37
CA GLY A 109 -7.36 -16.25 11.26
C GLY A 109 -7.22 -17.05 9.96
N GLY A 1 -19.60 -1.62 3.57
CA GLY A 1 -19.57 -0.91 2.30
C GLY A 1 -18.48 0.15 2.28
N SER A 2 -18.29 0.74 1.10
CA SER A 2 -17.29 1.78 0.94
C SER A 2 -17.92 3.15 1.11
N SER A 3 -17.97 3.60 2.36
CA SER A 3 -18.55 4.89 2.67
C SER A 3 -17.46 5.83 3.21
N GLY A 4 -17.84 7.09 3.34
CA GLY A 4 -16.91 8.10 3.84
C GLY A 4 -15.51 7.88 3.27
N SER A 5 -15.42 7.96 1.95
CA SER A 5 -14.15 7.78 1.27
C SER A 5 -14.05 8.73 0.08
N SER A 6 -14.96 8.53 -0.87
CA SER A 6 -14.99 9.35 -2.07
C SER A 6 -13.57 9.56 -2.60
N GLY A 7 -13.11 8.58 -3.37
CA GLY A 7 -11.78 8.65 -3.95
C GLY A 7 -10.98 7.38 -3.63
N LEU A 8 -10.34 7.39 -2.47
CA LEU A 8 -9.55 6.26 -2.04
C LEU A 8 -10.32 4.98 -2.32
N GLY A 9 -11.46 4.86 -1.66
CA GLY A 9 -12.31 3.68 -1.81
C GLY A 9 -12.22 3.14 -3.25
N ALA A 10 -12.84 3.88 -4.16
CA ALA A 10 -12.85 3.48 -5.56
C ALA A 10 -11.45 3.01 -5.95
N LEU A 11 -10.47 3.84 -5.65
CA LEU A 11 -9.08 3.52 -5.97
C LEU A 11 -8.72 2.18 -5.34
N TYR A 12 -8.91 2.10 -4.03
CA TYR A 12 -8.60 0.88 -3.30
C TYR A 12 -9.29 -0.33 -3.94
N LEU A 13 -10.58 -0.16 -4.22
CA LEU A 13 -11.36 -1.22 -4.82
C LEU A 13 -10.60 -1.78 -6.03
N SER A 14 -9.98 -0.88 -6.77
CA SER A 14 -9.22 -1.27 -7.95
C SER A 14 -7.96 -2.03 -7.53
N MET A 15 -7.25 -1.46 -6.58
CA MET A 15 -6.03 -2.08 -6.08
C MET A 15 -6.26 -3.55 -5.76
N LYS A 16 -7.52 -3.89 -5.52
CA LYS A 16 -7.88 -5.25 -5.20
C LYS A 16 -7.70 -6.13 -6.44
N ASP A 17 -8.13 -5.60 -7.56
CA ASP A 17 -8.02 -6.32 -8.83
C ASP A 17 -6.56 -6.70 -9.06
N PRO A 18 -6.31 -8.04 -9.06
CA PRO A 18 -4.97 -8.54 -9.28
C PRO A 18 -4.57 -8.43 -10.75
N GLU A 19 -5.50 -7.94 -11.55
CA GLU A 19 -5.27 -7.78 -12.97
C GLU A 19 -5.38 -6.30 -13.38
N LYS A 20 -6.52 -5.73 -13.02
CA LYS A 20 -6.77 -4.33 -13.33
C LYS A 20 -6.40 -3.46 -12.12
N GLY A 21 -5.65 -4.06 -11.22
CA GLY A 21 -5.23 -3.37 -10.02
C GLY A 21 -3.76 -3.70 -9.68
N ILE A 22 -3.44 -3.55 -8.41
CA ILE A 22 -2.09 -3.82 -7.95
C ILE A 22 -1.84 -5.33 -7.96
N LYS A 23 -0.57 -5.69 -8.11
CA LYS A 23 -0.20 -7.09 -8.14
C LYS A 23 0.12 -7.56 -6.72
N GLU A 24 0.04 -8.88 -6.52
CA GLU A 24 0.32 -9.46 -5.23
C GLU A 24 1.52 -10.40 -5.32
N LEU A 25 2.63 -9.96 -4.75
CA LEU A 25 3.85 -10.75 -4.76
C LEU A 25 4.20 -11.17 -3.33
N ASN A 26 5.17 -12.05 -3.22
CA ASN A 26 5.61 -12.53 -1.92
C ASN A 26 7.02 -12.00 -1.63
N LEU A 27 7.13 -11.27 -0.54
CA LEU A 27 8.40 -10.70 -0.14
C LEU A 27 8.85 -11.34 1.18
N GLU A 28 10.16 -11.31 1.40
CA GLU A 28 10.73 -11.88 2.61
C GLU A 28 11.66 -10.88 3.28
N LYS A 29 11.58 -10.82 4.60
CA LYS A 29 12.42 -9.90 5.37
C LYS A 29 12.86 -10.59 6.66
N ASP A 30 14.15 -10.91 6.71
CA ASP A 30 14.71 -11.57 7.87
C ASP A 30 14.14 -12.99 7.99
N LYS A 31 12.87 -13.06 8.37
CA LYS A 31 12.20 -14.34 8.51
C LYS A 31 10.68 -14.12 8.53
N LYS A 32 10.24 -13.22 7.66
CA LYS A 32 8.82 -12.91 7.57
C LYS A 32 8.39 -12.90 6.10
N VAL A 33 7.78 -14.01 5.69
CA VAL A 33 7.33 -14.14 4.32
C VAL A 33 5.94 -13.50 4.18
N PHE A 34 5.94 -12.27 3.70
CA PHE A 34 4.69 -11.54 3.53
C PHE A 34 4.01 -11.93 2.20
N ASN A 35 2.97 -12.75 2.34
CA ASN A 35 2.22 -13.20 1.18
C ASN A 35 1.04 -12.27 0.94
N HIS A 36 0.70 -12.11 -0.34
CA HIS A 36 -0.40 -11.25 -0.72
C HIS A 36 -0.17 -9.84 -0.18
N CYS A 37 1.06 -9.37 -0.35
CA CYS A 37 1.43 -8.06 0.11
C CYS A 37 1.84 -7.22 -1.10
N LEU A 38 2.00 -5.93 -0.87
CA LEU A 38 2.38 -5.00 -1.92
C LEU A 38 3.76 -4.42 -1.62
N THR A 39 3.96 -3.20 -2.09
CA THR A 39 5.23 -2.52 -1.86
C THR A 39 5.04 -1.00 -1.93
N GLY A 40 5.55 -0.32 -0.92
CA GLY A 40 5.44 1.12 -0.86
C GLY A 40 5.63 1.75 -2.24
N SER A 41 6.76 1.43 -2.85
CA SER A 41 7.07 1.96 -4.17
C SER A 41 6.04 1.47 -5.18
N GLY A 42 5.97 0.15 -5.33
CA GLY A 42 5.03 -0.46 -6.25
C GLY A 42 3.69 0.27 -6.23
N VAL A 43 3.21 0.51 -5.01
CA VAL A 43 1.94 1.19 -4.83
C VAL A 43 1.93 2.48 -5.67
N ILE A 44 2.90 3.34 -5.38
CA ILE A 44 3.01 4.60 -6.10
C ILE A 44 3.30 4.31 -7.58
N ASP A 45 3.90 3.16 -7.82
CA ASP A 45 4.22 2.77 -9.18
C ASP A 45 2.94 2.44 -9.94
N TRP A 46 2.08 1.66 -9.29
CA TRP A 46 0.82 1.26 -9.89
C TRP A 46 0.02 2.54 -10.18
N LEU A 47 0.27 3.55 -9.36
CA LEU A 47 -0.41 4.83 -9.52
C LEU A 47 0.05 5.50 -10.81
N VAL A 48 1.37 5.63 -10.94
CA VAL A 48 1.95 6.23 -12.12
C VAL A 48 1.73 5.34 -13.33
N SER A 49 1.83 4.03 -13.08
CA SER A 49 1.63 3.05 -14.14
C SER A 49 0.30 3.30 -14.85
N ASN A 50 -0.75 3.40 -14.04
CA ASN A 50 -2.08 3.63 -14.57
C ASN A 50 -2.26 5.12 -14.88
N LYS A 51 -1.41 5.92 -14.23
CA LYS A 51 -1.46 7.36 -14.42
C LYS A 51 -2.53 7.95 -13.50
N LEU A 52 -2.34 7.72 -12.21
CA LEU A 52 -3.27 8.23 -11.22
C LEU A 52 -2.78 9.59 -10.70
N VAL A 53 -1.49 9.81 -10.88
CA VAL A 53 -0.89 11.06 -10.43
C VAL A 53 -0.02 11.63 -11.57
N ARG A 54 0.63 12.74 -11.27
CA ARG A 54 1.48 13.39 -12.24
C ARG A 54 2.94 13.00 -12.02
N ASN A 55 3.24 12.72 -10.76
CA ASN A 55 4.60 12.32 -10.39
C ASN A 55 4.55 11.44 -9.14
N ARG A 56 5.57 10.62 -8.99
CA ARG A 56 5.66 9.73 -7.84
C ARG A 56 5.26 10.46 -6.56
N GLN A 57 5.76 11.69 -6.44
CA GLN A 57 5.45 12.50 -5.29
C GLN A 57 3.96 12.43 -4.95
N GLU A 58 3.16 12.91 -5.88
CA GLU A 58 1.71 12.90 -5.70
C GLU A 58 1.25 11.54 -5.17
N GLY A 59 1.71 10.49 -5.85
CA GLY A 59 1.36 9.13 -5.45
C GLY A 59 1.69 8.88 -3.98
N LEU A 60 2.88 9.32 -3.60
CA LEU A 60 3.35 9.14 -2.23
C LEU A 60 2.31 9.74 -1.28
N MET A 61 2.14 11.05 -1.39
CA MET A 61 1.19 11.76 -0.54
C MET A 61 -0.14 11.01 -0.47
N ILE A 62 -0.67 10.68 -1.65
CA ILE A 62 -1.93 9.97 -1.73
C ILE A 62 -1.82 8.65 -0.95
N SER A 63 -0.83 7.87 -1.32
CA SER A 63 -0.61 6.59 -0.66
C SER A 63 -0.87 6.72 0.84
N ALA A 64 -0.20 7.69 1.44
CA ALA A 64 -0.36 7.92 2.87
C ALA A 64 -1.84 7.97 3.22
N SER A 65 -2.58 8.72 2.43
CA SER A 65 -4.02 8.86 2.63
C SER A 65 -4.68 7.48 2.61
N LEU A 66 -4.17 6.62 1.74
CA LEU A 66 -4.70 5.28 1.61
C LEU A 66 -4.35 4.48 2.87
N LEU A 67 -3.05 4.38 3.13
CA LEU A 67 -2.57 3.65 4.28
C LEU A 67 -3.34 4.12 5.54
N SER A 68 -3.23 5.40 5.81
CA SER A 68 -3.90 5.98 6.96
C SER A 68 -5.30 5.37 7.11
N GLU A 69 -6.15 5.68 6.15
CA GLU A 69 -7.51 5.17 6.17
C GLU A 69 -7.53 3.72 6.66
N GLY A 70 -6.46 3.01 6.34
CA GLY A 70 -6.34 1.62 6.74
C GLY A 70 -6.51 0.69 5.54
N TYR A 71 -6.19 1.22 4.37
CA TYR A 71 -6.30 0.46 3.14
C TYR A 71 -5.04 -0.38 2.90
N LEU A 72 -3.95 0.08 3.49
CA LEU A 72 -2.67 -0.62 3.35
C LEU A 72 -2.06 -0.84 4.73
N GLN A 73 -2.05 -2.10 5.14
CA GLN A 73 -1.49 -2.47 6.43
C GLN A 73 0.03 -2.37 6.40
N PRO A 74 0.59 -1.67 7.43
CA PRO A 74 2.02 -1.50 7.54
C PRO A 74 2.69 -2.79 8.01
N ALA A 75 3.72 -3.20 7.26
CA ALA A 75 4.45 -4.41 7.59
C ALA A 75 5.95 -4.12 7.51
N GLY A 76 6.72 -5.01 8.10
CA GLY A 76 8.16 -4.88 8.11
C GLY A 76 8.63 -4.06 9.30
N ASP A 77 9.36 -2.99 8.99
CA ASP A 77 9.88 -2.11 10.03
C ASP A 77 9.79 -0.66 9.55
N LEU A 78 10.41 -0.40 8.41
CA LEU A 78 10.41 0.93 7.83
C LEU A 78 9.03 1.55 7.99
N SER A 79 8.12 1.13 7.10
CA SER A 79 6.76 1.64 7.13
C SER A 79 6.29 1.81 8.58
N LYS A 80 6.21 0.69 9.29
CA LYS A 80 5.79 0.70 10.68
C LYS A 80 6.46 1.87 11.39
N ASN A 81 7.78 1.80 11.46
CA ASN A 81 8.55 2.85 12.12
C ASN A 81 7.92 4.21 11.81
N ALA A 82 7.36 4.31 10.61
CA ALA A 82 6.72 5.54 10.18
C ALA A 82 5.37 5.69 10.89
N ALA A 83 4.51 4.71 10.65
CA ALA A 83 3.19 4.72 11.26
C ALA A 83 3.31 5.11 12.74
N ASP A 84 4.48 4.81 13.29
CA ASP A 84 4.73 5.11 14.69
C ASP A 84 4.51 6.61 14.93
N GLY A 85 5.30 7.41 14.23
CA GLY A 85 5.20 8.85 14.35
C GLY A 85 6.46 9.54 13.82
N ILE A 86 6.69 9.35 12.53
CA ILE A 86 7.86 9.94 11.88
C ILE A 86 7.55 11.40 11.54
N ALA A 87 6.77 11.58 10.50
CA ALA A 87 6.40 12.92 10.05
C ALA A 87 4.94 12.91 9.60
N GLU A 88 4.67 13.72 8.57
CA GLU A 88 3.32 13.81 8.03
C GLU A 88 3.17 12.87 6.83
N ASN A 89 4.14 11.98 6.69
CA ASN A 89 4.12 11.02 5.59
C ASN A 89 4.51 9.64 6.13
N PRO A 90 3.47 8.84 6.49
CA PRO A 90 3.71 7.51 7.02
C PRO A 90 4.09 6.54 5.90
N PHE A 91 3.69 6.89 4.69
CA PHE A 91 3.98 6.07 3.53
C PHE A 91 5.38 6.39 2.98
N LEU A 92 6.17 5.34 2.82
CA LEU A 92 7.52 5.49 2.30
C LEU A 92 7.57 5.01 0.85
N ASP A 93 8.04 5.90 -0.02
CA ASP A 93 8.14 5.58 -1.43
C ASP A 93 9.23 4.53 -1.63
N SER A 94 9.04 3.39 -0.99
CA SER A 94 10.01 2.30 -1.09
C SER A 94 9.29 0.95 -0.98
N PRO A 95 9.77 -0.03 -1.79
CA PRO A 95 9.18 -1.35 -1.78
C PRO A 95 9.59 -2.13 -0.53
N ASP A 96 10.36 -1.47 0.31
CA ASP A 96 10.83 -2.08 1.54
C ASP A 96 9.75 -1.96 2.61
N ALA A 97 9.33 -0.73 2.83
CA ALA A 97 8.31 -0.46 3.83
C ALA A 97 7.20 -1.53 3.72
N PHE A 98 7.00 -1.99 2.51
CA PHE A 98 5.99 -3.00 2.24
C PHE A 98 4.61 -2.53 2.73
N TYR A 99 3.58 -3.12 2.13
CA TYR A 99 2.22 -2.78 2.48
C TYR A 99 1.22 -3.77 1.87
N TYR A 100 0.31 -4.24 2.71
CA TYR A 100 -0.69 -5.19 2.26
C TYR A 100 -2.08 -4.81 2.80
N PHE A 101 -3.10 -5.16 2.02
CA PHE A 101 -4.46 -4.86 2.41
C PHE A 101 -4.89 -5.70 3.62
N PRO A 102 -5.67 -5.06 4.52
CA PRO A 102 -6.15 -5.73 5.71
C PRO A 102 -7.27 -6.70 5.38
N ASP A 103 -6.89 -7.84 4.81
CA ASP A 103 -7.85 -8.86 4.43
C ASP A 103 -7.12 -10.02 3.76
N SER A 104 -6.11 -9.67 2.99
CA SER A 104 -5.33 -10.68 2.29
C SER A 104 -4.05 -11.00 3.08
N GLY A 105 -3.04 -10.17 2.87
CA GLY A 105 -1.77 -10.35 3.55
C GLY A 105 -1.41 -11.84 3.66
N PRO A 106 -0.51 -12.13 4.64
CA PRO A 106 -0.09 -13.50 4.86
C PRO A 106 -1.17 -14.32 5.56
N SER A 107 -2.23 -14.61 4.81
CA SER A 107 -3.34 -15.37 5.34
C SER A 107 -3.54 -16.65 4.51
N SER A 108 -3.59 -16.45 3.20
CA SER A 108 -3.79 -17.58 2.30
C SER A 108 -4.06 -17.06 0.88
N GLY A 109 -5.19 -16.40 0.73
CA GLY A 109 -5.59 -15.85 -0.55
C GLY A 109 -7.01 -15.29 -0.51
N GLY A 1 -15.40 -4.14 3.11
CA GLY A 1 -16.43 -3.16 2.76
C GLY A 1 -15.81 -1.78 2.56
N SER A 2 -15.71 -1.40 1.30
CA SER A 2 -15.14 -0.10 0.95
C SER A 2 -16.06 1.01 1.45
N SER A 3 -15.73 1.52 2.63
CA SER A 3 -16.52 2.59 3.23
C SER A 3 -15.60 3.74 3.65
N GLY A 4 -15.71 4.83 2.91
CA GLY A 4 -14.89 6.01 3.20
C GLY A 4 -14.80 6.92 1.97
N SER A 5 -13.65 7.58 1.85
CA SER A 5 -13.44 8.48 0.74
C SER A 5 -13.87 7.83 -0.56
N SER A 6 -14.68 8.56 -1.33
CA SER A 6 -15.17 8.06 -2.59
C SER A 6 -14.01 7.78 -3.54
N GLY A 7 -13.28 8.84 -3.85
CA GLY A 7 -12.13 8.73 -4.74
C GLY A 7 -11.24 7.54 -4.34
N LEU A 8 -10.68 7.64 -3.14
CA LEU A 8 -9.81 6.59 -2.64
C LEU A 8 -10.54 5.24 -2.74
N GLY A 9 -11.68 5.17 -2.09
CA GLY A 9 -12.48 3.96 -2.10
C GLY A 9 -12.41 3.28 -3.47
N ALA A 10 -13.07 3.88 -4.44
CA ALA A 10 -13.09 3.34 -5.78
C ALA A 10 -11.69 2.89 -6.17
N LEU A 11 -10.72 3.74 -5.85
CA LEU A 11 -9.33 3.44 -6.16
C LEU A 11 -8.92 2.14 -5.45
N TYR A 12 -9.12 2.15 -4.14
CA TYR A 12 -8.78 0.98 -3.33
C TYR A 12 -9.41 -0.29 -3.91
N LEU A 13 -10.68 -0.17 -4.26
CA LEU A 13 -11.42 -1.29 -4.81
C LEU A 13 -10.63 -1.86 -6.01
N SER A 14 -10.04 -0.96 -6.77
CA SER A 14 -9.25 -1.36 -7.93
C SER A 14 -7.96 -2.05 -7.48
N MET A 15 -7.33 -1.46 -6.48
CA MET A 15 -6.09 -2.01 -5.95
C MET A 15 -6.27 -3.48 -5.58
N LYS A 16 -7.51 -3.87 -5.40
CA LYS A 16 -7.83 -5.24 -5.04
C LYS A 16 -7.59 -6.16 -6.25
N ASP A 17 -7.96 -5.64 -7.40
CA ASP A 17 -7.80 -6.40 -8.64
C ASP A 17 -6.32 -6.75 -8.82
N PRO A 18 -6.03 -8.07 -8.72
CA PRO A 18 -4.66 -8.55 -8.88
C PRO A 18 -4.23 -8.53 -10.35
N GLU A 19 -5.16 -8.10 -11.19
CA GLU A 19 -4.90 -8.02 -12.62
C GLU A 19 -5.02 -6.58 -13.11
N LYS A 20 -6.16 -5.99 -12.82
CA LYS A 20 -6.42 -4.62 -13.24
C LYS A 20 -6.15 -3.68 -12.06
N GLY A 21 -5.43 -4.21 -11.07
CA GLY A 21 -5.10 -3.43 -9.88
C GLY A 21 -3.65 -3.67 -9.47
N ILE A 22 -3.39 -3.44 -8.19
CA ILE A 22 -2.05 -3.62 -7.65
C ILE A 22 -1.76 -5.12 -7.49
N LYS A 23 -0.52 -5.48 -7.78
CA LYS A 23 -0.10 -6.87 -7.67
C LYS A 23 0.50 -7.11 -6.29
N GLU A 24 0.15 -8.26 -5.73
CA GLU A 24 0.65 -8.64 -4.41
C GLU A 24 1.65 -9.79 -4.53
N LEU A 25 2.91 -9.42 -4.55
CA LEU A 25 3.98 -10.41 -4.65
C LEU A 25 4.40 -10.86 -3.25
N ASN A 26 4.94 -12.06 -3.18
CA ASN A 26 5.39 -12.61 -1.90
C ASN A 26 6.82 -12.15 -1.64
N LEU A 27 7.03 -11.63 -0.43
CA LEU A 27 8.34 -11.16 -0.04
C LEU A 27 8.76 -11.84 1.27
N GLU A 28 9.99 -12.32 1.29
CA GLU A 28 10.52 -12.99 2.46
C GLU A 28 11.62 -12.14 3.11
N LYS A 29 11.21 -11.35 4.09
CA LYS A 29 12.14 -10.49 4.80
C LYS A 29 12.87 -11.31 5.86
N ASP A 30 14.09 -11.71 5.52
CA ASP A 30 14.90 -12.48 6.43
C ASP A 30 14.23 -13.85 6.68
N LYS A 31 13.22 -13.83 7.54
CA LYS A 31 12.49 -15.04 7.86
C LYS A 31 11.00 -14.72 7.98
N LYS A 32 10.60 -13.64 7.29
CA LYS A 32 9.21 -13.22 7.31
C LYS A 32 8.64 -13.32 5.89
N VAL A 33 8.01 -14.45 5.62
CA VAL A 33 7.41 -14.67 4.32
C VAL A 33 6.02 -14.04 4.28
N PHE A 34 6.01 -12.75 3.96
CA PHE A 34 4.76 -12.01 3.88
C PHE A 34 4.01 -12.34 2.60
N ASN A 35 2.96 -13.15 2.76
CA ASN A 35 2.15 -13.55 1.62
C ASN A 35 1.05 -12.51 1.39
N HIS A 36 0.92 -12.11 0.14
CA HIS A 36 -0.09 -11.12 -0.23
C HIS A 36 0.35 -9.73 0.25
N CYS A 37 1.62 -9.44 0.01
CA CYS A 37 2.18 -8.16 0.41
C CYS A 37 2.50 -7.36 -0.86
N LEU A 38 2.62 -6.04 -0.68
CA LEU A 38 2.92 -5.16 -1.80
C LEU A 38 4.26 -4.47 -1.54
N THR A 39 4.34 -3.23 -1.98
CA THR A 39 5.55 -2.45 -1.82
C THR A 39 5.25 -0.95 -1.94
N GLY A 40 5.80 -0.20 -1.01
CA GLY A 40 5.60 1.25 -0.99
C GLY A 40 5.80 1.84 -2.39
N SER A 41 6.92 1.49 -2.99
CA SER A 41 7.25 1.97 -4.32
C SER A 41 6.23 1.43 -5.34
N GLY A 42 6.19 0.11 -5.44
CA GLY A 42 5.26 -0.54 -6.35
C GLY A 42 3.86 0.03 -6.22
N VAL A 43 3.49 0.34 -5.00
CA VAL A 43 2.18 0.91 -4.72
C VAL A 43 2.01 2.21 -5.50
N ILE A 44 3.05 3.03 -5.45
CA ILE A 44 3.05 4.31 -6.14
C ILE A 44 3.26 4.07 -7.63
N ASP A 45 3.93 2.98 -7.94
CA ASP A 45 4.23 2.62 -9.32
C ASP A 45 2.91 2.34 -10.04
N TRP A 46 2.05 1.59 -9.38
CA TRP A 46 0.76 1.23 -9.95
C TRP A 46 -0.03 2.52 -10.17
N LEU A 47 0.20 3.47 -9.27
CA LEU A 47 -0.49 4.75 -9.35
C LEU A 47 -0.07 5.47 -10.64
N VAL A 48 1.24 5.59 -10.81
CA VAL A 48 1.76 6.25 -12.00
C VAL A 48 1.49 5.39 -13.23
N SER A 49 1.74 4.09 -13.06
CA SER A 49 1.53 3.15 -14.15
C SER A 49 0.19 3.43 -14.82
N ASN A 50 -0.86 3.45 -14.01
CA ASN A 50 -2.20 3.70 -14.52
C ASN A 50 -2.38 5.20 -14.75
N LYS A 51 -1.54 5.97 -14.08
CA LYS A 51 -1.60 7.42 -14.20
C LYS A 51 -2.68 7.96 -13.27
N LEU A 52 -2.49 7.72 -11.98
CA LEU A 52 -3.45 8.18 -10.99
C LEU A 52 -3.00 9.54 -10.46
N VAL A 53 -1.72 9.83 -10.65
CA VAL A 53 -1.16 11.10 -10.20
C VAL A 53 -0.36 11.73 -11.33
N ARG A 54 0.30 12.83 -11.01
CA ARG A 54 1.09 13.54 -12.00
C ARG A 54 2.54 13.07 -11.94
N ASN A 55 2.93 12.55 -10.79
CA ASN A 55 4.28 12.05 -10.61
C ASN A 55 4.34 11.20 -9.34
N ARG A 56 5.52 10.67 -9.08
CA ARG A 56 5.72 9.82 -7.91
C ARG A 56 5.38 10.60 -6.63
N GLN A 57 5.75 11.87 -6.63
CA GLN A 57 5.51 12.73 -5.49
C GLN A 57 4.04 12.62 -5.06
N GLU A 58 3.17 13.09 -5.92
CA GLU A 58 1.74 13.06 -5.64
C GLU A 58 1.35 11.71 -5.01
N GLY A 59 1.79 10.64 -5.66
CA GLY A 59 1.50 9.30 -5.18
C GLY A 59 1.97 9.13 -3.73
N LEU A 60 3.23 9.48 -3.51
CA LEU A 60 3.82 9.37 -2.18
C LEU A 60 2.84 9.93 -1.15
N MET A 61 2.29 11.10 -1.46
CA MET A 61 1.33 11.74 -0.57
C MET A 61 0.02 10.96 -0.52
N ILE A 62 -0.58 10.80 -1.69
CA ILE A 62 -1.84 10.07 -1.79
C ILE A 62 -1.71 8.74 -1.05
N SER A 63 -0.68 8.00 -1.42
CA SER A 63 -0.43 6.70 -0.81
C SER A 63 -0.71 6.77 0.70
N ALA A 64 -0.15 7.78 1.33
CA ALA A 64 -0.33 7.98 2.76
C ALA A 64 -1.82 8.01 3.08
N SER A 65 -2.55 8.77 2.27
CA SER A 65 -3.99 8.90 2.46
C SER A 65 -4.64 7.52 2.40
N LEU A 66 -4.09 6.67 1.54
CA LEU A 66 -4.62 5.32 1.39
C LEU A 66 -4.35 4.52 2.66
N LEU A 67 -3.07 4.46 3.02
CA LEU A 67 -2.66 3.73 4.21
C LEU A 67 -3.44 4.26 5.42
N SER A 68 -3.28 5.55 5.68
CA SER A 68 -3.97 6.19 6.79
C SER A 68 -5.39 5.62 6.92
N GLU A 69 -6.19 5.89 5.91
CA GLU A 69 -7.57 5.43 5.90
C GLU A 69 -7.65 4.00 6.45
N GLY A 70 -6.63 3.21 6.10
CA GLY A 70 -6.57 1.83 6.55
C GLY A 70 -6.72 0.86 5.37
N TYR A 71 -6.48 1.40 4.18
CA TYR A 71 -6.58 0.60 2.97
C TYR A 71 -5.33 -0.26 2.79
N LEU A 72 -4.29 0.10 3.51
CA LEU A 72 -3.04 -0.64 3.45
C LEU A 72 -2.45 -0.78 4.86
N GLN A 73 -2.30 -2.03 5.27
CA GLN A 73 -1.76 -2.33 6.58
C GLN A 73 -0.23 -2.48 6.51
N PRO A 74 0.45 -1.99 7.58
CA PRO A 74 1.89 -2.07 7.65
C PRO A 74 2.36 -3.50 7.96
N ALA A 75 3.52 -3.84 7.45
CA ALA A 75 4.09 -5.16 7.66
C ALA A 75 5.61 -5.08 7.66
N GLY A 76 6.20 -5.36 8.81
CA GLY A 76 7.65 -5.30 8.95
C GLY A 76 8.05 -4.43 10.13
N ASP A 77 8.78 -3.36 9.82
CA ASP A 77 9.24 -2.45 10.85
C ASP A 77 9.13 -1.01 10.33
N LEU A 78 9.85 -0.76 9.25
CA LEU A 78 9.84 0.57 8.64
C LEU A 78 8.41 1.12 8.64
N SER A 79 7.58 0.56 7.77
CA SER A 79 6.21 0.98 7.66
C SER A 79 5.61 1.18 9.06
N LYS A 80 5.76 0.16 9.89
CA LYS A 80 5.25 0.22 11.24
C LYS A 80 5.74 1.50 11.92
N ASN A 81 7.05 1.58 12.09
CA ASN A 81 7.65 2.74 12.71
C ASN A 81 7.02 4.01 12.14
N ALA A 82 6.88 4.01 10.82
CA ALA A 82 6.29 5.16 10.13
C ALA A 82 4.96 5.51 10.79
N ALA A 83 4.03 4.57 10.69
CA ALA A 83 2.71 4.76 11.27
C ALA A 83 2.85 5.40 12.65
N ASP A 84 3.84 4.93 13.39
CA ASP A 84 4.09 5.44 14.73
C ASP A 84 4.10 6.97 14.69
N GLY A 85 4.78 7.49 13.68
CA GLY A 85 4.88 8.94 13.52
C GLY A 85 6.01 9.31 12.55
N ILE A 86 7.21 9.41 13.10
CA ILE A 86 8.37 9.76 12.31
C ILE A 86 8.27 11.22 11.87
N ALA A 87 7.14 11.55 11.27
CA ALA A 87 6.90 12.90 10.80
C ALA A 87 5.43 13.07 10.45
N GLU A 88 5.18 13.65 9.28
CA GLU A 88 3.82 13.87 8.83
C GLU A 88 3.52 12.99 7.62
N ASN A 89 4.37 12.00 7.41
CA ASN A 89 4.20 11.08 6.31
C ASN A 89 4.47 9.65 6.78
N PRO A 90 3.36 8.86 6.90
CA PRO A 90 3.48 7.48 7.35
C PRO A 90 4.03 6.59 6.23
N PHE A 91 3.51 6.80 5.03
CA PHE A 91 3.94 6.02 3.88
C PHE A 91 5.39 6.34 3.52
N LEU A 92 6.10 5.31 3.07
CA LEU A 92 7.50 5.47 2.68
C LEU A 92 7.68 4.98 1.25
N ASP A 93 7.97 5.93 0.37
CA ASP A 93 8.18 5.60 -1.03
C ASP A 93 9.46 4.78 -1.19
N SER A 94 9.39 3.55 -0.70
CA SER A 94 10.54 2.66 -0.77
C SER A 94 10.07 1.22 -0.99
N PRO A 95 10.90 0.44 -1.73
CA PRO A 95 10.58 -0.95 -2.00
C PRO A 95 10.81 -1.83 -0.76
N ASP A 96 11.43 -1.23 0.23
CA ASP A 96 11.72 -1.93 1.48
C ASP A 96 10.43 -2.08 2.28
N ALA A 97 9.69 -0.98 2.36
CA ALA A 97 8.44 -0.97 3.09
C ALA A 97 7.42 -1.84 2.36
N PHE A 98 6.79 -2.74 3.11
CA PHE A 98 5.79 -3.62 2.54
C PHE A 98 4.42 -3.39 3.19
N TYR A 99 3.40 -3.39 2.34
CA TYR A 99 2.05 -3.18 2.80
C TYR A 99 1.09 -4.18 2.16
N TYR A 100 0.03 -4.50 2.90
CA TYR A 100 -0.97 -5.44 2.42
C TYR A 100 -2.38 -5.00 2.81
N PHE A 101 -3.34 -5.41 2.00
CA PHE A 101 -4.73 -5.06 2.26
C PHE A 101 -5.28 -5.82 3.46
N PRO A 102 -6.19 -5.15 4.20
CA PRO A 102 -6.79 -5.75 5.38
C PRO A 102 -7.84 -6.79 4.98
N ASP A 103 -7.36 -7.94 4.55
CA ASP A 103 -8.24 -9.02 4.14
C ASP A 103 -7.39 -10.19 3.64
N SER A 104 -6.35 -9.86 2.91
CA SER A 104 -5.45 -10.87 2.36
C SER A 104 -4.25 -11.07 3.29
N GLY A 105 -3.33 -10.12 3.21
CA GLY A 105 -2.14 -10.17 4.03
C GLY A 105 -1.63 -11.61 4.18
N PRO A 106 -0.88 -11.86 5.28
CA PRO A 106 -0.34 -13.18 5.55
C PRO A 106 -1.43 -14.13 6.03
N SER A 107 -2.34 -13.58 6.83
CA SER A 107 -3.44 -14.38 7.36
C SER A 107 -4.32 -14.88 6.23
N SER A 108 -3.99 -16.05 5.73
CA SER A 108 -4.75 -16.66 4.65
C SER A 108 -6.25 -16.61 4.98
N GLY A 109 -6.61 -17.28 6.06
CA GLY A 109 -8.00 -17.33 6.47
C GLY A 109 -8.62 -18.70 6.21
N GLY A 1 -18.96 -3.16 3.76
CA GLY A 1 -18.34 -2.93 2.47
C GLY A 1 -17.19 -1.92 2.57
N SER A 2 -16.79 -1.40 1.43
CA SER A 2 -15.71 -0.42 1.38
C SER A 2 -16.26 0.98 1.67
N SER A 3 -15.75 1.56 2.74
CA SER A 3 -16.17 2.89 3.14
C SER A 3 -14.98 3.68 3.68
N GLY A 4 -15.03 4.99 3.48
CA GLY A 4 -13.96 5.86 3.94
C GLY A 4 -14.06 7.24 3.28
N SER A 5 -13.08 7.52 2.43
CA SER A 5 -13.04 8.79 1.72
C SER A 5 -13.31 8.58 0.23
N SER A 6 -14.33 9.26 -0.25
CA SER A 6 -14.70 9.15 -1.65
C SER A 6 -13.45 9.16 -2.53
N GLY A 7 -13.59 8.61 -3.72
CA GLY A 7 -12.49 8.55 -4.67
C GLY A 7 -11.55 7.39 -4.33
N LEU A 8 -11.00 7.43 -3.12
CA LEU A 8 -10.09 6.39 -2.68
C LEU A 8 -10.79 5.03 -2.76
N GLY A 9 -11.88 4.92 -2.00
CA GLY A 9 -12.64 3.69 -1.98
C GLY A 9 -12.61 2.99 -3.34
N ALA A 10 -13.33 3.59 -4.29
CA ALA A 10 -13.40 3.03 -5.63
C ALA A 10 -11.99 2.68 -6.09
N LEU A 11 -11.05 3.58 -5.82
CA LEU A 11 -9.66 3.36 -6.20
C LEU A 11 -9.15 2.10 -5.52
N TYR A 12 -9.28 2.08 -4.20
CA TYR A 12 -8.83 0.94 -3.42
C TYR A 12 -9.42 -0.37 -3.96
N LEU A 13 -10.71 -0.33 -4.24
CA LEU A 13 -11.40 -1.50 -4.75
C LEU A 13 -10.62 -2.06 -5.94
N SER A 14 -10.16 -1.15 -6.79
CA SER A 14 -9.40 -1.53 -7.97
C SER A 14 -8.12 -2.24 -7.55
N MET A 15 -7.32 -1.54 -6.76
CA MET A 15 -6.06 -2.09 -6.28
C MET A 15 -6.20 -3.58 -5.98
N LYS A 16 -7.33 -3.93 -5.38
CA LYS A 16 -7.60 -5.32 -5.03
C LYS A 16 -7.41 -6.20 -6.26
N ASP A 17 -8.05 -5.78 -7.35
CA ASP A 17 -7.97 -6.52 -8.60
C ASP A 17 -6.50 -6.80 -8.91
N PRO A 18 -6.17 -8.12 -9.00
CA PRO A 18 -4.81 -8.53 -9.30
C PRO A 18 -4.48 -8.33 -10.78
N GLU A 19 -5.50 -7.92 -11.52
CA GLU A 19 -5.34 -7.69 -12.95
C GLU A 19 -5.58 -6.22 -13.27
N LYS A 20 -6.75 -5.73 -12.85
CA LYS A 20 -7.11 -4.34 -13.08
C LYS A 20 -6.69 -3.50 -11.88
N GLY A 21 -5.87 -4.11 -11.03
CA GLY A 21 -5.38 -3.42 -9.85
C GLY A 21 -3.91 -3.76 -9.58
N ILE A 22 -3.53 -3.63 -8.31
CA ILE A 22 -2.16 -3.92 -7.92
C ILE A 22 -1.93 -5.43 -7.96
N LYS A 23 -0.66 -5.78 -8.05
CA LYS A 23 -0.28 -7.19 -8.11
C LYS A 23 -0.19 -7.75 -6.68
N GLU A 24 0.22 -9.00 -6.59
CA GLU A 24 0.36 -9.65 -5.30
C GLU A 24 1.48 -10.70 -5.34
N LEU A 25 2.60 -10.33 -4.75
CA LEU A 25 3.75 -11.21 -4.71
C LEU A 25 4.01 -11.65 -3.27
N ASN A 26 4.84 -12.68 -3.13
CA ASN A 26 5.17 -13.19 -1.82
C ASN A 26 6.50 -12.59 -1.36
N LEU A 27 6.39 -11.47 -0.66
CA LEU A 27 7.57 -10.79 -0.16
C LEU A 27 8.07 -11.49 1.10
N GLU A 28 9.18 -12.19 0.95
CA GLU A 28 9.77 -12.92 2.07
C GLU A 28 11.14 -12.35 2.40
N LYS A 29 11.20 -11.63 3.51
CA LYS A 29 12.45 -11.03 3.95
C LYS A 29 12.39 -10.79 5.46
N ASP A 30 13.44 -11.20 6.14
CA ASP A 30 13.53 -11.02 7.57
C ASP A 30 12.77 -12.17 8.27
N LYS A 31 12.76 -13.31 7.59
CA LYS A 31 12.09 -14.48 8.12
C LYS A 31 10.59 -14.20 8.26
N LYS A 32 9.98 -13.86 7.12
CA LYS A 32 8.57 -13.56 7.10
C LYS A 32 8.13 -13.29 5.66
N VAL A 33 7.16 -14.08 5.22
CA VAL A 33 6.65 -13.94 3.87
C VAL A 33 5.21 -13.40 3.92
N PHE A 34 5.06 -12.18 3.45
CA PHE A 34 3.75 -11.54 3.43
C PHE A 34 3.02 -11.81 2.11
N ASN A 35 2.08 -12.74 2.18
CA ASN A 35 1.31 -13.09 1.00
C ASN A 35 0.27 -11.99 0.72
N HIS A 36 0.31 -11.51 -0.51
CA HIS A 36 -0.61 -10.46 -0.93
C HIS A 36 -0.14 -9.11 -0.37
N CYS A 37 1.18 -8.94 -0.36
CA CYS A 37 1.76 -7.72 0.14
C CYS A 37 2.19 -6.86 -1.05
N LEU A 38 2.60 -5.64 -0.75
CA LEU A 38 3.02 -4.71 -1.78
C LEU A 38 4.26 -3.95 -1.30
N THR A 39 4.44 -2.76 -1.86
CA THR A 39 5.56 -1.92 -1.50
C THR A 39 5.28 -0.46 -1.83
N GLY A 40 5.68 0.41 -0.92
CA GLY A 40 5.47 1.84 -1.11
C GLY A 40 6.01 2.30 -2.47
N SER A 41 7.03 1.60 -2.94
CA SER A 41 7.64 1.91 -4.21
C SER A 41 6.81 1.34 -5.36
N GLY A 42 6.38 0.10 -5.17
CA GLY A 42 5.58 -0.58 -6.17
C GLY A 42 4.17 0.01 -6.23
N VAL A 43 3.55 0.11 -5.05
CA VAL A 43 2.20 0.65 -4.97
C VAL A 43 2.10 1.89 -5.85
N ILE A 44 2.99 2.83 -5.61
CA ILE A 44 3.00 4.06 -6.38
C ILE A 44 3.16 3.74 -7.87
N ASP A 45 4.08 2.83 -8.14
CA ASP A 45 4.33 2.42 -9.51
C ASP A 45 3.00 2.13 -10.21
N TRP A 46 2.11 1.48 -9.46
CA TRP A 46 0.81 1.13 -10.00
C TRP A 46 0.00 2.42 -10.15
N LEU A 47 0.22 3.34 -9.20
CA LEU A 47 -0.48 4.61 -9.22
C LEU A 47 -0.10 5.37 -10.49
N VAL A 48 1.19 5.46 -10.74
CA VAL A 48 1.69 6.15 -11.92
C VAL A 48 1.37 5.32 -13.17
N SER A 49 1.64 4.04 -13.06
CA SER A 49 1.39 3.13 -14.18
C SER A 49 0.03 3.44 -14.80
N ASN A 50 -0.98 3.53 -13.94
CA ASN A 50 -2.33 3.82 -14.38
C ASN A 50 -2.46 5.32 -14.67
N LYS A 51 -1.60 6.09 -14.02
CA LYS A 51 -1.61 7.53 -14.19
C LYS A 51 -2.61 8.15 -13.23
N LEU A 52 -2.58 7.67 -11.99
CA LEU A 52 -3.48 8.16 -10.98
C LEU A 52 -3.03 9.56 -10.54
N VAL A 53 -1.72 9.75 -10.55
CA VAL A 53 -1.16 11.03 -10.17
C VAL A 53 -0.41 11.65 -11.36
N ARG A 54 0.28 12.74 -11.09
CA ARG A 54 1.03 13.42 -12.13
C ARG A 54 2.52 13.07 -12.02
N ASN A 55 2.93 12.73 -10.81
CA ASN A 55 4.32 12.37 -10.57
C ASN A 55 4.38 11.33 -9.45
N ARG A 56 5.58 10.80 -9.24
CA ARG A 56 5.78 9.80 -8.21
C ARG A 56 5.50 10.39 -6.83
N GLN A 57 5.99 11.61 -6.63
CA GLN A 57 5.80 12.29 -5.37
C GLN A 57 4.33 12.27 -4.96
N GLU A 58 3.52 12.95 -5.78
CA GLU A 58 2.09 13.02 -5.52
C GLU A 58 1.58 11.68 -5.01
N GLY A 59 1.94 10.62 -5.73
CA GLY A 59 1.52 9.28 -5.35
C GLY A 59 1.92 8.97 -3.91
N LEU A 60 3.13 9.36 -3.57
CA LEU A 60 3.64 9.12 -2.23
C LEU A 60 2.65 9.69 -1.20
N MET A 61 2.29 10.95 -1.42
CA MET A 61 1.36 11.62 -0.53
C MET A 61 0.01 10.89 -0.50
N ILE A 62 -0.58 10.77 -1.68
CA ILE A 62 -1.87 10.11 -1.81
C ILE A 62 -1.84 8.78 -1.05
N SER A 63 -0.79 8.01 -1.30
CA SER A 63 -0.63 6.72 -0.65
C SER A 63 -0.95 6.85 0.85
N ALA A 64 -0.27 7.79 1.48
CA ALA A 64 -0.47 8.03 2.90
C ALA A 64 -1.97 8.06 3.19
N SER A 65 -2.69 8.78 2.34
CA SER A 65 -4.13 8.90 2.51
C SER A 65 -4.78 7.52 2.47
N LEU A 66 -4.22 6.65 1.64
CA LEU A 66 -4.73 5.30 1.50
C LEU A 66 -4.43 4.52 2.77
N LEU A 67 -3.14 4.44 3.09
CA LEU A 67 -2.71 3.72 4.28
C LEU A 67 -3.48 4.24 5.49
N SER A 68 -3.35 5.53 5.73
CA SER A 68 -4.02 6.16 6.85
C SER A 68 -5.44 5.60 6.98
N GLU A 69 -6.25 5.88 5.98
CA GLU A 69 -7.63 5.42 5.96
C GLU A 69 -7.71 3.99 6.50
N GLY A 70 -6.70 3.21 6.15
CA GLY A 70 -6.65 1.82 6.59
C GLY A 70 -6.82 0.86 5.40
N TYR A 71 -6.44 1.36 4.22
CA TYR A 71 -6.55 0.55 3.01
C TYR A 71 -5.29 -0.29 2.81
N LEU A 72 -4.25 0.07 3.54
CA LEU A 72 -2.98 -0.64 3.44
C LEU A 72 -2.39 -0.82 4.84
N GLN A 73 -2.23 -2.09 5.22
CA GLN A 73 -1.68 -2.40 6.53
C GLN A 73 -0.16 -2.57 6.44
N PRO A 74 0.53 -2.08 7.50
CA PRO A 74 1.98 -2.17 7.56
C PRO A 74 2.43 -3.59 7.87
N ALA A 75 3.56 -3.97 7.30
CA ALA A 75 4.12 -5.29 7.52
C ALA A 75 5.59 -5.18 7.90
N GLY A 76 5.84 -5.28 9.19
CA GLY A 76 7.20 -5.18 9.71
C GLY A 76 7.30 -4.11 10.79
N ASP A 77 8.54 -3.71 11.07
CA ASP A 77 8.78 -2.70 12.07
C ASP A 77 8.96 -1.34 11.39
N LEU A 78 9.54 -1.38 10.20
CA LEU A 78 9.76 -0.16 9.45
C LEU A 78 8.42 0.50 9.13
N SER A 79 7.60 -0.24 8.39
CA SER A 79 6.29 0.26 8.00
C SER A 79 5.50 0.65 9.25
N LYS A 80 5.94 0.11 10.38
CA LYS A 80 5.28 0.40 11.65
C LYS A 80 5.75 1.77 12.17
N ASN A 81 7.04 1.84 12.45
CA ASN A 81 7.62 3.08 12.95
C ASN A 81 7.03 4.26 12.19
N ALA A 82 7.06 4.14 10.86
CA ALA A 82 6.53 5.18 10.00
C ALA A 82 5.11 5.53 10.44
N ALA A 83 4.26 4.50 10.49
CA ALA A 83 2.88 4.69 10.89
C ALA A 83 2.77 4.58 12.40
N ASP A 84 3.65 5.31 13.08
CA ASP A 84 3.66 5.30 14.53
C ASP A 84 3.78 6.74 15.04
N GLY A 85 4.87 7.38 14.65
CA GLY A 85 5.12 8.76 15.06
C GLY A 85 6.41 9.29 14.42
N ILE A 86 6.66 8.85 13.20
CA ILE A 86 7.83 9.28 12.48
C ILE A 86 7.70 10.76 12.11
N ALA A 87 6.71 11.05 11.29
CA ALA A 87 6.47 12.40 10.85
C ALA A 87 5.01 12.54 10.41
N GLU A 88 4.80 13.34 9.37
CA GLU A 88 3.46 13.56 8.86
C GLU A 88 3.16 12.58 7.71
N ASN A 89 4.23 11.95 7.23
CA ASN A 89 4.09 11.00 6.14
C ASN A 89 4.32 9.59 6.68
N PRO A 90 3.18 8.87 6.89
CA PRO A 90 3.24 7.51 7.40
C PRO A 90 3.70 6.54 6.31
N PHE A 91 3.54 6.96 5.07
CA PHE A 91 3.93 6.14 3.93
C PHE A 91 5.39 6.39 3.56
N LEU A 92 6.06 5.31 3.19
CA LEU A 92 7.46 5.39 2.80
C LEU A 92 7.61 4.91 1.35
N ASP A 93 7.89 5.86 0.47
CA ASP A 93 8.07 5.56 -0.94
C ASP A 93 9.35 4.75 -1.12
N SER A 94 9.33 3.52 -0.60
CA SER A 94 10.47 2.65 -0.70
C SER A 94 10.02 1.21 -0.96
N PRO A 95 10.88 0.45 -1.70
CA PRO A 95 10.57 -0.93 -2.03
C PRO A 95 10.77 -1.84 -0.80
N ASP A 96 11.35 -1.26 0.23
CA ASP A 96 11.59 -2.00 1.46
C ASP A 96 10.29 -2.13 2.24
N ALA A 97 9.61 -1.00 2.39
CA ALA A 97 8.36 -0.97 3.12
C ALA A 97 7.34 -1.86 2.41
N PHE A 98 6.68 -2.69 3.19
CA PHE A 98 5.68 -3.60 2.64
C PHE A 98 4.30 -3.31 3.23
N TYR A 99 3.29 -3.46 2.39
CA TYR A 99 1.91 -3.23 2.82
C TYR A 99 0.97 -4.26 2.20
N TYR A 100 -0.08 -4.56 2.95
CA TYR A 100 -1.07 -5.53 2.50
C TYR A 100 -2.48 -5.10 2.90
N PHE A 101 -3.43 -5.41 2.03
CA PHE A 101 -4.81 -5.06 2.27
C PHE A 101 -5.36 -5.82 3.49
N PRO A 102 -6.23 -5.11 4.26
CA PRO A 102 -6.83 -5.70 5.44
C PRO A 102 -7.93 -6.69 5.07
N ASP A 103 -7.50 -7.87 4.63
CA ASP A 103 -8.43 -8.90 4.24
C ASP A 103 -7.65 -10.10 3.70
N SER A 104 -6.60 -9.80 2.95
CA SER A 104 -5.77 -10.84 2.37
C SER A 104 -4.53 -11.06 3.24
N GLY A 105 -3.53 -10.22 3.03
CA GLY A 105 -2.29 -10.32 3.79
C GLY A 105 -1.80 -11.77 3.83
N PRO A 106 -0.91 -12.03 4.84
CA PRO A 106 -0.35 -13.36 5.01
C PRO A 106 -1.38 -14.31 5.62
N SER A 107 -1.11 -15.60 5.48
CA SER A 107 -2.00 -16.61 6.03
C SER A 107 -3.16 -16.86 5.07
N SER A 108 -3.59 -18.11 4.99
CA SER A 108 -4.68 -18.48 4.13
C SER A 108 -5.87 -18.98 4.96
N GLY A 109 -5.62 -20.03 5.72
CA GLY A 109 -6.65 -20.60 6.57
C GLY A 109 -6.03 -21.48 7.66
N GLY A 1 -20.98 3.65 -1.57
CA GLY A 1 -19.54 3.52 -1.71
C GLY A 1 -18.96 2.65 -0.60
N SER A 2 -17.81 2.06 -0.90
CA SER A 2 -17.13 1.19 0.06
C SER A 2 -17.21 1.81 1.46
N SER A 3 -16.82 3.08 1.54
CA SER A 3 -16.84 3.79 2.80
C SER A 3 -16.70 5.29 2.56
N GLY A 4 -16.82 6.05 3.64
CA GLY A 4 -16.72 7.49 3.56
C GLY A 4 -15.34 7.91 3.05
N SER A 5 -15.29 8.26 1.77
CA SER A 5 -14.05 8.68 1.16
C SER A 5 -14.34 9.39 -0.17
N SER A 6 -15.05 8.68 -1.04
CA SER A 6 -15.40 9.23 -2.34
C SER A 6 -14.13 9.48 -3.15
N GLY A 7 -13.61 8.40 -3.72
CA GLY A 7 -12.40 8.48 -4.53
C GLY A 7 -11.44 7.34 -4.18
N LEU A 8 -10.95 7.38 -2.95
CA LEU A 8 -10.02 6.36 -2.48
C LEU A 8 -10.69 4.98 -2.58
N GLY A 9 -11.81 4.85 -1.90
CA GLY A 9 -12.55 3.59 -1.90
C GLY A 9 -12.48 2.93 -3.28
N ALA A 10 -13.21 3.52 -4.22
CA ALA A 10 -13.25 3.00 -5.57
C ALA A 10 -11.84 2.61 -6.00
N LEU A 11 -10.90 3.51 -5.75
CA LEU A 11 -9.51 3.27 -6.10
C LEU A 11 -9.02 2.00 -5.41
N TYR A 12 -9.16 1.98 -4.09
CA TYR A 12 -8.74 0.83 -3.31
C TYR A 12 -9.35 -0.46 -3.85
N LEU A 13 -10.65 -0.39 -4.13
CA LEU A 13 -11.37 -1.53 -4.65
C LEU A 13 -10.63 -2.08 -5.87
N SER A 14 -10.05 -1.16 -6.63
CA SER A 14 -9.31 -1.53 -7.84
C SER A 14 -8.02 -2.26 -7.45
N MET A 15 -7.31 -1.66 -6.50
CA MET A 15 -6.05 -2.23 -6.03
C MET A 15 -6.23 -3.71 -5.66
N LYS A 16 -7.49 -4.08 -5.41
CA LYS A 16 -7.80 -5.44 -5.04
C LYS A 16 -7.70 -6.34 -6.28
N ASP A 17 -8.06 -5.76 -7.42
CA ASP A 17 -8.01 -6.49 -8.68
C ASP A 17 -6.56 -6.90 -8.97
N PRO A 18 -6.34 -8.25 -9.03
CA PRO A 18 -5.01 -8.77 -9.29
C PRO A 18 -4.64 -8.61 -10.77
N GLU A 19 -5.58 -8.07 -11.53
CA GLU A 19 -5.38 -7.85 -12.95
C GLU A 19 -5.54 -6.37 -13.29
N LYS A 20 -6.67 -5.82 -12.89
CA LYS A 20 -6.96 -4.43 -13.15
C LYS A 20 -6.60 -3.60 -11.90
N GLY A 21 -5.73 -4.16 -11.09
CA GLY A 21 -5.30 -3.49 -9.88
C GLY A 21 -3.80 -3.71 -9.63
N ILE A 22 -3.41 -3.59 -8.36
CA ILE A 22 -2.02 -3.77 -7.98
C ILE A 22 -1.65 -5.25 -8.15
N LYS A 23 -0.35 -5.48 -8.26
CA LYS A 23 0.16 -6.84 -8.41
C LYS A 23 0.25 -7.50 -7.04
N GLU A 24 0.77 -8.72 -7.04
CA GLU A 24 0.92 -9.47 -5.81
C GLU A 24 2.08 -10.46 -5.92
N LEU A 25 3.19 -10.09 -5.31
CA LEU A 25 4.38 -10.93 -5.33
C LEU A 25 4.80 -11.25 -3.89
N ASN A 26 5.62 -12.29 -3.78
CA ASN A 26 6.11 -12.72 -2.48
C ASN A 26 7.50 -12.13 -2.24
N LEU A 27 7.59 -11.32 -1.21
CA LEU A 27 8.86 -10.69 -0.86
C LEU A 27 9.39 -11.30 0.44
N GLU A 28 10.56 -11.91 0.33
CA GLU A 28 11.18 -12.55 1.49
C GLU A 28 12.35 -11.68 2.00
N LYS A 29 12.07 -10.94 3.05
CA LYS A 29 13.07 -10.07 3.64
C LYS A 29 13.69 -10.77 4.84
N ASP A 30 13.11 -10.53 6.01
CA ASP A 30 13.59 -11.13 7.24
C ASP A 30 12.86 -12.44 7.48
N LYS A 31 13.34 -13.49 6.81
CA LYS A 31 12.74 -14.80 6.95
C LYS A 31 11.21 -14.66 7.00
N LYS A 32 10.73 -13.64 6.33
CA LYS A 32 9.29 -13.38 6.30
C LYS A 32 8.81 -13.45 4.85
N VAL A 33 8.04 -14.50 4.58
CA VAL A 33 7.50 -14.69 3.24
C VAL A 33 6.17 -13.96 3.12
N PHE A 34 6.26 -12.65 2.95
CA PHE A 34 5.07 -11.83 2.82
C PHE A 34 4.39 -12.06 1.47
N ASN A 35 3.31 -12.84 1.52
CA ASN A 35 2.57 -13.15 0.32
C ASN A 35 1.47 -12.11 0.12
N HIS A 36 1.02 -11.99 -1.12
CA HIS A 36 -0.02 -11.04 -1.46
C HIS A 36 0.24 -9.72 -0.72
N CYS A 37 1.46 -9.23 -0.86
CA CYS A 37 1.84 -7.98 -0.22
C CYS A 37 2.35 -7.03 -1.30
N LEU A 38 2.37 -5.75 -0.95
CA LEU A 38 2.81 -4.72 -1.88
C LEU A 38 4.03 -4.00 -1.28
N THR A 39 4.19 -2.74 -1.67
CA THR A 39 5.29 -1.94 -1.19
C THR A 39 5.13 -0.48 -1.63
N GLY A 40 5.62 0.41 -0.80
CA GLY A 40 5.55 1.83 -1.09
C GLY A 40 5.72 2.09 -2.59
N SER A 41 6.83 1.58 -3.12
CA SER A 41 7.13 1.76 -4.53
C SER A 41 6.02 1.14 -5.38
N GLY A 42 6.03 -0.19 -5.43
CA GLY A 42 5.03 -0.92 -6.20
C GLY A 42 3.67 -0.21 -6.14
N VAL A 43 3.29 0.16 -4.92
CA VAL A 43 2.03 0.84 -4.72
C VAL A 43 1.95 2.07 -5.63
N ILE A 44 2.85 3.01 -5.36
CA ILE A 44 2.90 4.23 -6.15
C ILE A 44 3.10 3.88 -7.63
N ASP A 45 3.92 2.87 -7.85
CA ASP A 45 4.22 2.43 -9.20
C ASP A 45 2.91 2.16 -9.94
N TRP A 46 1.98 1.55 -9.22
CA TRP A 46 0.68 1.22 -9.79
C TRP A 46 -0.04 2.54 -10.11
N LEU A 47 0.13 3.49 -9.20
CA LEU A 47 -0.50 4.79 -9.36
C LEU A 47 0.03 5.45 -10.64
N VAL A 48 1.34 5.64 -10.68
CA VAL A 48 1.97 6.25 -11.83
C VAL A 48 1.75 5.36 -13.06
N SER A 49 1.90 4.06 -12.85
CA SER A 49 1.71 3.10 -13.92
C SER A 49 0.41 3.39 -14.67
N ASN A 50 -0.67 3.44 -13.90
CA ASN A 50 -1.98 3.70 -14.47
C ASN A 50 -2.15 5.21 -14.66
N LYS A 51 -1.29 5.97 -13.99
CA LYS A 51 -1.35 7.41 -14.07
C LYS A 51 -2.47 7.93 -13.17
N LEU A 52 -2.31 7.68 -11.88
CA LEU A 52 -3.30 8.11 -10.90
C LEU A 52 -2.90 9.48 -10.35
N VAL A 53 -1.67 9.88 -10.67
CA VAL A 53 -1.16 11.16 -10.22
C VAL A 53 -0.38 11.82 -11.35
N ARG A 54 0.26 12.94 -11.02
CA ARG A 54 1.04 13.67 -12.00
C ARG A 54 2.50 13.22 -11.98
N ASN A 55 2.90 12.68 -10.82
CA ASN A 55 4.26 12.20 -10.66
C ASN A 55 4.32 11.28 -9.43
N ARG A 56 5.48 10.66 -9.26
CA ARG A 56 5.69 9.76 -8.13
C ARG A 56 5.37 10.47 -6.82
N GLN A 57 5.83 11.71 -6.73
CA GLN A 57 5.61 12.51 -5.54
C GLN A 57 4.13 12.46 -5.13
N GLU A 58 3.29 13.01 -5.99
CA GLU A 58 1.86 13.04 -5.73
C GLU A 58 1.41 11.70 -5.14
N GLY A 59 1.82 10.63 -5.79
CA GLY A 59 1.46 9.30 -5.35
C GLY A 59 1.90 9.07 -3.90
N LEU A 60 3.11 9.52 -3.59
CA LEU A 60 3.66 9.37 -2.26
C LEU A 60 2.66 9.95 -1.25
N MET A 61 2.25 11.19 -1.51
CA MET A 61 1.30 11.86 -0.64
C MET A 61 -0.03 11.12 -0.59
N ILE A 62 -0.57 10.88 -1.78
CA ILE A 62 -1.84 10.18 -1.89
C ILE A 62 -1.75 8.85 -1.16
N SER A 63 -0.72 8.09 -1.51
CA SER A 63 -0.51 6.78 -0.89
C SER A 63 -0.84 6.86 0.61
N ALA A 64 -0.27 7.86 1.25
CA ALA A 64 -0.47 8.05 2.67
C ALA A 64 -1.98 8.04 2.96
N SER A 65 -2.71 8.80 2.17
CA SER A 65 -4.16 8.89 2.34
C SER A 65 -4.76 7.48 2.35
N LEU A 66 -4.21 6.63 1.49
CA LEU A 66 -4.69 5.26 1.39
C LEU A 66 -4.30 4.50 2.65
N LEU A 67 -3.01 4.52 2.95
CA LEU A 67 -2.50 3.84 4.13
C LEU A 67 -3.27 4.31 5.36
N SER A 68 -3.19 5.61 5.60
CA SER A 68 -3.87 6.20 6.74
C SER A 68 -5.24 5.55 6.92
N GLU A 69 -6.12 5.80 5.96
CA GLU A 69 -7.46 5.24 6.01
C GLU A 69 -7.43 3.82 6.56
N GLY A 70 -6.34 3.12 6.25
CA GLY A 70 -6.18 1.75 6.71
C GLY A 70 -6.30 0.76 5.55
N TYR A 71 -6.48 1.33 4.36
CA TYR A 71 -6.61 0.51 3.17
C TYR A 71 -5.39 -0.38 2.96
N LEU A 72 -4.33 -0.02 3.68
CA LEU A 72 -3.09 -0.78 3.59
C LEU A 72 -2.54 -1.03 5.00
N GLN A 73 -2.19 -2.28 5.25
CA GLN A 73 -1.65 -2.66 6.56
C GLN A 73 -0.14 -2.81 6.48
N PRO A 74 0.55 -2.17 7.47
CA PRO A 74 2.01 -2.23 7.52
C PRO A 74 2.48 -3.60 8.02
N ALA A 75 3.61 -4.03 7.45
CA ALA A 75 4.17 -5.32 7.83
C ALA A 75 5.68 -5.15 8.10
N GLY A 76 6.09 -5.63 9.26
CA GLY A 76 7.48 -5.55 9.65
C GLY A 76 7.66 -4.64 10.87
N ASP A 77 8.05 -3.40 10.60
CA ASP A 77 8.26 -2.42 11.66
C ASP A 77 8.51 -1.05 11.03
N LEU A 78 9.38 -1.03 10.03
CA LEU A 78 9.71 0.20 9.35
C LEU A 78 8.43 0.99 9.06
N SER A 79 7.84 0.68 7.91
CA SER A 79 6.60 1.35 7.52
C SER A 79 5.70 1.55 8.73
N LYS A 80 5.81 0.61 9.67
CA LYS A 80 5.00 0.68 10.88
C LYS A 80 5.37 1.93 11.67
N ASN A 81 6.66 2.05 11.95
CA ASN A 81 7.16 3.19 12.70
C ASN A 81 6.63 4.48 12.06
N ALA A 82 6.30 4.38 10.79
CA ALA A 82 5.78 5.52 10.05
C ALA A 82 4.35 5.81 10.51
N ALA A 83 3.54 4.76 10.48
CA ALA A 83 2.14 4.88 10.88
C ALA A 83 2.01 4.55 12.37
N ASP A 84 3.10 4.79 13.10
CA ASP A 84 3.13 4.52 14.53
C ASP A 84 2.89 5.83 15.29
N GLY A 85 3.14 6.93 14.60
CA GLY A 85 2.96 8.24 15.19
C GLY A 85 3.87 9.28 14.53
N ILE A 86 4.91 8.76 13.88
CA ILE A 86 5.87 9.62 13.21
C ILE A 86 5.13 10.78 12.53
N ALA A 87 4.22 10.40 11.63
CA ALA A 87 3.43 11.38 10.91
C ALA A 87 4.33 12.11 9.92
N GLU A 88 3.73 13.06 9.20
CA GLU A 88 4.46 13.84 8.21
C GLU A 88 4.65 13.02 6.93
N ASN A 89 4.27 11.75 7.02
CA ASN A 89 4.39 10.86 5.88
C ASN A 89 4.53 9.41 6.37
N PRO A 90 3.35 8.76 6.59
CA PRO A 90 3.33 7.39 7.05
C PRO A 90 3.71 6.42 5.94
N PHE A 91 3.63 6.92 4.71
CA PHE A 91 3.97 6.11 3.55
C PHE A 91 5.38 6.41 3.06
N LEU A 92 6.15 5.34 2.91
CA LEU A 92 7.53 5.46 2.46
C LEU A 92 7.61 5.06 0.98
N ASP A 93 7.97 6.04 0.17
CA ASP A 93 8.09 5.80 -1.26
C ASP A 93 9.37 5.00 -1.54
N SER A 94 9.43 3.82 -0.94
CA SER A 94 10.59 2.95 -1.12
C SER A 94 10.13 1.51 -1.37
N PRO A 95 11.02 0.74 -2.05
CA PRO A 95 10.71 -0.65 -2.35
C PRO A 95 10.85 -1.53 -1.10
N ASP A 96 11.19 -0.88 0.00
CA ASP A 96 11.37 -1.59 1.26
C ASP A 96 10.02 -1.66 1.97
N ALA A 97 9.51 -0.50 2.35
CA ALA A 97 8.23 -0.42 3.04
C ALA A 97 7.22 -1.32 2.33
N PHE A 98 6.97 -2.47 2.95
CA PHE A 98 6.02 -3.41 2.39
C PHE A 98 4.68 -3.34 3.11
N TYR A 99 3.63 -3.18 2.31
CA TYR A 99 2.28 -3.09 2.86
C TYR A 99 1.37 -4.16 2.26
N TYR A 100 0.33 -4.50 3.01
CA TYR A 100 -0.62 -5.50 2.56
C TYR A 100 -2.05 -5.14 2.99
N PHE A 101 -2.99 -5.48 2.13
CA PHE A 101 -4.39 -5.19 2.41
C PHE A 101 -4.87 -5.94 3.65
N PRO A 102 -5.84 -5.31 4.37
CA PRO A 102 -6.39 -5.90 5.58
C PRO A 102 -7.33 -7.05 5.24
N ASP A 103 -7.45 -7.33 3.95
CA ASP A 103 -8.31 -8.40 3.49
C ASP A 103 -7.51 -9.36 2.61
N SER A 104 -6.21 -9.39 2.85
CA SER A 104 -5.31 -10.25 2.09
C SER A 104 -3.88 -10.12 2.62
N GLY A 105 -3.11 -11.17 2.39
CA GLY A 105 -1.72 -11.20 2.83
C GLY A 105 -1.22 -12.63 2.95
N PRO A 106 -0.25 -12.82 3.89
CA PRO A 106 0.33 -14.13 4.12
C PRO A 106 -0.64 -15.03 4.89
N SER A 107 -1.11 -14.51 6.02
CA SER A 107 -2.04 -15.25 6.85
C SER A 107 -1.33 -16.47 7.46
N SER A 108 -1.25 -16.46 8.78
CA SER A 108 -0.62 -17.55 9.50
C SER A 108 0.87 -17.61 9.15
N GLY A 109 1.16 -18.26 8.03
CA GLY A 109 2.53 -18.39 7.57
C GLY A 109 2.92 -19.87 7.45
N GLY A 1 -22.33 2.65 -2.38
CA GLY A 1 -21.55 2.79 -1.16
C GLY A 1 -20.38 1.79 -1.14
N SER A 2 -19.47 2.01 -0.20
CA SER A 2 -18.31 1.15 -0.07
C SER A 2 -17.62 1.41 1.28
N SER A 3 -17.25 2.67 1.48
CA SER A 3 -16.59 3.06 2.71
C SER A 3 -16.36 4.57 2.73
N GLY A 4 -15.99 5.07 3.90
CA GLY A 4 -15.76 6.49 4.06
C GLY A 4 -14.48 6.92 3.35
N SER A 5 -14.64 7.89 2.45
CA SER A 5 -13.51 8.39 1.68
C SER A 5 -14.01 9.23 0.51
N SER A 6 -15.04 8.71 -0.14
CA SER A 6 -15.62 9.40 -1.28
C SER A 6 -14.53 9.76 -2.30
N GLY A 7 -13.98 8.72 -2.92
CA GLY A 7 -12.93 8.91 -3.90
C GLY A 7 -11.90 7.78 -3.83
N LEU A 8 -11.14 7.77 -2.75
CA LEU A 8 -10.12 6.76 -2.55
C LEU A 8 -10.77 5.36 -2.68
N GLY A 9 -11.88 5.21 -1.97
CA GLY A 9 -12.61 3.95 -1.99
C GLY A 9 -12.53 3.29 -3.37
N ALA A 10 -13.37 3.81 -4.28
CA ALA A 10 -13.41 3.29 -5.63
C ALA A 10 -11.98 3.00 -6.11
N LEU A 11 -11.10 3.96 -5.84
CA LEU A 11 -9.71 3.83 -6.24
C LEU A 11 -9.13 2.57 -5.63
N TYR A 12 -9.28 2.47 -4.31
CA TYR A 12 -8.77 1.31 -3.58
C TYR A 12 -9.32 0.01 -4.17
N LEU A 13 -10.63 0.01 -4.40
CA LEU A 13 -11.28 -1.16 -4.96
C LEU A 13 -10.49 -1.66 -6.17
N SER A 14 -10.00 -0.72 -6.95
CA SER A 14 -9.23 -1.05 -8.13
C SER A 14 -7.92 -1.71 -7.73
N MET A 15 -7.19 -1.04 -6.85
CA MET A 15 -5.91 -1.57 -6.38
C MET A 15 -6.03 -3.06 -6.05
N LYS A 16 -7.24 -3.47 -5.72
CA LYS A 16 -7.49 -4.85 -5.38
C LYS A 16 -7.27 -5.73 -6.61
N ASP A 17 -7.85 -5.30 -7.72
CA ASP A 17 -7.73 -6.03 -8.97
C ASP A 17 -6.26 -6.32 -9.24
N PRO A 18 -5.93 -7.63 -9.25
CA PRO A 18 -4.56 -8.07 -9.49
C PRO A 18 -4.20 -7.93 -10.98
N GLU A 19 -5.19 -7.51 -11.75
CA GLU A 19 -4.99 -7.35 -13.18
C GLU A 19 -5.19 -5.88 -13.57
N LYS A 20 -6.35 -5.36 -13.20
CA LYS A 20 -6.67 -3.97 -13.51
C LYS A 20 -6.30 -3.09 -12.32
N GLY A 21 -5.55 -3.67 -11.40
CA GLY A 21 -5.11 -2.96 -10.21
C GLY A 21 -3.67 -3.31 -9.85
N ILE A 22 -3.36 -3.13 -8.57
CA ILE A 22 -2.02 -3.43 -8.09
C ILE A 22 -1.78 -4.94 -8.14
N LYS A 23 -0.51 -5.31 -8.18
CA LYS A 23 -0.14 -6.72 -8.23
C LYS A 23 -0.06 -7.27 -6.80
N GLU A 24 0.26 -8.55 -6.71
CA GLU A 24 0.38 -9.21 -5.42
C GLU A 24 1.46 -10.28 -5.48
N LEU A 25 2.61 -9.96 -4.90
CA LEU A 25 3.73 -10.89 -4.87
C LEU A 25 4.08 -11.21 -3.42
N ASN A 26 4.85 -12.27 -3.26
CA ASN A 26 5.28 -12.70 -1.93
C ASN A 26 6.72 -12.25 -1.69
N LEU A 27 6.87 -11.38 -0.69
CA LEU A 27 8.18 -10.86 -0.35
C LEU A 27 8.58 -11.37 1.03
N GLU A 28 9.78 -11.00 1.44
CA GLU A 28 10.30 -11.41 2.74
C GLU A 28 11.14 -10.30 3.36
N LYS A 29 11.53 -10.52 4.61
CA LYS A 29 12.34 -9.54 5.32
C LYS A 29 13.33 -10.28 6.22
N ASP A 30 12.78 -10.94 7.23
CA ASP A 30 13.62 -11.68 8.18
C ASP A 30 13.41 -13.19 7.95
N LYS A 31 12.17 -13.62 8.15
CA LYS A 31 11.84 -15.03 7.99
C LYS A 31 10.31 -15.18 7.97
N LYS A 32 9.67 -14.28 7.24
CA LYS A 32 8.21 -14.30 7.14
C LYS A 32 7.81 -14.05 5.68
N VAL A 33 7.46 -15.13 5.00
CA VAL A 33 7.05 -15.05 3.61
C VAL A 33 5.75 -14.26 3.52
N PHE A 34 5.90 -12.94 3.42
CA PHE A 34 4.74 -12.06 3.33
C PHE A 34 4.05 -12.21 1.97
N ASN A 35 2.92 -12.91 1.99
CA ASN A 35 2.16 -13.13 0.77
C ASN A 35 1.18 -11.96 0.56
N HIS A 36 0.78 -11.80 -0.69
CA HIS A 36 -0.15 -10.73 -1.03
C HIS A 36 0.27 -9.44 -0.31
N CYS A 37 1.34 -8.85 -0.81
CA CYS A 37 1.84 -7.62 -0.23
C CYS A 37 2.26 -6.68 -1.37
N LEU A 38 2.52 -5.43 -1.01
CA LEU A 38 2.93 -4.44 -1.99
C LEU A 38 4.28 -3.85 -1.57
N THR A 39 4.51 -2.62 -2.00
CA THR A 39 5.75 -1.93 -1.69
C THR A 39 5.59 -0.43 -1.90
N GLY A 40 6.09 0.34 -0.93
CA GLY A 40 6.02 1.78 -1.00
C GLY A 40 6.22 2.27 -2.44
N SER A 41 7.25 1.75 -3.07
CA SER A 41 7.56 2.13 -4.44
C SER A 41 6.52 1.53 -5.39
N GLY A 42 6.24 0.26 -5.19
CA GLY A 42 5.27 -0.44 -6.02
C GLY A 42 3.92 0.27 -5.98
N VAL A 43 3.43 0.50 -4.78
CA VAL A 43 2.15 1.17 -4.59
C VAL A 43 2.06 2.34 -5.55
N ILE A 44 3.07 3.19 -5.51
CA ILE A 44 3.11 4.36 -6.37
C ILE A 44 3.26 3.91 -7.82
N ASP A 45 4.18 2.98 -8.02
CA ASP A 45 4.44 2.45 -9.36
C ASP A 45 3.12 2.27 -10.09
N TRP A 46 2.17 1.66 -9.39
CA TRP A 46 0.86 1.41 -9.97
C TRP A 46 0.23 2.77 -10.32
N LEU A 47 0.11 3.61 -9.31
CA LEU A 47 -0.47 4.93 -9.49
C LEU A 47 0.16 5.58 -10.73
N VAL A 48 1.47 5.45 -10.83
CA VAL A 48 2.20 6.02 -11.94
C VAL A 48 1.93 5.19 -13.21
N SER A 49 1.69 3.91 -12.99
CA SER A 49 1.40 3.00 -14.08
C SER A 49 0.02 3.30 -14.68
N ASN A 50 -0.94 3.44 -13.78
CA ASN A 50 -2.30 3.73 -14.18
C ASN A 50 -2.45 5.23 -14.45
N LYS A 51 -1.55 6.00 -13.85
CA LYS A 51 -1.56 7.44 -14.01
C LYS A 51 -2.58 8.05 -13.05
N LEU A 52 -2.67 7.45 -11.88
CA LEU A 52 -3.59 7.92 -10.86
C LEU A 52 -3.13 9.28 -10.34
N VAL A 53 -1.85 9.55 -10.55
CA VAL A 53 -1.27 10.80 -10.11
C VAL A 53 -0.50 11.44 -11.27
N ARG A 54 0.20 12.52 -10.96
CA ARG A 54 0.98 13.24 -11.96
C ARG A 54 2.44 12.79 -11.91
N ASN A 55 2.86 12.35 -10.73
CA ASN A 55 4.22 11.91 -10.54
C ASN A 55 4.32 11.11 -9.23
N ARG A 56 5.37 10.31 -9.14
CA ARG A 56 5.59 9.50 -7.95
C ARG A 56 5.26 10.30 -6.69
N GLN A 57 5.77 11.53 -6.67
CA GLN A 57 5.54 12.41 -5.53
C GLN A 57 4.07 12.35 -5.09
N GLU A 58 3.21 12.77 -6.00
CA GLU A 58 1.78 12.76 -5.72
C GLU A 58 1.36 11.43 -5.09
N GLY A 59 1.80 10.35 -5.73
CA GLY A 59 1.48 9.02 -5.25
C GLY A 59 1.92 8.84 -3.79
N LEU A 60 3.11 9.35 -3.50
CA LEU A 60 3.65 9.26 -2.15
C LEU A 60 2.64 9.81 -1.16
N MET A 61 2.16 11.00 -1.45
CA MET A 61 1.18 11.65 -0.59
C MET A 61 -0.15 10.87 -0.57
N ILE A 62 -0.64 10.60 -1.77
CA ILE A 62 -1.89 9.86 -1.90
C ILE A 62 -1.78 8.53 -1.15
N SER A 63 -0.63 7.88 -1.33
CA SER A 63 -0.39 6.61 -0.68
C SER A 63 -0.70 6.72 0.82
N ALA A 64 -0.12 7.74 1.44
CA ALA A 64 -0.34 7.95 2.86
C ALA A 64 -1.84 8.07 3.14
N SER A 65 -2.50 8.86 2.31
CA SER A 65 -3.94 9.06 2.44
C SER A 65 -4.65 7.71 2.41
N LEU A 66 -4.12 6.80 1.60
CA LEU A 66 -4.70 5.48 1.48
C LEU A 66 -4.42 4.68 2.75
N LEU A 67 -3.13 4.55 3.05
CA LEU A 67 -2.71 3.82 4.24
C LEU A 67 -3.46 4.34 5.45
N SER A 68 -3.33 5.65 5.67
CA SER A 68 -3.99 6.29 6.79
C SER A 68 -5.39 5.71 6.98
N GLU A 69 -6.24 5.98 6.02
CA GLU A 69 -7.61 5.49 6.06
C GLU A 69 -7.64 4.05 6.57
N GLY A 70 -6.60 3.32 6.23
CA GLY A 70 -6.49 1.93 6.65
C GLY A 70 -6.67 0.99 5.46
N TYR A 71 -6.42 1.52 4.27
CA TYR A 71 -6.54 0.75 3.06
C TYR A 71 -5.31 -0.13 2.83
N LEU A 72 -4.24 0.23 3.54
CA LEU A 72 -3.00 -0.51 3.43
C LEU A 72 -2.45 -0.80 4.83
N GLN A 73 -2.33 -2.08 5.14
CA GLN A 73 -1.84 -2.51 6.43
C GLN A 73 -0.32 -2.72 6.38
N PRO A 74 0.36 -2.27 7.47
CA PRO A 74 1.80 -2.42 7.55
C PRO A 74 2.20 -3.86 7.84
N ALA A 75 3.31 -4.28 7.23
CA ALA A 75 3.80 -5.63 7.42
C ALA A 75 5.30 -5.58 7.73
N GLY A 76 5.62 -5.80 8.99
CA GLY A 76 7.00 -5.79 9.43
C GLY A 76 7.20 -4.79 10.57
N ASP A 77 8.41 -4.23 10.62
CA ASP A 77 8.74 -3.26 11.65
C ASP A 77 8.87 -1.88 11.02
N LEU A 78 9.57 -1.84 9.90
CA LEU A 78 9.77 -0.59 9.18
C LEU A 78 8.43 0.15 9.06
N SER A 79 7.58 -0.40 8.20
CA SER A 79 6.27 0.20 7.99
C SER A 79 5.63 0.57 9.33
N LYS A 80 5.62 -0.39 10.23
CA LYS A 80 5.05 -0.18 11.55
C LYS A 80 5.52 1.17 12.09
N ASN A 81 6.83 1.31 12.21
CA ASN A 81 7.40 2.55 12.70
C ASN A 81 6.86 3.73 11.89
N ALA A 82 6.85 3.54 10.58
CA ALA A 82 6.36 4.57 9.67
C ALA A 82 5.00 5.06 10.16
N ALA A 83 4.08 4.11 10.30
CA ALA A 83 2.74 4.44 10.76
C ALA A 83 2.68 4.32 12.28
N ASP A 84 3.58 5.05 12.93
CA ASP A 84 3.64 5.05 14.38
C ASP A 84 3.80 6.49 14.89
N GLY A 85 4.87 7.12 14.44
CA GLY A 85 5.16 8.49 14.84
C GLY A 85 6.50 8.96 14.27
N ILE A 86 6.76 8.55 13.05
CA ILE A 86 8.00 8.91 12.38
C ILE A 86 7.98 10.42 12.08
N ALA A 87 7.10 10.79 11.16
CA ALA A 87 6.98 12.19 10.77
C ALA A 87 5.52 12.48 10.40
N GLU A 88 5.36 13.35 9.42
CA GLU A 88 4.03 13.72 8.97
C GLU A 88 3.61 12.84 7.78
N ASN A 89 4.40 11.81 7.55
CA ASN A 89 4.12 10.89 6.46
C ASN A 89 4.32 9.46 6.95
N PRO A 90 3.18 8.72 7.07
CA PRO A 90 3.21 7.34 7.52
C PRO A 90 3.75 6.42 6.43
N PHE A 91 3.45 6.79 5.20
CA PHE A 91 3.89 6.01 4.05
C PHE A 91 5.34 6.32 3.69
N LEU A 92 6.05 5.29 3.23
CA LEU A 92 7.44 5.45 2.86
C LEU A 92 7.63 4.98 1.41
N ASP A 93 7.91 5.94 0.54
CA ASP A 93 8.12 5.65 -0.86
C ASP A 93 9.41 4.85 -1.03
N SER A 94 9.36 3.60 -0.56
CA SER A 94 10.51 2.72 -0.65
C SER A 94 10.07 1.31 -1.04
N PRO A 95 10.95 0.61 -1.80
CA PRO A 95 10.66 -0.74 -2.25
C PRO A 95 10.80 -1.73 -1.10
N ASP A 96 11.30 -1.23 0.03
CA ASP A 96 11.49 -2.07 1.21
C ASP A 96 10.17 -2.18 1.96
N ALA A 97 9.65 -1.04 2.38
CA ALA A 97 8.40 -1.00 3.11
C ALA A 97 7.35 -1.83 2.36
N PHE A 98 6.72 -2.72 3.12
CA PHE A 98 5.70 -3.59 2.55
C PHE A 98 4.33 -3.31 3.16
N TYR A 99 3.30 -3.46 2.35
CA TYR A 99 1.94 -3.24 2.80
C TYR A 99 0.95 -4.16 2.07
N TYR A 100 -0.21 -4.32 2.69
CA TYR A 100 -1.24 -5.17 2.11
C TYR A 100 -2.63 -4.65 2.46
N PHE A 101 -3.63 -5.27 1.84
CA PHE A 101 -5.02 -4.87 2.07
C PHE A 101 -5.62 -5.68 3.23
N PRO A 102 -6.47 -4.98 4.03
CA PRO A 102 -7.12 -5.61 5.16
C PRO A 102 -8.26 -6.52 4.71
N ASP A 103 -7.87 -7.64 4.09
CA ASP A 103 -8.84 -8.60 3.61
C ASP A 103 -8.11 -9.80 3.01
N SER A 104 -7.03 -9.50 2.31
CA SER A 104 -6.23 -10.56 1.69
C SER A 104 -4.97 -10.82 2.53
N GLY A 105 -4.04 -9.90 2.44
CA GLY A 105 -2.78 -10.03 3.17
C GLY A 105 -2.26 -11.46 3.11
N PRO A 106 -1.35 -11.78 4.07
CA PRO A 106 -0.76 -13.11 4.13
C PRO A 106 -1.76 -14.13 4.68
N SER A 107 -1.60 -15.37 4.23
CA SER A 107 -2.48 -16.44 4.67
C SER A 107 -1.79 -17.28 5.75
N SER A 108 -2.59 -17.76 6.68
CA SER A 108 -2.07 -18.57 7.77
C SER A 108 -2.54 -20.02 7.61
N GLY A 109 -1.63 -20.86 7.14
CA GLY A 109 -1.94 -22.26 6.93
C GLY A 109 -0.82 -23.15 7.48
N GLY A 1 -21.64 -1.23 2.98
CA GLY A 1 -20.83 -2.24 2.30
C GLY A 1 -19.38 -1.75 2.14
N SER A 2 -19.03 -1.47 0.90
CA SER A 2 -17.70 -0.99 0.59
C SER A 2 -17.61 0.52 0.81
N SER A 3 -17.03 0.89 1.93
CA SER A 3 -16.87 2.30 2.27
C SER A 3 -15.84 2.95 1.35
N GLY A 4 -16.00 4.25 1.15
CA GLY A 4 -15.08 5.00 0.30
C GLY A 4 -14.91 6.43 0.80
N SER A 5 -13.77 7.02 0.45
CA SER A 5 -13.48 8.37 0.86
C SER A 5 -13.58 9.32 -0.33
N SER A 6 -14.45 8.94 -1.26
CA SER A 6 -14.66 9.75 -2.46
C SER A 6 -13.36 9.79 -3.28
N GLY A 7 -13.17 8.75 -4.08
CA GLY A 7 -12.00 8.66 -4.93
C GLY A 7 -11.10 7.49 -4.49
N LEU A 8 -10.72 7.52 -3.23
CA LEU A 8 -9.87 6.48 -2.69
C LEU A 8 -10.57 5.12 -2.82
N GLY A 9 -11.72 5.03 -2.16
CA GLY A 9 -12.50 3.80 -2.20
C GLY A 9 -12.38 3.12 -3.56
N ALA A 10 -12.97 3.75 -4.56
CA ALA A 10 -12.93 3.21 -5.91
C ALA A 10 -11.49 2.84 -6.27
N LEU A 11 -10.58 3.72 -5.89
CA LEU A 11 -9.17 3.50 -6.16
C LEU A 11 -8.71 2.21 -5.46
N TYR A 12 -9.03 2.13 -4.18
CA TYR A 12 -8.66 0.97 -3.39
C TYR A 12 -9.24 -0.31 -4.00
N LEU A 13 -10.53 -0.26 -4.29
CA LEU A 13 -11.21 -1.39 -4.88
C LEU A 13 -10.35 -1.98 -6.01
N SER A 14 -9.81 -1.08 -6.82
CA SER A 14 -8.96 -1.48 -7.92
C SER A 14 -7.73 -2.22 -7.41
N MET A 15 -6.96 -1.52 -6.60
CA MET A 15 -5.75 -2.09 -6.02
C MET A 15 -5.98 -3.54 -5.61
N LYS A 16 -7.14 -3.80 -5.04
CA LYS A 16 -7.50 -5.13 -4.60
C LYS A 16 -7.34 -6.11 -5.76
N ASP A 17 -7.85 -5.69 -6.92
CA ASP A 17 -7.77 -6.52 -8.12
C ASP A 17 -6.32 -6.94 -8.34
N PRO A 18 -6.09 -8.29 -8.32
CA PRO A 18 -4.76 -8.83 -8.52
C PRO A 18 -4.35 -8.75 -9.99
N GLU A 19 -5.29 -8.28 -10.81
CA GLU A 19 -5.04 -8.15 -12.23
C GLU A 19 -5.23 -6.70 -12.67
N LYS A 20 -6.38 -6.15 -12.33
CA LYS A 20 -6.70 -4.78 -12.68
C LYS A 20 -6.30 -3.86 -11.54
N GLY A 21 -5.48 -4.40 -10.64
CA GLY A 21 -5.02 -3.64 -9.50
C GLY A 21 -3.52 -3.86 -9.25
N ILE A 22 -3.14 -3.70 -7.99
CA ILE A 22 -1.74 -3.89 -7.62
C ILE A 22 -1.41 -5.38 -7.62
N LYS A 23 -0.12 -5.67 -7.76
CA LYS A 23 0.34 -7.05 -7.78
C LYS A 23 0.30 -7.61 -6.37
N GLU A 24 0.73 -8.86 -6.25
CA GLU A 24 0.75 -9.52 -4.96
C GLU A 24 1.88 -10.56 -4.91
N LEU A 25 2.99 -10.16 -4.32
CA LEU A 25 4.14 -11.04 -4.21
C LEU A 25 4.54 -11.16 -2.74
N ASN A 26 5.37 -12.17 -2.46
CA ASN A 26 5.83 -12.41 -1.11
C ASN A 26 7.11 -11.62 -0.86
N LEU A 27 7.12 -10.91 0.26
CA LEU A 27 8.27 -10.11 0.62
C LEU A 27 8.55 -10.27 2.12
N GLU A 28 9.55 -11.09 2.41
CA GLU A 28 9.93 -11.34 3.80
C GLU A 28 11.11 -10.46 4.19
N LYS A 29 11.22 -10.23 5.49
CA LYS A 29 12.29 -9.40 6.02
C LYS A 29 13.30 -10.30 6.75
N ASP A 30 12.81 -11.44 7.22
CA ASP A 30 13.65 -12.38 7.94
C ASP A 30 12.81 -13.56 8.39
N LYS A 31 12.62 -14.51 7.48
CA LYS A 31 11.82 -15.68 7.78
C LYS A 31 10.34 -15.36 7.64
N LYS A 32 9.93 -14.29 8.31
CA LYS A 32 8.54 -13.86 8.27
C LYS A 32 8.18 -13.49 6.83
N VAL A 33 7.56 -14.45 6.15
CA VAL A 33 7.15 -14.24 4.77
C VAL A 33 5.79 -13.54 4.75
N PHE A 34 5.74 -12.44 4.01
CA PHE A 34 4.51 -11.66 3.89
C PHE A 34 3.88 -11.84 2.51
N ASN A 35 2.85 -12.67 2.47
CA ASN A 35 2.16 -12.94 1.22
C ASN A 35 1.19 -11.78 0.93
N HIS A 36 0.75 -11.73 -0.32
CA HIS A 36 -0.17 -10.68 -0.75
C HIS A 36 0.23 -9.36 -0.09
N CYS A 37 1.40 -8.88 -0.47
CA CYS A 37 1.91 -7.63 0.07
C CYS A 37 2.27 -6.71 -1.11
N LEU A 38 2.55 -5.46 -0.78
CA LEU A 38 2.90 -4.49 -1.79
C LEU A 38 4.21 -3.80 -1.40
N THR A 39 4.39 -2.59 -1.89
CA THR A 39 5.58 -1.83 -1.60
C THR A 39 5.35 -0.33 -1.89
N GLY A 40 5.61 0.47 -0.88
CA GLY A 40 5.44 1.92 -1.01
C GLY A 40 6.06 2.42 -2.31
N SER A 41 7.05 1.69 -2.78
CA SER A 41 7.74 2.05 -4.01
C SER A 41 6.96 1.53 -5.23
N GLY A 42 6.52 0.28 -5.11
CA GLY A 42 5.77 -0.34 -6.19
C GLY A 42 4.36 0.26 -6.28
N VAL A 43 3.72 0.37 -5.13
CA VAL A 43 2.37 0.92 -5.08
C VAL A 43 2.31 2.19 -5.93
N ILE A 44 3.19 3.12 -5.63
CA ILE A 44 3.24 4.37 -6.36
C ILE A 44 3.41 4.07 -7.85
N ASP A 45 4.20 3.05 -8.14
CA ASP A 45 4.44 2.65 -9.52
C ASP A 45 3.11 2.28 -10.18
N TRP A 46 2.25 1.66 -9.39
CA TRP A 46 0.94 1.24 -9.88
C TRP A 46 0.08 2.49 -10.06
N LEU A 47 0.38 3.50 -9.24
CA LEU A 47 -0.35 4.75 -9.30
C LEU A 47 -0.03 5.47 -10.62
N VAL A 48 1.25 5.57 -10.89
CA VAL A 48 1.70 6.22 -12.11
C VAL A 48 1.39 5.33 -13.31
N SER A 49 1.55 4.03 -13.10
CA SER A 49 1.30 3.06 -14.16
C SER A 49 -0.09 3.30 -14.76
N ASN A 50 -1.07 3.40 -13.87
CA ASN A 50 -2.44 3.62 -14.29
C ASN A 50 -2.65 5.12 -14.55
N LYS A 51 -1.71 5.90 -14.07
CA LYS A 51 -1.78 7.35 -14.24
C LYS A 51 -2.80 7.92 -13.26
N LEU A 52 -2.57 7.65 -11.99
CA LEU A 52 -3.46 8.14 -10.95
C LEU A 52 -3.00 9.52 -10.49
N VAL A 53 -1.75 9.81 -10.77
CA VAL A 53 -1.17 11.09 -10.40
C VAL A 53 -0.38 11.66 -11.58
N ARG A 54 0.30 12.77 -11.32
CA ARG A 54 1.10 13.41 -12.35
C ARG A 54 2.56 13.02 -12.21
N ASN A 55 2.95 12.68 -10.99
CA ASN A 55 4.31 12.28 -10.71
C ASN A 55 4.32 11.28 -9.55
N ARG A 56 5.47 10.64 -9.37
CA ARG A 56 5.63 9.67 -8.30
C ARG A 56 5.33 10.32 -6.95
N GLN A 57 5.89 11.51 -6.77
CA GLN A 57 5.70 12.24 -5.53
C GLN A 57 4.22 12.23 -5.13
N GLU A 58 3.41 12.85 -5.97
CA GLU A 58 1.98 12.91 -5.71
C GLU A 58 1.49 11.59 -5.12
N GLY A 59 1.88 10.51 -5.77
CA GLY A 59 1.48 9.18 -5.33
C GLY A 59 1.90 8.94 -3.88
N LEU A 60 3.14 9.32 -3.59
CA LEU A 60 3.68 9.16 -2.24
C LEU A 60 2.71 9.75 -1.23
N MET A 61 2.36 11.02 -1.46
CA MET A 61 1.44 11.71 -0.57
C MET A 61 0.09 11.00 -0.52
N ILE A 62 -0.50 10.84 -1.69
CA ILE A 62 -1.80 10.19 -1.80
C ILE A 62 -1.77 8.88 -1.00
N SER A 63 -0.79 8.05 -1.33
CA SER A 63 -0.64 6.77 -0.66
C SER A 63 -0.95 6.92 0.83
N ALA A 64 -0.26 7.87 1.45
CA ALA A 64 -0.46 8.13 2.87
C ALA A 64 -1.95 8.09 3.19
N SER A 65 -2.70 8.89 2.44
CA SER A 65 -4.14 8.96 2.63
C SER A 65 -4.74 7.55 2.64
N LEU A 66 -4.29 6.75 1.69
CA LEU A 66 -4.77 5.38 1.58
C LEU A 66 -4.36 4.59 2.82
N LEU A 67 -3.05 4.58 3.06
CA LEU A 67 -2.52 3.87 4.21
C LEU A 67 -3.29 4.29 5.47
N SER A 68 -3.20 5.57 5.77
CA SER A 68 -3.88 6.12 6.93
C SER A 68 -5.26 5.48 7.08
N GLU A 69 -6.11 5.75 6.10
CA GLU A 69 -7.46 5.21 6.10
C GLU A 69 -7.45 3.77 6.61
N GLY A 70 -6.37 3.07 6.29
CA GLY A 70 -6.23 1.68 6.71
C GLY A 70 -6.32 0.73 5.51
N TYR A 71 -6.58 1.32 4.35
CA TYR A 71 -6.70 0.55 3.13
C TYR A 71 -5.48 -0.35 2.93
N LEU A 72 -4.40 0.00 3.63
CA LEU A 72 -3.17 -0.77 3.55
C LEU A 72 -2.67 -1.06 4.96
N GLN A 73 -2.49 -2.34 5.24
CA GLN A 73 -2.01 -2.77 6.54
C GLN A 73 -0.50 -3.00 6.51
N PRO A 74 0.19 -2.41 7.52
CA PRO A 74 1.63 -2.54 7.62
C PRO A 74 2.02 -3.93 8.11
N ALA A 75 3.12 -4.43 7.56
CA ALA A 75 3.62 -5.74 7.93
C ALA A 75 5.12 -5.66 8.20
N GLY A 76 5.49 -5.90 9.46
CA GLY A 76 6.88 -5.86 9.86
C GLY A 76 7.07 -4.93 11.06
N ASP A 77 7.98 -3.98 10.89
CA ASP A 77 8.27 -3.02 11.95
C ASP A 77 8.47 -1.63 11.34
N LEU A 78 9.30 -1.59 10.31
CA LEU A 78 9.59 -0.35 9.62
C LEU A 78 8.27 0.41 9.36
N SER A 79 7.49 -0.14 8.44
CA SER A 79 6.21 0.47 8.10
C SER A 79 5.43 0.78 9.38
N LYS A 80 5.23 -0.25 10.18
CA LYS A 80 4.50 -0.10 11.42
C LYS A 80 5.00 1.15 12.16
N ASN A 81 6.32 1.22 12.29
CA ASN A 81 6.93 2.35 12.96
C ASN A 81 6.64 3.63 12.18
N ALA A 82 6.51 3.47 10.87
CA ALA A 82 6.24 4.60 10.01
C ALA A 82 4.82 5.12 10.28
N ALA A 83 3.99 4.22 10.77
CA ALA A 83 2.61 4.56 11.08
C ALA A 83 2.48 4.87 12.57
N ASP A 84 3.39 4.29 13.34
CA ASP A 84 3.40 4.49 14.78
C ASP A 84 3.30 5.98 15.08
N GLY A 85 4.34 6.71 14.71
CA GLY A 85 4.38 8.14 14.94
C GLY A 85 5.76 8.71 14.61
N ILE A 86 6.16 8.53 13.35
CA ILE A 86 7.45 9.02 12.90
C ILE A 86 7.36 10.53 12.64
N ALA A 87 6.79 10.87 11.50
CA ALA A 87 6.63 12.26 11.13
C ALA A 87 5.19 12.52 10.71
N GLU A 88 5.04 13.36 9.69
CA GLU A 88 3.72 13.70 9.19
C GLU A 88 3.33 12.76 8.04
N ASN A 89 4.34 12.10 7.50
CA ASN A 89 4.13 11.17 6.40
C ASN A 89 4.35 9.73 6.90
N PRO A 90 3.22 8.99 7.04
CA PRO A 90 3.28 7.62 7.50
C PRO A 90 3.79 6.68 6.40
N PHE A 91 3.46 7.05 5.17
CA PHE A 91 3.89 6.26 4.02
C PHE A 91 5.36 6.53 3.68
N LEU A 92 6.03 5.49 3.25
CA LEU A 92 7.44 5.61 2.88
C LEU A 92 7.63 5.11 1.45
N ASP A 93 7.91 6.06 0.57
CA ASP A 93 8.11 5.74 -0.84
C ASP A 93 9.39 4.91 -0.99
N SER A 94 9.31 3.67 -0.53
CA SER A 94 10.45 2.78 -0.61
C SER A 94 9.98 1.34 -0.86
N PRO A 95 10.82 0.57 -1.59
CA PRO A 95 10.50 -0.81 -1.89
C PRO A 95 10.68 -1.70 -0.67
N ASP A 96 11.06 -1.08 0.43
CA ASP A 96 11.26 -1.81 1.68
C ASP A 96 9.95 -1.85 2.45
N ALA A 97 9.37 -0.67 2.64
CA ALA A 97 8.12 -0.56 3.37
C ALA A 97 7.07 -1.44 2.69
N PHE A 98 6.76 -2.56 3.34
CA PHE A 98 5.77 -3.49 2.81
C PHE A 98 4.39 -3.22 3.41
N TYR A 99 3.37 -3.50 2.62
CA TYR A 99 2.00 -3.30 3.05
C TYR A 99 1.06 -4.30 2.39
N TYR A 100 0.00 -4.63 3.11
CA TYR A 100 -0.99 -5.57 2.60
C TYR A 100 -2.40 -5.14 2.97
N PHE A 101 -3.34 -5.49 2.09
CA PHE A 101 -4.73 -5.14 2.32
C PHE A 101 -5.30 -5.88 3.52
N PRO A 102 -6.30 -5.25 4.18
CA PRO A 102 -6.94 -5.84 5.34
C PRO A 102 -7.89 -6.96 4.92
N ASP A 103 -7.32 -7.98 4.29
CA ASP A 103 -8.09 -9.12 3.84
C ASP A 103 -7.16 -10.14 3.19
N SER A 104 -6.20 -9.63 2.45
CA SER A 104 -5.23 -10.49 1.78
C SER A 104 -3.88 -10.41 2.48
N GLY A 105 -3.24 -11.56 2.59
CA GLY A 105 -1.93 -11.63 3.23
C GLY A 105 -1.65 -13.03 3.77
N PRO A 106 -0.75 -13.09 4.79
CA PRO A 106 -0.40 -14.36 5.39
C PRO A 106 -1.52 -14.87 6.31
N SER A 107 -1.52 -16.17 6.52
CA SER A 107 -2.51 -16.79 7.38
C SER A 107 -2.32 -18.30 7.41
N SER A 108 -1.75 -18.77 8.51
CA SER A 108 -1.50 -20.19 8.68
C SER A 108 -2.78 -20.90 9.12
N GLY A 109 -3.40 -20.34 10.15
CA GLY A 109 -4.63 -20.90 10.69
C GLY A 109 -4.41 -21.46 12.09
N GLY A 1 -15.20 -1.54 3.10
CA GLY A 1 -16.27 -1.10 2.23
C GLY A 1 -15.85 0.13 1.41
N SER A 2 -16.84 0.95 1.09
CA SER A 2 -16.57 2.15 0.31
C SER A 2 -17.59 3.23 0.68
N SER A 3 -17.31 3.92 1.77
CA SER A 3 -18.19 4.97 2.24
C SER A 3 -17.37 6.06 2.95
N GLY A 4 -17.89 7.28 2.91
CA GLY A 4 -17.22 8.40 3.54
C GLY A 4 -15.99 8.82 2.75
N SER A 5 -15.08 7.86 2.57
CA SER A 5 -13.85 8.11 1.83
C SER A 5 -14.15 9.02 0.64
N SER A 6 -15.16 8.64 -0.13
CA SER A 6 -15.54 9.39 -1.30
C SER A 6 -14.30 9.80 -2.10
N GLY A 7 -13.68 8.81 -2.71
CA GLY A 7 -12.48 9.04 -3.50
C GLY A 7 -11.52 7.86 -3.41
N LEU A 8 -11.02 7.64 -2.20
CA LEU A 8 -10.09 6.54 -1.97
C LEU A 8 -10.78 5.21 -2.30
N GLY A 9 -11.91 5.00 -1.66
CA GLY A 9 -12.68 3.79 -1.88
C GLY A 9 -12.56 3.31 -3.33
N ALA A 10 -13.26 4.02 -4.20
CA ALA A 10 -13.24 3.69 -5.62
C ALA A 10 -11.81 3.38 -6.05
N LEU A 11 -10.89 4.21 -5.58
CA LEU A 11 -9.48 4.03 -5.90
C LEU A 11 -9.01 2.68 -5.38
N TYR A 12 -9.30 2.43 -4.11
CA TYR A 12 -8.91 1.18 -3.48
C TYR A 12 -9.53 -0.02 -4.21
N LEU A 13 -10.84 0.07 -4.42
CA LEU A 13 -11.56 -0.99 -5.09
C LEU A 13 -10.67 -1.58 -6.20
N SER A 14 -9.98 -0.70 -6.89
CA SER A 14 -9.09 -1.11 -7.96
C SER A 14 -7.84 -1.77 -7.39
N MET A 15 -7.08 -0.97 -6.65
CA MET A 15 -5.86 -1.47 -6.04
C MET A 15 -6.10 -2.78 -5.30
N LYS A 16 -7.35 -2.97 -4.92
CA LYS A 16 -7.74 -4.18 -4.19
C LYS A 16 -8.20 -5.23 -5.19
N ASP A 17 -7.71 -5.11 -6.42
CA ASP A 17 -8.07 -6.04 -7.47
C ASP A 17 -6.79 -6.65 -8.05
N PRO A 18 -6.68 -8.00 -7.90
CA PRO A 18 -5.53 -8.72 -8.41
C PRO A 18 -5.58 -8.87 -9.93
N GLU A 19 -6.63 -8.29 -10.51
CA GLU A 19 -6.82 -8.34 -11.95
C GLU A 19 -6.62 -6.95 -12.55
N LYS A 20 -7.38 -6.00 -12.03
CA LYS A 20 -7.29 -4.63 -12.52
C LYS A 20 -6.78 -3.73 -11.39
N GLY A 21 -5.92 -4.30 -10.56
CA GLY A 21 -5.34 -3.57 -9.45
C GLY A 21 -3.88 -3.91 -9.26
N ILE A 22 -3.35 -3.56 -8.09
CA ILE A 22 -1.97 -3.83 -7.77
C ILE A 22 -1.72 -5.35 -7.81
N LYS A 23 -0.45 -5.71 -7.86
CA LYS A 23 -0.08 -7.11 -7.90
C LYS A 23 0.32 -7.57 -6.49
N GLU A 24 0.03 -8.83 -6.22
CA GLU A 24 0.35 -9.41 -4.93
C GLU A 24 1.52 -10.39 -5.04
N LEU A 25 2.54 -10.15 -4.23
CA LEU A 25 3.72 -11.00 -4.24
C LEU A 25 4.17 -11.24 -2.80
N ASN A 26 4.85 -12.37 -2.62
CA ASN A 26 5.35 -12.73 -1.30
C ASN A 26 6.67 -12.01 -1.03
N LEU A 27 6.79 -11.49 0.18
CA LEU A 27 8.00 -10.77 0.57
C LEU A 27 8.48 -11.30 1.93
N GLU A 28 9.53 -12.10 1.87
CA GLU A 28 10.09 -12.67 3.08
C GLU A 28 11.47 -12.06 3.36
N LYS A 29 11.63 -11.58 4.58
CA LYS A 29 12.88 -10.96 4.99
C LYS A 29 13.02 -11.06 6.51
N ASP A 30 14.25 -11.30 6.94
CA ASP A 30 14.52 -11.42 8.38
C ASP A 30 14.05 -12.79 8.87
N LYS A 31 12.74 -12.94 8.90
CA LYS A 31 12.14 -14.20 9.35
C LYS A 31 10.62 -14.06 9.35
N LYS A 32 10.08 -13.69 8.20
CA LYS A 32 8.65 -13.52 8.06
C LYS A 32 8.30 -13.30 6.59
N VAL A 33 7.46 -14.19 6.07
CA VAL A 33 7.05 -14.11 4.68
C VAL A 33 5.62 -13.56 4.61
N PHE A 34 5.53 -12.27 4.31
CA PHE A 34 4.25 -11.61 4.21
C PHE A 34 3.56 -11.95 2.89
N ASN A 35 2.61 -12.87 2.97
CA ASN A 35 1.87 -13.30 1.79
C ASN A 35 0.98 -12.15 1.31
N HIS A 36 0.90 -12.01 -0.01
CA HIS A 36 0.10 -10.97 -0.60
C HIS A 36 0.47 -9.62 0.01
N CYS A 37 1.61 -9.10 -0.42
CA CYS A 37 2.08 -7.82 0.08
C CYS A 37 2.45 -6.94 -1.11
N LEU A 38 2.72 -5.68 -0.82
CA LEU A 38 3.09 -4.72 -1.85
C LEU A 38 4.33 -3.96 -1.42
N THR A 39 4.44 -2.74 -1.93
CA THR A 39 5.58 -1.88 -1.60
C THR A 39 5.26 -0.43 -1.91
N GLY A 40 5.65 0.45 -0.99
CA GLY A 40 5.41 1.87 -1.15
C GLY A 40 6.02 2.38 -2.45
N SER A 41 7.06 1.69 -2.90
CA SER A 41 7.74 2.08 -4.12
C SER A 41 6.98 1.51 -5.33
N GLY A 42 6.50 0.28 -5.16
CA GLY A 42 5.76 -0.38 -6.23
C GLY A 42 4.34 0.18 -6.35
N VAL A 43 3.70 0.31 -5.19
CA VAL A 43 2.33 0.83 -5.15
C VAL A 43 2.27 2.11 -5.98
N ILE A 44 3.14 3.06 -5.64
CA ILE A 44 3.18 4.33 -6.33
C ILE A 44 3.34 4.08 -7.84
N ASP A 45 4.02 2.99 -8.15
CA ASP A 45 4.25 2.62 -9.53
C ASP A 45 2.92 2.32 -10.21
N TRP A 46 2.09 1.56 -9.50
CA TRP A 46 0.78 1.19 -10.02
C TRP A 46 -0.05 2.47 -10.14
N LEU A 47 0.25 3.43 -9.27
CA LEU A 47 -0.46 4.69 -9.28
C LEU A 47 -0.12 5.45 -10.57
N VAL A 48 1.16 5.54 -10.84
CA VAL A 48 1.63 6.25 -12.03
C VAL A 48 1.31 5.39 -13.26
N SER A 49 1.57 4.10 -13.14
CA SER A 49 1.32 3.18 -14.23
C SER A 49 -0.06 3.45 -14.83
N ASN A 50 -1.05 3.51 -13.96
CA ASN A 50 -2.41 3.76 -14.39
C ASN A 50 -2.59 5.25 -14.70
N LYS A 51 -1.71 6.04 -14.10
CA LYS A 51 -1.76 7.48 -14.29
C LYS A 51 -2.76 8.10 -13.32
N LEU A 52 -2.56 7.78 -12.04
CA LEU A 52 -3.43 8.30 -11.00
C LEU A 52 -2.95 9.67 -10.56
N VAL A 53 -1.64 9.86 -10.68
CA VAL A 53 -1.04 11.14 -10.30
C VAL A 53 -0.21 11.67 -11.46
N ARG A 54 0.51 12.75 -11.20
CA ARG A 54 1.34 13.37 -12.21
C ARG A 54 2.79 12.88 -12.07
N ASN A 55 3.14 12.51 -10.85
CA ASN A 55 4.49 12.03 -10.57
C ASN A 55 4.45 11.11 -9.35
N ARG A 56 5.43 10.21 -9.29
CA ARG A 56 5.52 9.28 -8.19
C ARG A 56 5.30 10.00 -6.85
N GLN A 57 5.97 11.14 -6.72
CA GLN A 57 5.85 11.94 -5.51
C GLN A 57 4.39 12.03 -5.08
N GLU A 58 3.58 12.64 -5.93
CA GLU A 58 2.17 12.80 -5.65
C GLU A 58 1.59 11.52 -5.05
N GLY A 59 1.93 10.41 -5.67
CA GLY A 59 1.46 9.11 -5.21
C GLY A 59 1.87 8.87 -3.75
N LEU A 60 3.09 9.27 -3.44
CA LEU A 60 3.61 9.10 -2.09
C LEU A 60 2.62 9.71 -1.09
N MET A 61 2.32 10.99 -1.29
CA MET A 61 1.40 11.70 -0.42
C MET A 61 0.04 11.01 -0.41
N ILE A 62 -0.53 10.85 -1.60
CA ILE A 62 -1.82 10.22 -1.74
C ILE A 62 -1.82 8.89 -0.97
N SER A 63 -0.85 8.05 -1.30
CA SER A 63 -0.73 6.76 -0.65
C SER A 63 -1.09 6.89 0.83
N ALA A 64 -0.38 7.77 1.50
CA ALA A 64 -0.61 7.99 2.92
C ALA A 64 -2.11 8.01 3.19
N SER A 65 -2.81 8.82 2.43
CA SER A 65 -4.26 8.94 2.57
C SER A 65 -4.89 7.55 2.57
N LEU A 66 -4.39 6.69 1.69
CA LEU A 66 -4.90 5.34 1.58
C LEU A 66 -4.54 4.56 2.85
N LEU A 67 -3.25 4.53 3.14
CA LEU A 67 -2.76 3.83 4.32
C LEU A 67 -3.52 4.32 5.55
N SER A 68 -3.45 5.63 5.77
CA SER A 68 -4.12 6.24 6.90
C SER A 68 -5.47 5.58 7.13
N GLU A 69 -6.37 5.79 6.17
CA GLU A 69 -7.71 5.22 6.25
C GLU A 69 -7.64 3.79 6.78
N GLY A 70 -6.60 3.09 6.35
CA GLY A 70 -6.41 1.71 6.77
C GLY A 70 -6.53 0.75 5.58
N TYR A 71 -6.54 1.34 4.39
CA TYR A 71 -6.64 0.55 3.17
C TYR A 71 -5.39 -0.30 2.96
N LEU A 72 -4.31 0.14 3.55
CA LEU A 72 -3.04 -0.57 3.43
C LEU A 72 -2.46 -0.82 4.83
N GLN A 73 -2.35 -2.09 5.18
CA GLN A 73 -1.82 -2.47 6.47
C GLN A 73 -0.30 -2.58 6.41
N PRO A 74 0.36 -2.09 7.48
CA PRO A 74 1.82 -2.13 7.57
C PRO A 74 2.31 -3.55 7.87
N ALA A 75 3.46 -3.86 7.30
CA ALA A 75 4.05 -5.18 7.51
C ALA A 75 5.56 -5.03 7.75
N GLY A 76 5.93 -5.13 9.01
CA GLY A 76 7.33 -5.00 9.39
C GLY A 76 7.66 -3.56 9.81
N ASP A 77 8.83 -3.41 10.40
CA ASP A 77 9.28 -2.10 10.84
C ASP A 77 9.25 -1.13 9.66
N LEU A 78 9.82 0.04 9.89
CA LEU A 78 9.87 1.07 8.86
C LEU A 78 8.46 1.64 8.65
N SER A 79 7.64 0.86 7.97
CA SER A 79 6.27 1.27 7.70
C SER A 79 5.50 1.43 9.01
N LYS A 80 5.60 0.42 9.85
CA LYS A 80 4.93 0.43 11.14
C LYS A 80 5.36 1.67 11.92
N ASN A 81 6.67 1.80 12.07
CA ASN A 81 7.23 2.94 12.79
C ASN A 81 6.59 4.22 12.28
N ALA A 82 6.20 4.19 11.01
CA ALA A 82 5.58 5.35 10.40
C ALA A 82 4.24 5.63 11.08
N ALA A 83 3.34 4.67 10.96
CA ALA A 83 2.02 4.80 11.56
C ALA A 83 2.17 5.18 13.04
N ASP A 84 3.33 4.86 13.58
CA ASP A 84 3.62 5.15 14.98
C ASP A 84 3.23 6.60 15.27
N GLY A 85 3.94 7.52 14.64
CA GLY A 85 3.68 8.93 14.81
C GLY A 85 4.91 9.77 14.45
N ILE A 86 5.54 9.39 13.36
CA ILE A 86 6.72 10.09 12.89
C ILE A 86 6.34 11.52 12.52
N ALA A 87 5.77 11.66 11.33
CA ALA A 87 5.36 12.97 10.85
C ALA A 87 3.97 12.86 10.22
N GLU A 88 3.78 13.61 9.15
CA GLU A 88 2.51 13.60 8.44
C GLU A 88 2.58 12.71 7.21
N ASN A 89 3.67 11.95 7.13
CA ASN A 89 3.87 11.05 6.01
C ASN A 89 4.20 9.65 6.54
N PRO A 90 3.12 8.87 6.81
CA PRO A 90 3.27 7.53 7.33
C PRO A 90 3.73 6.57 6.22
N PHE A 91 3.45 6.97 4.99
CA PHE A 91 3.82 6.16 3.84
C PHE A 91 5.28 6.42 3.43
N LEU A 92 6.02 5.33 3.28
CA LEU A 92 7.41 5.43 2.90
C LEU A 92 7.57 5.01 1.44
N ASP A 93 7.87 5.99 0.60
CA ASP A 93 8.04 5.75 -0.82
C ASP A 93 9.31 4.92 -1.03
N SER A 94 9.24 3.67 -0.60
CA SER A 94 10.37 2.77 -0.74
C SER A 94 9.88 1.34 -0.95
N PRO A 95 10.72 0.54 -1.65
CA PRO A 95 10.39 -0.84 -1.94
C PRO A 95 10.55 -1.72 -0.68
N ASP A 96 11.15 -1.13 0.34
CA ASP A 96 11.36 -1.83 1.58
C ASP A 96 10.04 -1.92 2.35
N ALA A 97 9.39 -0.77 2.48
CA ALA A 97 8.12 -0.70 3.19
C ALA A 97 7.09 -1.56 2.45
N PHE A 98 6.63 -2.59 3.14
CA PHE A 98 5.65 -3.50 2.57
C PHE A 98 4.27 -3.24 3.16
N TYR A 99 3.26 -3.30 2.29
CA TYR A 99 1.89 -3.08 2.71
C TYR A 99 0.95 -4.07 2.04
N TYR A 100 -0.13 -4.39 2.73
CA TYR A 100 -1.12 -5.32 2.21
C TYR A 100 -2.54 -4.88 2.59
N PHE A 101 -3.48 -5.29 1.75
CA PHE A 101 -4.88 -4.94 1.98
C PHE A 101 -5.47 -5.78 3.10
N PRO A 102 -6.37 -5.12 3.89
CA PRO A 102 -7.02 -5.80 5.00
C PRO A 102 -8.11 -6.75 4.50
N ASP A 103 -7.66 -7.86 3.94
CA ASP A 103 -8.58 -8.86 3.41
C ASP A 103 -7.83 -9.80 2.48
N SER A 104 -6.91 -9.22 1.72
CA SER A 104 -6.12 -9.99 0.78
C SER A 104 -4.78 -10.40 1.42
N GLY A 105 -4.25 -9.48 2.22
CA GLY A 105 -2.98 -9.72 2.89
C GLY A 105 -3.10 -10.89 3.87
N PRO A 106 -2.04 -11.06 4.69
CA PRO A 106 -2.01 -12.13 5.68
C PRO A 106 -2.92 -11.81 6.87
N SER A 107 -3.53 -12.85 7.40
CA SER A 107 -4.42 -12.69 8.54
C SER A 107 -3.62 -12.53 9.82
N SER A 108 -4.27 -11.99 10.84
CA SER A 108 -3.62 -11.77 12.13
C SER A 108 -2.45 -10.81 11.97
N GLY A 109 -2.19 -10.06 13.03
CA GLY A 109 -1.10 -9.10 13.03
C GLY A 109 -1.44 -7.88 13.89
N GLY A 1 -19.63 -3.31 -1.05
CA GLY A 1 -19.90 -1.91 -1.31
C GLY A 1 -18.67 -1.05 -1.04
N SER A 2 -18.88 0.26 -1.10
CA SER A 2 -17.80 1.20 -0.85
C SER A 2 -18.13 2.08 0.35
N SER A 3 -19.19 2.86 0.21
CA SER A 3 -19.62 3.75 1.27
C SER A 3 -18.53 4.77 1.57
N GLY A 4 -18.93 6.04 1.55
CA GLY A 4 -18.00 7.12 1.82
C GLY A 4 -16.66 6.89 1.10
N SER A 5 -15.67 7.65 1.51
CA SER A 5 -14.34 7.55 0.91
C SER A 5 -14.40 7.96 -0.55
N SER A 6 -15.06 9.08 -0.80
CA SER A 6 -15.19 9.61 -2.15
C SER A 6 -13.80 9.79 -2.77
N GLY A 7 -13.33 8.73 -3.40
CA GLY A 7 -12.03 8.75 -4.04
C GLY A 7 -11.22 7.49 -3.71
N LEU A 8 -10.52 7.55 -2.58
CA LEU A 8 -9.71 6.44 -2.14
C LEU A 8 -10.46 5.13 -2.42
N GLY A 9 -11.61 4.98 -1.77
CA GLY A 9 -12.43 3.80 -1.93
C GLY A 9 -12.35 3.28 -3.37
N ALA A 10 -12.98 4.02 -4.27
CA ALA A 10 -12.98 3.65 -5.67
C ALA A 10 -11.58 3.20 -6.08
N LEU A 11 -10.61 4.07 -5.80
CA LEU A 11 -9.22 3.78 -6.13
C LEU A 11 -8.83 2.41 -5.53
N TYR A 12 -9.01 2.30 -4.23
CA TYR A 12 -8.68 1.07 -3.53
C TYR A 12 -9.36 -0.13 -4.20
N LEU A 13 -10.65 0.02 -4.42
CA LEU A 13 -11.42 -1.05 -5.05
C LEU A 13 -10.67 -1.57 -6.28
N SER A 14 -10.03 -0.64 -6.98
CA SER A 14 -9.27 -0.99 -8.16
C SER A 14 -8.00 -1.75 -7.77
N MET A 15 -7.30 -1.20 -6.79
CA MET A 15 -6.08 -1.81 -6.31
C MET A 15 -6.26 -3.32 -6.08
N LYS A 16 -7.50 -3.68 -5.77
CA LYS A 16 -7.83 -5.07 -5.53
C LYS A 16 -7.64 -5.87 -6.83
N ASP A 17 -8.07 -5.26 -7.93
CA ASP A 17 -7.95 -5.90 -9.22
C ASP A 17 -6.49 -6.23 -9.50
N PRO A 18 -6.19 -7.56 -9.52
CA PRO A 18 -4.84 -8.03 -9.77
C PRO A 18 -4.48 -7.89 -11.25
N GLU A 19 -5.44 -7.41 -12.02
CA GLU A 19 -5.24 -7.21 -13.45
C GLU A 19 -5.37 -5.74 -13.82
N LYS A 20 -6.49 -5.16 -13.43
CA LYS A 20 -6.75 -3.75 -13.72
C LYS A 20 -6.38 -2.92 -12.48
N GLY A 21 -5.65 -3.55 -11.58
CA GLY A 21 -5.22 -2.88 -10.36
C GLY A 21 -3.78 -3.23 -10.01
N ILE A 22 -3.47 -3.14 -8.72
CA ILE A 22 -2.13 -3.45 -8.26
C ILE A 22 -1.90 -4.96 -8.33
N LYS A 23 -0.63 -5.33 -8.39
CA LYS A 23 -0.27 -6.73 -8.47
C LYS A 23 -0.01 -7.27 -7.05
N GLU A 24 0.48 -8.49 -7.00
CA GLU A 24 0.77 -9.13 -5.72
C GLU A 24 2.11 -9.88 -5.81
N LEU A 25 3.12 -9.29 -5.19
CA LEU A 25 4.44 -9.89 -5.17
C LEU A 25 4.80 -10.29 -3.74
N ASN A 26 5.55 -11.38 -3.64
CA ASN A 26 5.97 -11.89 -2.35
C ASN A 26 7.36 -11.35 -2.01
N LEU A 27 7.48 -10.80 -0.82
CA LEU A 27 8.75 -10.24 -0.37
C LEU A 27 9.10 -10.83 1.00
N GLU A 28 10.39 -11.02 1.20
CA GLU A 28 10.88 -11.58 2.45
C GLU A 28 11.81 -10.58 3.15
N LYS A 29 11.41 -10.20 4.36
CA LYS A 29 12.19 -9.26 5.15
C LYS A 29 12.95 -10.02 6.23
N ASP A 30 12.27 -10.25 7.34
CA ASP A 30 12.87 -10.96 8.45
C ASP A 30 12.25 -12.35 8.57
N LYS A 31 12.85 -13.29 7.87
CA LYS A 31 12.37 -14.66 7.87
C LYS A 31 10.83 -14.66 7.82
N LYS A 32 10.30 -13.65 7.13
CA LYS A 32 8.86 -13.52 7.00
C LYS A 32 8.50 -13.48 5.52
N VAL A 33 7.69 -14.44 5.11
CA VAL A 33 7.25 -14.53 3.72
C VAL A 33 5.94 -13.76 3.55
N PHE A 34 6.07 -12.53 3.09
CA PHE A 34 4.91 -11.67 2.88
C PHE A 34 4.24 -11.97 1.54
N ASN A 35 3.15 -12.71 1.61
CA ASN A 35 2.41 -13.08 0.41
C ASN A 35 1.27 -12.09 0.20
N HIS A 36 0.83 -11.99 -1.04
CA HIS A 36 -0.25 -11.09 -1.39
C HIS A 36 -0.02 -9.72 -0.76
N CYS A 37 1.25 -9.31 -0.76
CA CYS A 37 1.62 -8.03 -0.20
C CYS A 37 2.10 -7.12 -1.32
N LEU A 38 2.21 -5.84 -1.01
CA LEU A 38 2.66 -4.86 -1.98
C LEU A 38 3.99 -4.26 -1.53
N THR A 39 4.22 -3.03 -1.97
CA THR A 39 5.45 -2.34 -1.62
C THR A 39 5.24 -0.83 -1.63
N GLY A 40 5.96 -0.15 -0.75
CA GLY A 40 5.85 1.30 -0.65
C GLY A 40 5.95 1.95 -2.03
N SER A 41 7.02 1.60 -2.73
CA SER A 41 7.24 2.14 -4.06
C SER A 41 6.18 1.62 -5.03
N GLY A 42 6.09 0.31 -5.13
CA GLY A 42 5.13 -0.33 -6.00
C GLY A 42 3.77 0.38 -5.91
N VAL A 43 3.32 0.57 -4.68
CA VAL A 43 2.04 1.23 -4.44
C VAL A 43 1.91 2.43 -5.38
N ILE A 44 3.00 3.17 -5.50
CA ILE A 44 3.02 4.35 -6.36
C ILE A 44 3.20 3.90 -7.82
N ASP A 45 4.12 2.97 -8.00
CA ASP A 45 4.41 2.46 -9.33
C ASP A 45 3.09 2.27 -10.10
N TRP A 46 2.15 1.64 -9.42
CA TRP A 46 0.84 1.38 -10.02
C TRP A 46 0.22 2.73 -10.37
N LEU A 47 0.08 3.57 -9.35
CA LEU A 47 -0.50 4.90 -9.53
C LEU A 47 0.16 5.57 -10.74
N VAL A 48 1.47 5.43 -10.82
CA VAL A 48 2.23 6.02 -11.91
C VAL A 48 1.98 5.21 -13.19
N SER A 49 1.70 3.93 -12.99
CA SER A 49 1.45 3.05 -14.11
C SER A 49 0.07 3.34 -14.72
N ASN A 50 -0.90 3.50 -13.83
CA ASN A 50 -2.26 3.78 -14.25
C ASN A 50 -2.42 5.29 -14.48
N LYS A 51 -1.52 6.03 -13.86
CA LYS A 51 -1.54 7.49 -13.98
C LYS A 51 -2.58 8.06 -13.02
N LEU A 52 -2.67 7.44 -11.85
CA LEU A 52 -3.61 7.87 -10.83
C LEU A 52 -3.14 9.21 -10.25
N VAL A 53 -1.91 9.57 -10.58
CA VAL A 53 -1.33 10.81 -10.10
C VAL A 53 -0.59 11.50 -11.24
N ARG A 54 0.12 12.56 -10.88
CA ARG A 54 0.89 13.32 -11.86
C ARG A 54 2.34 12.83 -11.89
N ASN A 55 2.77 12.27 -10.78
CA ASN A 55 4.13 11.77 -10.67
C ASN A 55 4.25 10.91 -9.40
N ARG A 56 5.47 10.46 -9.15
CA ARG A 56 5.74 9.64 -7.97
C ARG A 56 5.40 10.41 -6.70
N GLN A 57 5.73 11.69 -6.72
CA GLN A 57 5.47 12.55 -5.57
C GLN A 57 4.05 12.37 -5.08
N GLU A 58 3.10 12.78 -5.91
CA GLU A 58 1.69 12.66 -5.57
C GLU A 58 1.43 11.33 -4.88
N GLY A 59 1.89 10.26 -5.52
CA GLY A 59 1.70 8.92 -4.99
C GLY A 59 2.18 8.84 -3.54
N LEU A 60 3.28 9.52 -3.27
CA LEU A 60 3.85 9.53 -1.94
C LEU A 60 2.83 10.14 -0.96
N MET A 61 2.27 11.28 -1.36
CA MET A 61 1.30 11.96 -0.54
C MET A 61 -0.03 11.18 -0.51
N ILE A 62 -0.46 10.76 -1.68
CA ILE A 62 -1.70 10.01 -1.81
C ILE A 62 -1.58 8.70 -1.04
N SER A 63 -0.54 7.94 -1.38
CA SER A 63 -0.30 6.67 -0.73
C SER A 63 -0.64 6.77 0.76
N ALA A 64 -0.18 7.85 1.37
CA ALA A 64 -0.42 8.07 2.78
C ALA A 64 -1.93 8.05 3.05
N SER A 65 -2.65 8.83 2.25
CA SER A 65 -4.09 8.90 2.40
C SER A 65 -4.70 7.50 2.36
N LEU A 66 -4.18 6.69 1.46
CA LEU A 66 -4.64 5.32 1.32
C LEU A 66 -4.37 4.55 2.61
N LEU A 67 -3.10 4.54 3.00
CA LEU A 67 -2.69 3.85 4.20
C LEU A 67 -3.49 4.39 5.39
N SER A 68 -3.39 5.70 5.59
CA SER A 68 -4.08 6.35 6.68
C SER A 68 -5.47 5.72 6.85
N GLU A 69 -6.32 5.96 5.87
CA GLU A 69 -7.67 5.43 5.89
C GLU A 69 -7.67 3.99 6.43
N GLY A 70 -6.66 3.25 6.00
CA GLY A 70 -6.52 1.85 6.43
C GLY A 70 -6.68 0.90 5.24
N TYR A 71 -6.35 1.41 4.07
CA TYR A 71 -6.45 0.63 2.86
C TYR A 71 -5.16 -0.16 2.62
N LEU A 72 -4.15 0.16 3.41
CA LEU A 72 -2.86 -0.52 3.29
C LEU A 72 -2.27 -0.72 4.69
N GLN A 73 -2.10 -1.99 5.04
CA GLN A 73 -1.54 -2.33 6.34
C GLN A 73 -0.02 -2.49 6.24
N PRO A 74 0.68 -1.92 7.26
CA PRO A 74 2.13 -1.98 7.30
C PRO A 74 2.60 -3.37 7.72
N ALA A 75 3.69 -3.81 7.10
CA ALA A 75 4.25 -5.11 7.39
C ALA A 75 5.78 -5.03 7.31
N GLY A 76 6.41 -5.14 8.47
CA GLY A 76 7.86 -5.09 8.54
C GLY A 76 8.32 -4.29 9.77
N ASP A 77 8.72 -3.06 9.53
CA ASP A 77 9.18 -2.20 10.60
C ASP A 77 9.26 -0.75 10.10
N LEU A 78 9.92 -0.60 8.95
CA LEU A 78 10.08 0.71 8.36
C LEU A 78 8.73 1.46 8.40
N SER A 79 7.82 1.00 7.55
CA SER A 79 6.50 1.61 7.49
C SER A 79 5.92 1.75 8.90
N LYS A 80 6.02 0.67 9.66
CA LYS A 80 5.52 0.67 11.02
C LYS A 80 6.09 1.87 11.78
N ASN A 81 7.39 2.07 11.61
CA ASN A 81 8.06 3.18 12.27
C ASN A 81 7.41 4.50 11.85
N ALA A 82 7.28 4.67 10.54
CA ALA A 82 6.67 5.88 10.00
C ALA A 82 5.26 6.04 10.58
N ALA A 83 4.49 4.97 10.46
CA ALA A 83 3.12 4.97 10.97
C ALA A 83 3.14 5.23 12.47
N ASP A 84 4.27 4.90 13.08
CA ASP A 84 4.43 5.10 14.52
C ASP A 84 4.16 6.56 14.87
N GLY A 85 5.00 7.42 14.33
CA GLY A 85 4.87 8.86 14.57
C GLY A 85 6.10 9.61 14.09
N ILE A 86 6.51 9.29 12.86
CA ILE A 86 7.67 9.94 12.27
C ILE A 86 7.34 11.40 12.00
N ALA A 87 6.61 11.62 10.91
CA ALA A 87 6.23 12.97 10.53
C ALA A 87 4.75 12.98 10.13
N GLU A 88 4.45 13.80 9.13
CA GLU A 88 3.08 13.90 8.64
C GLU A 88 2.82 12.87 7.55
N ASN A 89 3.91 12.30 7.04
CA ASN A 89 3.81 11.29 6.00
C ASN A 89 4.13 9.92 6.58
N PRO A 90 3.04 9.13 6.81
CA PRO A 90 3.19 7.79 7.36
C PRO A 90 3.73 6.82 6.32
N PHE A 91 3.45 7.13 5.06
CA PHE A 91 3.90 6.30 3.97
C PHE A 91 5.36 6.60 3.61
N LEU A 92 6.05 5.56 3.14
CA LEU A 92 7.44 5.70 2.77
C LEU A 92 7.63 5.22 1.33
N ASP A 93 7.99 6.15 0.46
CA ASP A 93 8.20 5.83 -0.94
C ASP A 93 9.50 5.05 -1.09
N SER A 94 9.48 3.83 -0.59
CA SER A 94 10.66 2.97 -0.66
C SER A 94 10.25 1.56 -1.09
N PRO A 95 11.19 0.88 -1.81
CA PRO A 95 10.94 -0.47 -2.28
C PRO A 95 11.04 -1.48 -1.13
N ASP A 96 11.49 -0.99 0.00
CA ASP A 96 11.63 -1.83 1.18
C ASP A 96 10.29 -1.93 1.89
N ALA A 97 9.73 -0.78 2.22
CA ALA A 97 8.45 -0.72 2.90
C ALA A 97 7.47 -1.66 2.22
N PHE A 98 6.80 -2.47 3.03
CA PHE A 98 5.83 -3.42 2.51
C PHE A 98 4.45 -3.16 3.11
N TYR A 99 3.45 -3.21 2.24
CA TYR A 99 2.07 -2.99 2.66
C TYR A 99 1.15 -4.04 2.06
N TYR A 100 -0.04 -4.13 2.64
CA TYR A 100 -1.03 -5.09 2.18
C TYR A 100 -2.45 -4.67 2.60
N PHE A 101 -3.42 -5.14 1.82
CA PHE A 101 -4.81 -4.81 2.11
C PHE A 101 -5.35 -5.63 3.28
N PRO A 102 -6.17 -4.96 4.12
CA PRO A 102 -6.74 -5.62 5.29
C PRO A 102 -7.87 -6.57 4.88
N ASP A 103 -7.48 -7.73 4.37
CA ASP A 103 -8.45 -8.72 3.94
C ASP A 103 -7.72 -9.90 3.29
N SER A 104 -6.66 -9.57 2.57
CA SER A 104 -5.86 -10.58 1.90
C SER A 104 -4.55 -10.81 2.67
N GLY A 105 -3.68 -9.83 2.58
CA GLY A 105 -2.39 -9.91 3.26
C GLY A 105 -1.80 -11.32 3.14
N PRO A 106 -0.95 -11.67 4.14
CA PRO A 106 -0.31 -12.97 4.16
C PRO A 106 -1.30 -14.06 4.59
N SER A 107 -0.98 -15.29 4.22
CA SER A 107 -1.83 -16.41 4.56
C SER A 107 -0.99 -17.54 5.17
N SER A 108 -1.09 -17.67 6.49
CA SER A 108 -0.34 -18.70 7.20
C SER A 108 1.16 -18.46 7.03
N GLY A 109 1.72 -17.74 8.01
CA GLY A 109 3.14 -17.44 7.98
C GLY A 109 3.38 -15.93 8.05
N GLY A 1 -21.74 -1.72 -0.48
CA GLY A 1 -20.41 -1.91 0.06
C GLY A 1 -19.62 -0.59 0.06
N SER A 2 -18.49 -0.61 0.75
CA SER A 2 -17.64 0.56 0.83
C SER A 2 -18.43 1.72 1.46
N SER A 3 -18.00 2.10 2.66
CA SER A 3 -18.64 3.19 3.37
C SER A 3 -17.74 4.43 3.37
N GLY A 4 -18.32 5.54 2.94
CA GLY A 4 -17.59 6.79 2.88
C GLY A 4 -16.33 6.64 2.04
N SER A 5 -15.31 7.41 2.41
CA SER A 5 -14.05 7.38 1.70
C SER A 5 -14.25 7.83 0.25
N SER A 6 -14.94 8.97 0.12
CA SER A 6 -15.21 9.52 -1.20
C SER A 6 -13.90 9.73 -1.96
N GLY A 7 -13.59 8.76 -2.81
CA GLY A 7 -12.37 8.84 -3.61
C GLY A 7 -11.52 7.56 -3.44
N LEU A 8 -10.74 7.56 -2.37
CA LEU A 8 -9.88 6.42 -2.07
C LEU A 8 -10.66 5.13 -2.34
N GLY A 9 -11.68 4.91 -1.52
CA GLY A 9 -12.51 3.73 -1.65
C GLY A 9 -12.52 3.22 -3.10
N ALA A 10 -13.18 3.99 -3.95
CA ALA A 10 -13.29 3.64 -5.36
C ALA A 10 -11.89 3.30 -5.89
N LEU A 11 -10.96 4.22 -5.65
CA LEU A 11 -9.59 4.04 -6.10
C LEU A 11 -9.06 2.71 -5.57
N TYR A 12 -9.16 2.56 -4.26
CA TYR A 12 -8.69 1.34 -3.60
C TYR A 12 -9.31 0.10 -4.24
N LEU A 13 -10.63 0.13 -4.34
CA LEU A 13 -11.36 -0.99 -4.93
C LEU A 13 -10.63 -1.46 -6.20
N SER A 14 -10.10 -0.49 -6.93
CA SER A 14 -9.37 -0.79 -8.15
C SER A 14 -8.07 -1.51 -7.82
N MET A 15 -7.32 -0.91 -6.91
CA MET A 15 -6.04 -1.48 -6.51
C MET A 15 -6.18 -2.97 -6.20
N LYS A 16 -7.40 -3.37 -5.88
CA LYS A 16 -7.68 -4.76 -5.57
C LYS A 16 -7.51 -5.60 -6.83
N ASP A 17 -8.06 -5.10 -7.93
CA ASP A 17 -7.97 -5.79 -9.20
C ASP A 17 -6.50 -6.12 -9.50
N PRO A 18 -6.21 -7.45 -9.56
CA PRO A 18 -4.86 -7.91 -9.83
C PRO A 18 -4.52 -7.73 -11.31
N GLU A 19 -5.49 -7.24 -12.06
CA GLU A 19 -5.29 -7.02 -13.48
C GLU A 19 -5.46 -5.54 -13.82
N LYS A 20 -6.60 -5.00 -13.42
CA LYS A 20 -6.89 -3.60 -13.67
C LYS A 20 -6.52 -2.77 -12.44
N GLY A 21 -5.74 -3.40 -11.56
CA GLY A 21 -5.32 -2.74 -10.33
C GLY A 21 -3.86 -3.07 -10.02
N ILE A 22 -3.53 -2.97 -8.75
CA ILE A 22 -2.17 -3.25 -8.30
C ILE A 22 -1.88 -4.74 -8.46
N LYS A 23 -0.61 -5.08 -8.42
CA LYS A 23 -0.18 -6.46 -8.56
C LYS A 23 0.00 -7.07 -7.17
N GLU A 24 0.55 -8.29 -7.16
CA GLU A 24 0.78 -8.99 -5.91
C GLU A 24 1.97 -9.96 -6.06
N LEU A 25 3.12 -9.48 -5.64
CA LEU A 25 4.33 -10.28 -5.72
C LEU A 25 4.63 -10.90 -4.36
N ASN A 26 5.52 -11.88 -4.36
CA ASN A 26 5.89 -12.55 -3.12
C ASN A 26 7.23 -12.01 -2.64
N LEU A 27 7.15 -11.10 -1.68
CA LEU A 27 8.35 -10.50 -1.12
C LEU A 27 8.92 -11.41 -0.03
N GLU A 28 9.96 -12.14 -0.39
CA GLU A 28 10.60 -13.05 0.53
C GLU A 28 11.97 -12.51 0.95
N LYS A 29 12.03 -12.01 2.18
CA LYS A 29 13.26 -11.46 2.70
C LYS A 29 13.27 -11.59 4.22
N ASP A 30 14.46 -11.68 4.78
CA ASP A 30 14.62 -11.81 6.22
C ASP A 30 13.86 -13.05 6.70
N LYS A 31 13.96 -14.11 5.91
CA LYS A 31 13.30 -15.36 6.25
C LYS A 31 11.81 -15.09 6.49
N LYS A 32 11.16 -14.58 5.46
CA LYS A 32 9.74 -14.28 5.54
C LYS A 32 9.23 -13.84 4.17
N VAL A 33 8.18 -14.51 3.72
CA VAL A 33 7.59 -14.20 2.43
C VAL A 33 6.15 -13.73 2.63
N PHE A 34 5.91 -12.48 2.31
CA PHE A 34 4.58 -11.90 2.45
C PHE A 34 3.80 -12.02 1.14
N ASN A 35 2.90 -13.00 1.12
CA ASN A 35 2.07 -13.23 -0.05
C ASN A 35 0.95 -12.20 -0.10
N HIS A 36 0.56 -11.84 -1.31
CA HIS A 36 -0.49 -10.87 -1.50
C HIS A 36 -0.15 -9.57 -0.74
N CYS A 37 0.94 -8.96 -1.15
CA CYS A 37 1.39 -7.72 -0.53
C CYS A 37 1.87 -6.78 -1.63
N LEU A 38 2.24 -5.58 -1.20
CA LEU A 38 2.73 -4.57 -2.13
C LEU A 38 4.01 -3.95 -1.59
N THR A 39 4.26 -2.71 -2.00
CA THR A 39 5.43 -1.99 -1.56
C THR A 39 5.23 -0.49 -1.72
N GLY A 40 5.63 0.24 -0.69
CA GLY A 40 5.50 1.70 -0.71
C GLY A 40 5.84 2.26 -2.09
N SER A 41 6.93 1.76 -2.65
CA SER A 41 7.37 2.20 -3.96
C SER A 41 6.44 1.65 -5.04
N GLY A 42 6.11 0.38 -4.89
CA GLY A 42 5.22 -0.28 -5.84
C GLY A 42 3.84 0.38 -5.86
N VAL A 43 3.28 0.55 -4.67
CA VAL A 43 1.97 1.15 -4.53
C VAL A 43 1.89 2.38 -5.45
N ILE A 44 2.94 3.19 -5.40
CA ILE A 44 2.99 4.38 -6.22
C ILE A 44 3.21 3.99 -7.68
N ASP A 45 4.08 3.01 -7.88
CA ASP A 45 4.38 2.53 -9.22
C ASP A 45 3.08 2.36 -10.00
N TRP A 46 2.11 1.73 -9.34
CA TRP A 46 0.81 1.49 -9.97
C TRP A 46 0.22 2.86 -10.33
N LEU A 47 0.08 3.70 -9.32
CA LEU A 47 -0.49 5.02 -9.53
C LEU A 47 0.15 5.65 -10.77
N VAL A 48 1.47 5.52 -10.85
CA VAL A 48 2.22 6.07 -11.97
C VAL A 48 1.96 5.21 -13.21
N SER A 49 1.73 3.92 -12.98
CA SER A 49 1.48 2.99 -14.06
C SER A 49 0.11 3.29 -14.69
N ASN A 50 -0.87 3.51 -13.82
CA ASN A 50 -2.21 3.80 -14.28
C ASN A 50 -2.33 5.29 -14.58
N LYS A 51 -1.44 6.06 -13.97
CA LYS A 51 -1.43 7.50 -14.17
C LYS A 51 -2.45 8.14 -13.23
N LEU A 52 -2.57 7.56 -12.05
CA LEU A 52 -3.51 8.07 -11.05
C LEU A 52 -3.00 9.42 -10.54
N VAL A 53 -1.72 9.68 -10.77
CA VAL A 53 -1.12 10.92 -10.33
C VAL A 53 -0.33 11.53 -11.49
N ARG A 54 0.40 12.59 -11.17
CA ARG A 54 1.20 13.27 -12.17
C ARG A 54 2.67 12.82 -12.08
N ASN A 55 3.04 12.41 -10.88
CA ASN A 55 4.41 11.96 -10.64
C ASN A 55 4.44 11.12 -9.37
N ARG A 56 5.42 10.23 -9.30
CA ARG A 56 5.58 9.35 -8.16
C ARG A 56 5.28 10.12 -6.86
N GLN A 57 5.77 11.35 -6.82
CA GLN A 57 5.58 12.20 -5.67
C GLN A 57 4.11 12.18 -5.24
N GLU A 58 3.27 12.75 -6.10
CA GLU A 58 1.84 12.81 -5.82
C GLU A 58 1.37 11.49 -5.19
N GLY A 59 1.74 10.40 -5.84
CA GLY A 59 1.35 9.09 -5.35
C GLY A 59 1.79 8.90 -3.89
N LEU A 60 2.99 9.36 -3.60
CA LEU A 60 3.52 9.25 -2.25
C LEU A 60 2.52 9.87 -1.26
N MET A 61 2.16 11.11 -1.51
CA MET A 61 1.22 11.81 -0.66
C MET A 61 -0.11 11.07 -0.58
N ILE A 62 -0.64 10.73 -1.76
CA ILE A 62 -1.90 10.01 -1.83
C ILE A 62 -1.78 8.70 -1.06
N SER A 63 -0.73 7.96 -1.37
CA SER A 63 -0.49 6.68 -0.72
C SER A 63 -0.81 6.79 0.78
N ALA A 64 -0.25 7.81 1.40
CA ALA A 64 -0.48 8.04 2.81
C ALA A 64 -1.97 7.99 3.11
N SER A 65 -2.72 8.81 2.38
CA SER A 65 -4.16 8.86 2.55
C SER A 65 -4.74 7.44 2.58
N LEU A 66 -4.26 6.63 1.64
CA LEU A 66 -4.73 5.25 1.54
C LEU A 66 -4.41 4.52 2.84
N LEU A 67 -3.14 4.57 3.22
CA LEU A 67 -2.70 3.90 4.43
C LEU A 67 -3.50 4.45 5.62
N SER A 68 -3.44 5.77 5.78
CA SER A 68 -4.15 6.42 6.86
C SER A 68 -5.53 5.78 7.05
N GLU A 69 -6.34 5.90 6.00
CA GLU A 69 -7.68 5.35 6.04
C GLU A 69 -7.64 3.93 6.61
N GLY A 70 -6.64 3.17 6.19
CA GLY A 70 -6.48 1.80 6.65
C GLY A 70 -6.60 0.81 5.49
N TYR A 71 -6.13 1.26 4.33
CA TYR A 71 -6.18 0.44 3.14
C TYR A 71 -4.89 -0.37 2.98
N LEU A 72 -3.81 0.18 3.53
CA LEU A 72 -2.52 -0.49 3.46
C LEU A 72 -2.06 -0.83 4.88
N GLN A 73 -1.86 -2.13 5.10
CA GLN A 73 -1.41 -2.60 6.40
C GLN A 73 0.10 -2.80 6.40
N PRO A 74 0.75 -2.29 7.49
CA PRO A 74 2.19 -2.39 7.63
C PRO A 74 2.60 -3.81 8.02
N ALA A 75 3.63 -4.31 7.36
CA ALA A 75 4.12 -5.65 7.64
C ALA A 75 5.64 -5.59 7.86
N GLY A 76 6.05 -6.00 9.05
CA GLY A 76 7.45 -6.01 9.41
C GLY A 76 7.72 -5.14 10.64
N ASP A 77 7.92 -3.86 10.39
CA ASP A 77 8.18 -2.92 11.47
C ASP A 77 8.62 -1.58 10.87
N LEU A 78 9.49 -1.67 9.87
CA LEU A 78 9.99 -0.47 9.21
C LEU A 78 8.84 0.52 9.02
N SER A 79 8.01 0.23 8.04
CA SER A 79 6.87 1.09 7.75
C SER A 79 6.01 1.27 9.01
N LYS A 80 5.77 0.15 9.68
CA LYS A 80 4.96 0.17 10.89
C LYS A 80 5.40 1.34 11.76
N ASN A 81 6.68 1.38 12.07
CA ASN A 81 7.23 2.45 12.89
C ASN A 81 6.68 3.79 12.41
N ALA A 82 6.48 3.88 11.11
CA ALA A 82 5.95 5.10 10.51
C ALA A 82 4.60 5.43 11.14
N ALA A 83 3.62 4.59 10.84
CA ALA A 83 2.29 4.78 11.37
C ALA A 83 2.37 5.16 12.85
N ASP A 84 3.42 4.67 13.49
CA ASP A 84 3.63 4.95 14.90
C ASP A 84 3.64 6.46 15.12
N GLY A 85 4.60 7.12 14.49
CA GLY A 85 4.73 8.57 14.60
C GLY A 85 6.11 9.03 14.14
N ILE A 86 6.40 8.74 12.88
CA ILE A 86 7.68 9.13 12.30
C ILE A 86 7.67 10.63 11.99
N ALA A 87 7.02 10.97 10.89
CA ALA A 87 6.92 12.36 10.48
C ALA A 87 5.49 12.66 10.05
N GLU A 88 5.38 13.50 9.03
CA GLU A 88 4.07 13.88 8.50
C GLU A 88 3.68 12.97 7.34
N ASN A 89 4.50 11.95 7.12
CA ASN A 89 4.25 11.00 6.05
C ASN A 89 4.47 9.58 6.58
N PRO A 90 3.32 8.87 6.79
CA PRO A 90 3.38 7.50 7.30
C PRO A 90 3.81 6.54 6.19
N PHE A 91 3.55 6.93 4.96
CA PHE A 91 3.90 6.12 3.82
C PHE A 91 5.35 6.38 3.38
N LEU A 92 6.10 5.30 3.22
CA LEU A 92 7.49 5.40 2.81
C LEU A 92 7.61 4.97 1.35
N ASP A 93 7.96 5.93 0.51
CA ASP A 93 8.12 5.66 -0.90
C ASP A 93 9.39 4.85 -1.13
N SER A 94 9.40 3.65 -0.58
CA SER A 94 10.54 2.76 -0.71
C SER A 94 10.08 1.34 -0.99
N PRO A 95 10.92 0.59 -1.75
CA PRO A 95 10.61 -0.78 -2.08
C PRO A 95 10.82 -1.70 -0.88
N ASP A 96 11.44 -1.15 0.14
CA ASP A 96 11.72 -1.91 1.35
C ASP A 96 10.43 -2.02 2.18
N ALA A 97 9.61 -0.99 2.08
CA ALA A 97 8.35 -0.96 2.80
C ALA A 97 7.37 -1.93 2.16
N PHE A 98 6.72 -2.72 3.00
CA PHE A 98 5.76 -3.69 2.53
C PHE A 98 4.37 -3.44 3.13
N TYR A 99 3.40 -3.27 2.24
CA TYR A 99 2.03 -3.02 2.67
C TYR A 99 1.06 -4.02 2.04
N TYR A 100 0.04 -4.36 2.80
CA TYR A 100 -0.96 -5.30 2.33
C TYR A 100 -2.37 -4.87 2.75
N PHE A 101 -3.34 -5.19 1.90
CA PHE A 101 -4.72 -4.85 2.18
C PHE A 101 -5.26 -5.65 3.36
N PRO A 102 -6.00 -4.94 4.24
CA PRO A 102 -6.58 -5.58 5.42
C PRO A 102 -7.80 -6.43 5.03
N ASP A 103 -7.52 -7.57 4.41
CA ASP A 103 -8.57 -8.46 3.98
C ASP A 103 -7.95 -9.69 3.30
N SER A 104 -6.89 -9.42 2.55
CA SER A 104 -6.20 -10.48 1.84
C SER A 104 -4.88 -10.80 2.53
N GLY A 105 -3.95 -9.86 2.43
CA GLY A 105 -2.64 -10.04 3.05
C GLY A 105 -2.12 -11.46 2.85
N PRO A 106 -1.09 -11.82 3.67
CA PRO A 106 -0.50 -13.14 3.59
C PRO A 106 -1.42 -14.19 4.21
N SER A 107 -1.50 -15.32 3.54
CA SER A 107 -2.33 -16.41 4.02
C SER A 107 -1.57 -17.24 5.06
N SER A 108 -0.48 -17.83 4.62
CA SER A 108 0.35 -18.64 5.49
C SER A 108 0.47 -17.98 6.87
N GLY A 109 0.96 -16.75 6.85
CA GLY A 109 1.13 -16.00 8.08
C GLY A 109 2.60 -15.73 8.36
N GLY A 1 -21.63 -3.91 -2.06
CA GLY A 1 -20.88 -2.74 -2.50
C GLY A 1 -19.90 -2.28 -1.42
N SER A 2 -19.56 -1.00 -1.49
CA SER A 2 -18.65 -0.42 -0.52
C SER A 2 -18.84 1.10 -0.47
N SER A 3 -18.35 1.68 0.62
CA SER A 3 -18.47 3.11 0.81
C SER A 3 -17.42 3.59 1.83
N GLY A 4 -17.06 4.85 1.70
CA GLY A 4 -16.08 5.44 2.60
C GLY A 4 -15.00 6.19 1.82
N SER A 5 -14.81 7.45 2.19
CA SER A 5 -13.82 8.29 1.53
C SER A 5 -14.08 8.32 0.02
N SER A 6 -14.81 9.34 -0.40
CA SER A 6 -15.13 9.51 -1.80
C SER A 6 -13.87 9.81 -2.60
N GLY A 7 -13.42 8.82 -3.36
CA GLY A 7 -12.24 8.96 -4.17
C GLY A 7 -11.27 7.79 -3.96
N LEU A 8 -10.75 7.72 -2.75
CA LEU A 8 -9.82 6.66 -2.40
C LEU A 8 -10.50 5.31 -2.59
N GLY A 9 -11.62 5.15 -1.89
CA GLY A 9 -12.39 3.91 -1.96
C GLY A 9 -12.34 3.33 -3.37
N ALA A 10 -13.06 3.98 -4.28
CA ALA A 10 -13.12 3.54 -5.66
C ALA A 10 -11.71 3.14 -6.11
N LEU A 11 -10.76 4.03 -5.84
CA LEU A 11 -9.38 3.79 -6.21
C LEU A 11 -8.91 2.46 -5.59
N TYR A 12 -9.03 2.39 -4.27
CA TYR A 12 -8.62 1.20 -3.55
C TYR A 12 -9.27 -0.05 -4.15
N LEU A 13 -10.57 0.04 -4.38
CA LEU A 13 -11.31 -1.07 -4.95
C LEU A 13 -10.58 -1.59 -6.20
N SER A 14 -10.07 -0.63 -6.97
CA SER A 14 -9.34 -0.97 -8.19
C SER A 14 -8.06 -1.71 -7.84
N MET A 15 -7.32 -1.15 -6.89
CA MET A 15 -6.06 -1.76 -6.47
C MET A 15 -6.24 -3.25 -6.23
N LYS A 16 -7.47 -3.64 -5.93
CA LYS A 16 -7.77 -5.04 -5.68
C LYS A 16 -7.65 -5.83 -6.99
N ASP A 17 -8.11 -5.21 -8.06
CA ASP A 17 -8.07 -5.84 -9.37
C ASP A 17 -6.62 -6.19 -9.71
N PRO A 18 -6.35 -7.52 -9.75
CA PRO A 18 -5.02 -8.01 -10.06
C PRO A 18 -4.71 -7.86 -11.55
N GLU A 19 -5.70 -7.36 -12.28
CA GLU A 19 -5.55 -7.15 -13.71
C GLU A 19 -5.64 -5.67 -14.05
N LYS A 20 -6.74 -5.06 -13.63
CA LYS A 20 -6.97 -3.64 -13.88
C LYS A 20 -6.56 -2.84 -12.64
N GLY A 21 -5.81 -3.50 -11.77
CA GLY A 21 -5.35 -2.85 -10.55
C GLY A 21 -3.91 -3.28 -10.22
N ILE A 22 -3.58 -3.17 -8.94
CA ILE A 22 -2.26 -3.53 -8.47
C ILE A 22 -2.08 -5.05 -8.58
N LYS A 23 -0.84 -5.49 -8.42
CA LYS A 23 -0.54 -6.90 -8.50
C LYS A 23 -0.20 -7.42 -7.09
N GLU A 24 0.30 -8.65 -7.06
CA GLU A 24 0.66 -9.26 -5.79
C GLU A 24 1.93 -10.09 -5.94
N LEU A 25 2.87 -9.85 -5.04
CA LEU A 25 4.14 -10.56 -5.07
C LEU A 25 4.55 -10.91 -3.63
N ASN A 26 5.50 -11.83 -3.54
CA ASN A 26 5.99 -12.27 -2.24
C ASN A 26 7.16 -11.39 -1.81
N LEU A 27 7.28 -11.22 -0.50
CA LEU A 27 8.36 -10.40 0.05
C LEU A 27 8.85 -11.04 1.35
N GLU A 28 9.98 -11.73 1.24
CA GLU A 28 10.57 -12.39 2.39
C GLU A 28 11.85 -11.66 2.82
N LYS A 29 11.90 -11.33 4.10
CA LYS A 29 13.05 -10.64 4.64
C LYS A 29 13.17 -10.95 6.14
N ASP A 30 14.40 -11.08 6.59
CA ASP A 30 14.67 -11.38 7.99
C ASP A 30 14.36 -12.85 8.26
N LYS A 31 13.08 -13.18 8.22
CA LYS A 31 12.64 -14.55 8.45
C LYS A 31 11.12 -14.61 8.42
N LYS A 32 10.56 -14.12 7.32
CA LYS A 32 9.12 -14.11 7.15
C LYS A 32 8.78 -13.71 5.71
N VAL A 33 8.02 -14.57 5.04
CA VAL A 33 7.63 -14.31 3.67
C VAL A 33 6.15 -13.91 3.64
N PHE A 34 5.93 -12.63 3.36
CA PHE A 34 4.57 -12.11 3.30
C PHE A 34 3.99 -12.27 1.90
N ASN A 35 3.14 -13.27 1.77
CA ASN A 35 2.50 -13.55 0.49
C ASN A 35 1.38 -12.54 0.25
N HIS A 36 1.18 -12.21 -1.02
CA HIS A 36 0.16 -11.26 -1.40
C HIS A 36 0.38 -9.94 -0.66
N CYS A 37 1.42 -9.23 -1.09
CA CYS A 37 1.76 -7.96 -0.47
C CYS A 37 2.23 -7.00 -1.57
N LEU A 38 2.31 -5.73 -1.21
CA LEU A 38 2.75 -4.71 -2.15
C LEU A 38 4.07 -4.11 -1.66
N THR A 39 4.27 -2.85 -2.04
CA THR A 39 5.49 -2.14 -1.65
C THR A 39 5.27 -0.63 -1.74
N GLY A 40 5.63 0.05 -0.67
CA GLY A 40 5.49 1.50 -0.62
C GLY A 40 5.80 2.12 -1.97
N SER A 41 6.84 1.60 -2.61
CA SER A 41 7.25 2.09 -3.91
C SER A 41 6.32 1.54 -5.00
N GLY A 42 6.04 0.26 -4.89
CA GLY A 42 5.17 -0.40 -5.85
C GLY A 42 3.78 0.22 -5.86
N VAL A 43 3.29 0.50 -4.66
CA VAL A 43 1.98 1.10 -4.51
C VAL A 43 1.86 2.30 -5.45
N ILE A 44 2.90 3.12 -5.46
CA ILE A 44 2.92 4.29 -6.31
C ILE A 44 3.15 3.87 -7.76
N ASP A 45 4.05 2.90 -7.93
CA ASP A 45 4.37 2.40 -9.25
C ASP A 45 3.08 2.23 -10.06
N TRP A 46 2.10 1.59 -9.41
CA TRP A 46 0.81 1.36 -10.06
C TRP A 46 0.21 2.72 -10.41
N LEU A 47 0.03 3.54 -9.38
CA LEU A 47 -0.54 4.86 -9.57
C LEU A 47 0.13 5.54 -10.77
N VAL A 48 1.46 5.48 -10.77
CA VAL A 48 2.23 6.08 -11.85
C VAL A 48 2.00 5.28 -13.14
N SER A 49 1.83 3.99 -12.97
CA SER A 49 1.60 3.11 -14.11
C SER A 49 0.24 3.42 -14.75
N ASN A 50 -0.76 3.53 -13.89
CA ASN A 50 -2.11 3.83 -14.36
C ASN A 50 -2.24 5.34 -14.58
N LYS A 51 -1.31 6.08 -14.01
CA LYS A 51 -1.31 7.53 -14.13
C LYS A 51 -2.39 8.11 -13.20
N LEU A 52 -2.55 7.46 -12.06
CA LEU A 52 -3.52 7.91 -11.09
C LEU A 52 -3.14 9.29 -10.57
N VAL A 53 -1.86 9.61 -10.72
CA VAL A 53 -1.35 10.89 -10.28
C VAL A 53 -0.56 11.55 -11.42
N ARG A 54 0.07 12.67 -11.10
CA ARG A 54 0.85 13.40 -12.07
C ARG A 54 2.30 12.90 -12.09
N ASN A 55 2.72 12.39 -10.94
CA ASN A 55 4.07 11.88 -10.80
C ASN A 55 4.15 11.00 -9.55
N ARG A 56 5.36 10.51 -9.29
CA ARG A 56 5.58 9.65 -8.13
C ARG A 56 5.28 10.42 -6.85
N GLN A 57 5.66 11.69 -6.85
CA GLN A 57 5.43 12.53 -5.68
C GLN A 57 4.00 12.39 -5.19
N GLU A 58 3.07 12.82 -6.03
CA GLU A 58 1.66 12.74 -5.69
C GLU A 58 1.35 11.41 -5.01
N GLY A 59 1.81 10.33 -5.63
CA GLY A 59 1.59 9.00 -5.09
C GLY A 59 2.08 8.91 -3.64
N LEU A 60 3.20 9.58 -3.38
CA LEU A 60 3.79 9.57 -2.06
C LEU A 60 2.77 10.15 -1.06
N MET A 61 2.27 11.34 -1.40
CA MET A 61 1.30 12.00 -0.55
C MET A 61 -0.02 11.23 -0.50
N ILE A 62 -0.49 10.85 -1.68
CA ILE A 62 -1.73 10.11 -1.79
C ILE A 62 -1.60 8.79 -1.03
N SER A 63 -0.55 8.06 -1.37
CA SER A 63 -0.30 6.78 -0.72
C SER A 63 -0.63 6.86 0.77
N ALA A 64 -0.22 7.97 1.37
CA ALA A 64 -0.46 8.19 2.78
C ALA A 64 -1.96 8.13 3.05
N SER A 65 -2.70 8.90 2.26
CA SER A 65 -4.15 8.95 2.41
C SER A 65 -4.72 7.53 2.38
N LEU A 66 -4.13 6.70 1.54
CA LEU A 66 -4.56 5.32 1.41
C LEU A 66 -4.25 4.56 2.70
N LEU A 67 -2.98 4.60 3.08
CA LEU A 67 -2.55 3.93 4.29
C LEU A 67 -3.34 4.45 5.48
N SER A 68 -3.22 5.75 5.71
CA SER A 68 -3.93 6.39 6.80
C SER A 68 -5.32 5.77 6.96
N GLU A 69 -6.14 5.98 5.94
CA GLU A 69 -7.50 5.45 5.95
C GLU A 69 -7.51 4.03 6.53
N GLY A 70 -6.49 3.27 6.16
CA GLY A 70 -6.38 1.89 6.64
C GLY A 70 -6.53 0.90 5.48
N TYR A 71 -6.23 1.37 4.29
CA TYR A 71 -6.33 0.54 3.10
C TYR A 71 -5.08 -0.34 2.93
N LEU A 72 -3.99 0.13 3.53
CA LEU A 72 -2.74 -0.60 3.46
C LEU A 72 -2.30 -1.00 4.86
N GLN A 73 -2.07 -2.29 5.04
CA GLN A 73 -1.65 -2.81 6.33
C GLN A 73 -0.12 -2.96 6.36
N PRO A 74 0.50 -2.31 7.38
CA PRO A 74 1.94 -2.37 7.54
C PRO A 74 2.37 -3.72 8.09
N ALA A 75 3.39 -4.28 7.47
CA ALA A 75 3.91 -5.57 7.88
C ALA A 75 5.44 -5.50 7.95
N GLY A 76 5.97 -5.82 9.12
CA GLY A 76 7.41 -5.80 9.32
C GLY A 76 7.77 -4.98 10.56
N ASP A 77 8.41 -3.85 10.31
CA ASP A 77 8.82 -2.97 11.39
C ASP A 77 8.93 -1.53 10.86
N LEU A 78 9.69 -1.40 9.78
CA LEU A 78 9.89 -0.10 9.17
C LEU A 78 8.53 0.55 8.90
N SER A 79 7.84 0.01 7.92
CA SER A 79 6.53 0.52 7.55
C SER A 79 5.74 0.89 8.81
N LYS A 80 5.86 0.03 9.81
CA LYS A 80 5.16 0.25 11.07
C LYS A 80 5.56 1.62 11.63
N ASN A 81 6.84 1.76 11.91
CA ASN A 81 7.35 3.01 12.45
C ASN A 81 6.74 4.18 11.68
N ALA A 82 6.79 4.08 10.36
CA ALA A 82 6.25 5.12 9.50
C ALA A 82 4.86 5.51 10.01
N ALA A 83 4.01 4.51 10.16
CA ALA A 83 2.66 4.74 10.63
C ALA A 83 2.60 4.53 12.15
N ASP A 84 3.42 5.30 12.84
CA ASP A 84 3.49 5.20 14.29
C ASP A 84 3.68 6.61 14.88
N GLY A 85 4.80 7.22 14.49
CA GLY A 85 5.12 8.55 14.97
C GLY A 85 6.44 9.05 14.37
N ILE A 86 6.66 8.68 13.12
CA ILE A 86 7.86 9.07 12.42
C ILE A 86 7.81 10.58 12.14
N ALA A 87 6.97 10.95 11.18
CA ALA A 87 6.83 12.34 10.81
C ALA A 87 5.39 12.60 10.37
N GLU A 88 5.25 13.50 9.40
CA GLU A 88 3.94 13.84 8.88
C GLU A 88 3.59 12.96 7.68
N ASN A 89 4.45 11.97 7.45
CA ASN A 89 4.25 11.05 6.33
C ASN A 89 4.37 9.62 6.84
N PRO A 90 3.18 8.96 6.96
CA PRO A 90 3.14 7.59 7.43
C PRO A 90 3.61 6.62 6.34
N PHE A 91 3.45 7.06 5.10
CA PHE A 91 3.85 6.24 3.96
C PHE A 91 5.29 6.57 3.54
N LEU A 92 6.02 5.51 3.19
CA LEU A 92 7.40 5.67 2.75
C LEU A 92 7.54 5.17 1.32
N ASP A 93 7.85 6.11 0.43
CA ASP A 93 8.02 5.77 -0.97
C ASP A 93 9.30 4.95 -1.14
N SER A 94 9.26 3.74 -0.60
CA SER A 94 10.40 2.84 -0.69
C SER A 94 9.91 1.40 -0.91
N PRO A 95 10.76 0.62 -1.64
CA PRO A 95 10.44 -0.77 -1.93
C PRO A 95 10.62 -1.65 -0.70
N ASP A 96 11.10 -1.02 0.37
CA ASP A 96 11.34 -1.73 1.61
C ASP A 96 10.02 -1.83 2.39
N ALA A 97 9.28 -0.72 2.39
CA ALA A 97 8.02 -0.67 3.08
C ALA A 97 7.01 -1.59 2.39
N PHE A 98 6.53 -2.57 3.15
CA PHE A 98 5.57 -3.52 2.62
C PHE A 98 4.18 -3.25 3.18
N TYR A 99 3.19 -3.37 2.29
CA TYR A 99 1.81 -3.15 2.68
C TYR A 99 0.88 -4.15 2.00
N TYR A 100 -0.15 -4.53 2.73
CA TYR A 100 -1.13 -5.49 2.21
C TYR A 100 -2.55 -5.08 2.59
N PHE A 101 -3.47 -5.31 1.66
CA PHE A 101 -4.87 -4.98 1.89
C PHE A 101 -5.43 -5.77 3.08
N PRO A 102 -6.16 -5.03 3.96
CA PRO A 102 -6.76 -5.64 5.13
C PRO A 102 -7.98 -6.47 4.75
N ASP A 103 -7.71 -7.61 4.13
CA ASP A 103 -8.79 -8.50 3.71
C ASP A 103 -8.19 -9.67 2.92
N SER A 104 -7.17 -9.34 2.13
CA SER A 104 -6.52 -10.35 1.31
C SER A 104 -5.21 -10.79 1.99
N GLY A 105 -4.24 -9.89 1.98
CA GLY A 105 -2.95 -10.17 2.59
C GLY A 105 -2.52 -11.61 2.29
N PRO A 106 -1.58 -12.11 3.15
CA PRO A 106 -1.07 -13.46 2.99
C PRO A 106 -2.10 -14.48 3.49
N SER A 107 -1.94 -15.71 3.01
CA SER A 107 -2.85 -16.79 3.39
C SER A 107 -3.08 -16.76 4.90
N SER A 108 -4.34 -16.64 5.26
CA SER A 108 -4.72 -16.61 6.67
C SER A 108 -4.14 -17.83 7.40
N GLY A 109 -4.24 -18.98 6.74
CA GLY A 109 -3.74 -20.21 7.30
C GLY A 109 -4.45 -20.53 8.62
N GLY A 1 -14.88 -2.10 2.49
CA GLY A 1 -15.55 -1.22 3.43
C GLY A 1 -16.01 0.07 2.74
N SER A 2 -15.02 0.87 2.33
CA SER A 2 -15.30 2.12 1.65
C SER A 2 -16.03 3.08 2.61
N SER A 3 -15.36 4.19 2.89
CA SER A 3 -15.92 5.19 3.78
C SER A 3 -16.10 6.52 3.05
N GLY A 4 -15.00 7.01 2.51
CA GLY A 4 -15.01 8.26 1.77
C GLY A 4 -14.08 9.28 2.42
N SER A 5 -13.45 10.07 1.57
CA SER A 5 -12.53 11.10 2.04
C SER A 5 -12.09 11.98 0.87
N SER A 6 -11.42 11.36 -0.08
CA SER A 6 -10.94 12.07 -1.25
C SER A 6 -10.59 11.08 -2.37
N GLY A 7 -11.61 10.34 -2.79
CA GLY A 7 -11.42 9.35 -3.84
C GLY A 7 -10.35 8.33 -3.46
N LEU A 8 -10.74 7.44 -2.54
CA LEU A 8 -9.82 6.41 -2.09
C LEU A 8 -10.48 5.04 -2.27
N GLY A 9 -11.69 4.92 -1.76
CA GLY A 9 -12.44 3.68 -1.87
C GLY A 9 -12.35 3.11 -3.29
N ALA A 10 -12.99 3.81 -4.21
CA ALA A 10 -12.99 3.38 -5.59
C ALA A 10 -11.58 2.97 -6.01
N LEU A 11 -10.64 3.86 -5.73
CA LEU A 11 -9.24 3.60 -6.06
C LEU A 11 -8.81 2.28 -5.44
N TYR A 12 -8.97 2.19 -4.12
CA TYR A 12 -8.61 0.99 -3.39
C TYR A 12 -9.24 -0.25 -4.03
N LEU A 13 -10.48 -0.08 -4.46
CA LEU A 13 -11.21 -1.17 -5.09
C LEU A 13 -10.43 -1.67 -6.30
N SER A 14 -10.01 -0.71 -7.12
CA SER A 14 -9.26 -1.03 -8.32
C SER A 14 -7.99 -1.79 -7.96
N MET A 15 -7.27 -1.24 -6.99
CA MET A 15 -6.03 -1.84 -6.54
C MET A 15 -6.20 -3.35 -6.36
N LYS A 16 -7.36 -3.74 -5.86
CA LYS A 16 -7.67 -5.14 -5.63
C LYS A 16 -7.42 -5.92 -6.92
N ASP A 17 -7.94 -5.38 -8.01
CA ASP A 17 -7.80 -6.01 -9.32
C ASP A 17 -6.32 -6.31 -9.57
N PRO A 18 -5.99 -7.62 -9.56
CA PRO A 18 -4.61 -8.05 -9.79
C PRO A 18 -4.23 -7.92 -11.26
N GLU A 19 -5.20 -7.48 -12.05
CA GLU A 19 -4.99 -7.30 -13.48
C GLU A 19 -5.13 -5.83 -13.87
N LYS A 20 -6.28 -5.26 -13.52
CA LYS A 20 -6.56 -3.87 -13.83
C LYS A 20 -6.19 -3.01 -12.62
N GLY A 21 -5.52 -3.65 -11.66
CA GLY A 21 -5.11 -2.94 -10.46
C GLY A 21 -3.66 -3.30 -10.09
N ILE A 22 -3.36 -3.17 -8.80
CA ILE A 22 -2.03 -3.47 -8.31
C ILE A 22 -1.78 -4.98 -8.41
N LYS A 23 -0.50 -5.34 -8.34
CA LYS A 23 -0.12 -6.74 -8.42
C LYS A 23 -0.16 -7.36 -7.03
N GLU A 24 0.25 -8.62 -6.97
CA GLU A 24 0.27 -9.35 -5.70
C GLU A 24 1.39 -10.38 -5.70
N LEU A 25 2.56 -9.95 -5.25
CA LEU A 25 3.71 -10.83 -5.19
C LEU A 25 3.97 -11.24 -3.74
N ASN A 26 4.79 -12.26 -3.58
CA ASN A 26 5.12 -12.76 -2.25
C ASN A 26 6.59 -12.45 -1.95
N LEU A 27 6.79 -11.52 -1.03
CA LEU A 27 8.13 -11.13 -0.64
C LEU A 27 8.50 -11.81 0.68
N GLU A 28 9.80 -11.95 0.89
CA GLU A 28 10.30 -12.59 2.10
C GLU A 28 11.13 -11.60 2.92
N LYS A 29 11.02 -11.72 4.23
CA LYS A 29 11.77 -10.85 5.13
C LYS A 29 12.28 -11.67 6.31
N ASP A 30 13.59 -11.91 6.29
CA ASP A 30 14.23 -12.68 7.35
C ASP A 30 13.83 -14.16 7.21
N LYS A 31 12.53 -14.40 7.32
CA LYS A 31 12.01 -15.75 7.22
C LYS A 31 10.55 -15.70 6.75
N LYS A 32 9.75 -14.94 7.48
CA LYS A 32 8.35 -14.79 7.16
C LYS A 32 8.19 -14.53 5.66
N VAL A 33 7.12 -15.06 5.10
CA VAL A 33 6.86 -14.88 3.69
C VAL A 33 5.53 -14.15 3.51
N PHE A 34 5.63 -12.87 3.18
CA PHE A 34 4.46 -12.05 2.98
C PHE A 34 3.82 -12.32 1.62
N ASN A 35 2.75 -13.10 1.65
CA ASN A 35 2.04 -13.45 0.43
C ASN A 35 1.02 -12.37 0.12
N HIS A 36 0.80 -12.14 -1.17
CA HIS A 36 -0.15 -11.14 -1.62
C HIS A 36 0.07 -9.85 -0.84
N CYS A 37 1.11 -9.12 -1.25
CA CYS A 37 1.44 -7.86 -0.59
C CYS A 37 1.99 -6.91 -1.65
N LEU A 38 2.24 -5.67 -1.22
CA LEU A 38 2.76 -4.66 -2.11
C LEU A 38 3.98 -4.00 -1.47
N THR A 39 4.25 -2.79 -1.92
CA THR A 39 5.39 -2.03 -1.40
C THR A 39 5.22 -0.54 -1.68
N GLY A 40 5.58 0.27 -0.70
CA GLY A 40 5.46 1.71 -0.83
C GLY A 40 5.82 2.16 -2.25
N SER A 41 6.90 1.58 -2.76
CA SER A 41 7.36 1.91 -4.10
C SER A 41 6.37 1.39 -5.14
N GLY A 42 5.95 0.15 -4.93
CA GLY A 42 5.00 -0.48 -5.84
C GLY A 42 3.65 0.22 -5.80
N VAL A 43 3.20 0.52 -4.58
CA VAL A 43 1.93 1.20 -4.40
C VAL A 43 1.85 2.38 -5.35
N ILE A 44 2.90 3.17 -5.36
CA ILE A 44 2.95 4.35 -6.22
C ILE A 44 3.18 3.90 -7.66
N ASP A 45 4.11 2.97 -7.83
CA ASP A 45 4.44 2.45 -9.15
C ASP A 45 3.14 2.27 -9.95
N TRP A 46 2.16 1.66 -9.29
CA TRP A 46 0.87 1.42 -9.94
C TRP A 46 0.28 2.78 -10.31
N LEU A 47 0.13 3.63 -9.31
CA LEU A 47 -0.42 4.95 -9.53
C LEU A 47 0.24 5.58 -10.76
N VAL A 48 1.56 5.47 -10.81
CA VAL A 48 2.31 6.03 -11.91
C VAL A 48 2.06 5.19 -13.17
N SER A 49 1.84 3.90 -12.94
CA SER A 49 1.59 2.98 -14.04
C SER A 49 0.23 3.29 -14.67
N ASN A 50 -0.77 3.47 -13.82
CA ASN A 50 -2.11 3.77 -14.27
C ASN A 50 -2.23 5.27 -14.54
N LYS A 51 -1.32 6.02 -13.95
CA LYS A 51 -1.31 7.47 -14.11
C LYS A 51 -2.35 8.08 -13.19
N LEU A 52 -2.49 7.50 -12.01
CA LEU A 52 -3.44 7.98 -11.04
C LEU A 52 -2.99 9.34 -10.50
N VAL A 53 -1.75 9.69 -10.85
CA VAL A 53 -1.18 10.95 -10.41
C VAL A 53 -0.37 11.56 -11.56
N ARG A 54 0.35 12.62 -11.23
CA ARG A 54 1.16 13.31 -12.23
C ARG A 54 2.60 12.82 -12.16
N ASN A 55 2.98 12.34 -10.98
CA ASN A 55 4.33 11.84 -10.77
C ASN A 55 4.35 10.96 -9.52
N ARG A 56 5.54 10.48 -9.19
CA ARG A 56 5.70 9.63 -8.02
C ARG A 56 5.33 10.40 -6.75
N GLN A 57 5.71 11.67 -6.73
CA GLN A 57 5.43 12.52 -5.58
C GLN A 57 3.95 12.40 -5.20
N GLU A 58 3.10 12.96 -6.05
CA GLU A 58 1.67 12.93 -5.81
C GLU A 58 1.26 11.58 -5.21
N GLY A 59 1.73 10.51 -5.85
CA GLY A 59 1.42 9.18 -5.39
C GLY A 59 1.78 9.01 -3.91
N LEU A 60 2.98 9.44 -3.57
CA LEU A 60 3.45 9.34 -2.19
C LEU A 60 2.38 9.93 -1.26
N MET A 61 2.17 11.23 -1.40
CA MET A 61 1.19 11.91 -0.57
C MET A 61 -0.13 11.14 -0.53
N ILE A 62 -0.63 10.81 -1.71
CA ILE A 62 -1.87 10.07 -1.82
C ILE A 62 -1.76 8.77 -1.03
N SER A 63 -0.77 7.97 -1.42
CA SER A 63 -0.54 6.70 -0.76
C SER A 63 -0.83 6.82 0.74
N ALA A 64 -0.25 7.86 1.34
CA ALA A 64 -0.44 8.09 2.76
C ALA A 64 -1.93 8.06 3.08
N SER A 65 -2.69 8.84 2.32
CA SER A 65 -4.13 8.91 2.52
C SER A 65 -4.72 7.50 2.54
N LEU A 66 -4.25 6.68 1.61
CA LEU A 66 -4.72 5.31 1.52
C LEU A 66 -4.39 4.56 2.80
N LEU A 67 -3.11 4.57 3.13
CA LEU A 67 -2.65 3.91 4.34
C LEU A 67 -3.41 4.44 5.55
N SER A 68 -3.32 5.75 5.72
CA SER A 68 -4.00 6.42 6.83
C SER A 68 -5.36 5.76 7.07
N GLU A 69 -6.25 5.94 6.11
CA GLU A 69 -7.59 5.37 6.21
C GLU A 69 -7.52 3.95 6.78
N GLY A 70 -6.51 3.22 6.33
CA GLY A 70 -6.32 1.85 6.79
C GLY A 70 -6.51 0.86 5.64
N TYR A 71 -6.25 1.34 4.43
CA TYR A 71 -6.37 0.52 3.25
C TYR A 71 -5.14 -0.35 3.05
N LEU A 72 -4.02 0.14 3.57
CA LEU A 72 -2.77 -0.59 3.46
C LEU A 72 -2.26 -0.95 4.86
N GLN A 73 -1.97 -2.23 5.03
CA GLN A 73 -1.48 -2.73 6.30
C GLN A 73 0.04 -2.90 6.26
N PRO A 74 0.72 -2.30 7.28
CA PRO A 74 2.17 -2.38 7.37
C PRO A 74 2.61 -3.76 7.84
N ALA A 75 3.66 -4.26 7.21
CA ALA A 75 4.20 -5.56 7.55
C ALA A 75 5.72 -5.49 7.58
N GLY A 76 6.27 -5.84 8.73
CA GLY A 76 7.72 -5.83 8.90
C GLY A 76 8.11 -5.17 10.22
N ASP A 77 8.34 -3.87 10.16
CA ASP A 77 8.72 -3.10 11.34
C ASP A 77 8.96 -1.65 10.95
N LEU A 78 9.54 -1.47 9.76
CA LEU A 78 9.83 -0.14 9.27
C LEU A 78 8.53 0.64 9.12
N SER A 79 7.83 0.37 8.02
CA SER A 79 6.57 1.03 7.75
C SER A 79 5.77 1.18 9.05
N LYS A 80 5.86 0.15 9.89
CA LYS A 80 5.15 0.16 11.16
C LYS A 80 5.56 1.39 11.96
N ASN A 81 6.86 1.55 12.13
CA ASN A 81 7.39 2.68 12.87
C ASN A 81 6.84 3.98 12.28
N ALA A 82 6.49 3.91 11.01
CA ALA A 82 5.95 5.07 10.31
C ALA A 82 4.62 5.46 10.95
N ALA A 83 3.63 4.59 10.76
CA ALA A 83 2.30 4.84 11.31
C ALA A 83 2.43 5.19 12.80
N ASP A 84 3.52 4.71 13.39
CA ASP A 84 3.76 4.96 14.80
C ASP A 84 3.74 6.47 15.06
N GLY A 85 4.68 7.17 14.43
CA GLY A 85 4.78 8.61 14.59
C GLY A 85 6.14 9.11 14.14
N ILE A 86 6.50 8.76 12.91
CA ILE A 86 7.78 9.17 12.36
C ILE A 86 7.72 10.66 12.00
N ALA A 87 7.09 10.94 10.87
CA ALA A 87 6.96 12.31 10.42
C ALA A 87 5.51 12.58 10.01
N GLU A 88 5.35 13.38 8.97
CA GLU A 88 4.02 13.72 8.48
C GLU A 88 3.59 12.73 7.39
N ASN A 89 4.57 12.02 6.85
CA ASN A 89 4.31 11.04 5.81
C ASN A 89 4.56 9.63 6.37
N PRO A 90 3.43 8.92 6.63
CA PRO A 90 3.50 7.57 7.16
C PRO A 90 3.92 6.58 6.07
N PHE A 91 3.70 6.97 4.83
CA PHE A 91 4.04 6.14 3.70
C PHE A 91 5.50 6.36 3.28
N LEU A 92 6.21 5.25 3.11
CA LEU A 92 7.61 5.31 2.72
C LEU A 92 7.73 4.91 1.24
N ASP A 93 8.00 5.92 0.42
CA ASP A 93 8.15 5.70 -1.01
C ASP A 93 9.42 4.89 -1.27
N SER A 94 9.40 3.65 -0.81
CA SER A 94 10.55 2.77 -0.99
C SER A 94 10.07 1.34 -1.23
N PRO A 95 10.91 0.56 -1.97
CA PRO A 95 10.59 -0.82 -2.29
C PRO A 95 10.79 -1.71 -1.07
N ASP A 96 11.25 -1.10 0.02
CA ASP A 96 11.49 -1.83 1.25
C ASP A 96 10.18 -1.94 2.02
N ALA A 97 9.54 -0.79 2.23
CA ALA A 97 8.28 -0.75 2.96
C ALA A 97 7.25 -1.62 2.23
N PHE A 98 6.77 -2.63 2.93
CA PHE A 98 5.78 -3.53 2.36
C PHE A 98 4.39 -3.26 2.94
N TYR A 99 3.41 -3.17 2.06
CA TYR A 99 2.05 -2.92 2.47
C TYR A 99 1.08 -3.89 1.79
N TYR A 100 0.03 -4.25 2.53
CA TYR A 100 -0.97 -5.16 2.01
C TYR A 100 -2.36 -4.81 2.54
N PHE A 101 -3.35 -5.07 1.70
CA PHE A 101 -4.73 -4.78 2.07
C PHE A 101 -5.18 -5.66 3.25
N PRO A 102 -5.93 -5.01 4.18
CA PRO A 102 -6.42 -5.71 5.36
C PRO A 102 -7.59 -6.64 4.99
N ASP A 103 -7.28 -7.64 4.18
CA ASP A 103 -8.28 -8.60 3.76
C ASP A 103 -7.59 -9.79 3.10
N SER A 104 -6.62 -9.48 2.25
CA SER A 104 -5.87 -10.52 1.56
C SER A 104 -4.56 -10.80 2.28
N GLY A 105 -3.68 -9.80 2.29
CA GLY A 105 -2.40 -9.94 2.93
C GLY A 105 -1.84 -11.35 2.76
N PRO A 106 -1.03 -11.77 3.77
CA PRO A 106 -0.43 -13.09 3.74
C PRO A 106 -1.46 -14.17 4.08
N SER A 107 -2.47 -14.25 3.23
CA SER A 107 -3.53 -15.23 3.43
C SER A 107 -4.36 -14.87 4.66
N SER A 108 -3.73 -15.01 5.81
CA SER A 108 -4.39 -14.71 7.07
C SER A 108 -5.30 -15.87 7.48
N GLY A 109 -6.18 -16.24 6.56
CA GLY A 109 -7.10 -17.33 6.80
C GLY A 109 -7.01 -18.40 5.71
N GLY A 1 -21.28 -2.84 1.00
CA GLY A 1 -20.76 -1.78 0.14
C GLY A 1 -19.54 -1.12 0.77
N SER A 2 -19.10 -0.03 0.13
CA SER A 2 -17.94 0.70 0.62
C SER A 2 -18.35 2.12 1.00
N SER A 3 -17.98 2.50 2.21
CA SER A 3 -18.30 3.84 2.70
C SER A 3 -17.97 4.87 1.64
N GLY A 4 -18.41 6.10 1.90
CA GLY A 4 -18.17 7.20 0.98
C GLY A 4 -16.78 7.09 0.35
N SER A 5 -15.80 7.66 1.06
CA SER A 5 -14.43 7.63 0.58
C SER A 5 -14.39 7.89 -0.92
N SER A 6 -15.10 8.94 -1.33
CA SER A 6 -15.16 9.31 -2.73
C SER A 6 -13.74 9.47 -3.29
N GLY A 7 -13.25 8.39 -3.88
CA GLY A 7 -11.91 8.39 -4.46
C GLY A 7 -11.13 7.15 -4.04
N LEU A 8 -10.50 7.25 -2.88
CA LEU A 8 -9.72 6.15 -2.35
C LEU A 8 -10.44 4.83 -2.63
N GLY A 9 -11.61 4.68 -2.01
CA GLY A 9 -12.41 3.48 -2.18
C GLY A 9 -12.26 2.93 -3.60
N ALA A 10 -12.85 3.64 -4.55
CA ALA A 10 -12.80 3.23 -5.94
C ALA A 10 -11.37 2.77 -6.27
N LEU A 11 -10.42 3.67 -6.00
CA LEU A 11 -9.03 3.36 -6.28
C LEU A 11 -8.66 2.03 -5.60
N TYR A 12 -8.85 1.99 -4.29
CA TYR A 12 -8.54 0.80 -3.53
C TYR A 12 -9.17 -0.44 -4.16
N LEU A 13 -10.45 -0.30 -4.49
CA LEU A 13 -11.19 -1.39 -5.11
C LEU A 13 -10.38 -1.96 -6.28
N SER A 14 -9.75 -1.04 -7.01
CA SER A 14 -8.95 -1.42 -8.16
C SER A 14 -7.73 -2.22 -7.71
N MET A 15 -6.99 -1.63 -6.77
CA MET A 15 -5.81 -2.27 -6.24
C MET A 15 -6.06 -3.76 -5.99
N LYS A 16 -7.28 -4.07 -5.62
CA LYS A 16 -7.66 -5.45 -5.34
C LYS A 16 -7.47 -6.29 -6.62
N ASP A 17 -7.90 -5.72 -7.73
CA ASP A 17 -7.78 -6.39 -9.01
C ASP A 17 -6.32 -6.78 -9.25
N PRO A 18 -6.10 -8.12 -9.35
CA PRO A 18 -4.76 -8.63 -9.59
C PRO A 18 -4.32 -8.40 -11.03
N GLU A 19 -5.23 -7.85 -11.82
CA GLU A 19 -4.95 -7.57 -13.21
C GLU A 19 -5.12 -6.07 -13.50
N LYS A 20 -6.28 -5.57 -13.12
CA LYS A 20 -6.59 -4.16 -13.34
C LYS A 20 -6.23 -3.36 -12.07
N GLY A 21 -5.41 -3.99 -11.24
CA GLY A 21 -4.99 -3.36 -10.00
C GLY A 21 -3.50 -3.60 -9.74
N ILE A 22 -3.14 -3.58 -8.47
CA ILE A 22 -1.77 -3.80 -8.08
C ILE A 22 -1.44 -5.29 -8.15
N LYS A 23 -0.15 -5.58 -8.25
CA LYS A 23 0.31 -6.95 -8.33
C LYS A 23 0.29 -7.58 -6.94
N GLU A 24 0.79 -8.81 -6.87
CA GLU A 24 0.84 -9.52 -5.60
C GLU A 24 1.98 -10.55 -5.62
N LEU A 25 3.07 -10.17 -4.97
CA LEU A 25 4.23 -11.04 -4.90
C LEU A 25 4.49 -11.43 -3.44
N ASN A 26 5.40 -12.38 -3.27
CA ASN A 26 5.74 -12.85 -1.93
C ASN A 26 7.16 -12.37 -1.58
N LEU A 27 7.21 -11.45 -0.63
CA LEU A 27 8.49 -10.90 -0.19
C LEU A 27 8.82 -11.46 1.20
N GLU A 28 9.98 -12.09 1.28
CA GLU A 28 10.44 -12.66 2.54
C GLU A 28 11.22 -11.63 3.35
N LYS A 29 10.78 -11.44 4.59
CA LYS A 29 11.42 -10.48 5.47
C LYS A 29 11.14 -10.88 6.93
N ASP A 30 12.18 -10.76 7.75
CA ASP A 30 12.04 -11.08 9.16
C ASP A 30 11.69 -12.57 9.30
N LYS A 31 12.23 -13.36 8.38
CA LYS A 31 11.97 -14.79 8.40
C LYS A 31 10.47 -15.04 8.28
N LYS A 32 9.88 -14.46 7.25
CA LYS A 32 8.46 -14.60 7.02
C LYS A 32 8.16 -14.36 5.54
N VAL A 33 7.46 -15.32 4.94
CA VAL A 33 7.10 -15.22 3.54
C VAL A 33 5.79 -14.45 3.40
N PHE A 34 5.91 -13.13 3.36
CA PHE A 34 4.74 -12.27 3.23
C PHE A 34 4.14 -12.37 1.84
N ASN A 35 3.06 -13.12 1.74
CA ASN A 35 2.37 -13.31 0.47
C ASN A 35 1.37 -12.17 0.26
N HIS A 36 0.92 -12.04 -0.98
CA HIS A 36 -0.03 -11.01 -1.32
C HIS A 36 0.36 -9.69 -0.63
N CYS A 37 1.60 -9.29 -0.86
CA CYS A 37 2.12 -8.07 -0.27
C CYS A 37 2.45 -7.09 -1.40
N LEU A 38 2.66 -5.84 -1.03
CA LEU A 38 2.98 -4.81 -1.99
C LEU A 38 4.24 -4.07 -1.54
N THR A 39 4.36 -2.84 -2.01
CA THR A 39 5.51 -2.02 -1.66
C THR A 39 5.19 -0.53 -1.87
N GLY A 40 5.60 0.26 -0.89
CA GLY A 40 5.36 1.70 -0.95
C GLY A 40 5.96 2.29 -2.23
N SER A 41 6.98 1.63 -2.74
CA SER A 41 7.66 2.09 -3.94
C SER A 41 6.91 1.58 -5.18
N GLY A 42 6.48 0.33 -5.10
CA GLY A 42 5.75 -0.28 -6.20
C GLY A 42 4.33 0.30 -6.30
N VAL A 43 3.69 0.43 -5.14
CA VAL A 43 2.34 0.96 -5.10
C VAL A 43 2.29 2.28 -5.87
N ILE A 44 3.16 3.20 -5.47
CA ILE A 44 3.23 4.50 -6.12
C ILE A 44 3.42 4.31 -7.62
N ASP A 45 4.23 3.32 -7.96
CA ASP A 45 4.51 3.02 -9.35
C ASP A 45 3.20 2.68 -10.07
N TRP A 46 2.35 1.94 -9.36
CA TRP A 46 1.07 1.54 -9.93
C TRP A 46 0.21 2.80 -10.07
N LEU A 47 0.33 3.67 -9.09
CA LEU A 47 -0.44 4.91 -9.09
C LEU A 47 -0.15 5.67 -10.38
N VAL A 48 1.10 5.61 -10.81
CA VAL A 48 1.52 6.29 -12.03
C VAL A 48 1.23 5.39 -13.23
N SER A 49 1.52 4.10 -13.04
CA SER A 49 1.30 3.13 -14.10
C SER A 49 -0.11 3.30 -14.69
N ASN A 50 -1.08 3.41 -13.80
CA ASN A 50 -2.46 3.58 -14.22
C ASN A 50 -2.71 5.04 -14.56
N LYS A 51 -1.88 5.91 -13.99
CA LYS A 51 -1.99 7.33 -14.21
C LYS A 51 -3.02 7.91 -13.25
N LEU A 52 -2.68 7.86 -11.96
CA LEU A 52 -3.56 8.37 -10.93
C LEU A 52 -3.03 9.72 -10.43
N VAL A 53 -1.72 9.89 -10.58
CA VAL A 53 -1.08 11.11 -10.16
C VAL A 53 -0.23 11.67 -11.31
N ARG A 54 0.40 12.80 -11.04
CA ARG A 54 1.24 13.44 -12.04
C ARG A 54 2.64 12.85 -12.04
N ASN A 55 3.05 12.40 -10.85
CA ASN A 55 4.36 11.80 -10.70
C ASN A 55 4.39 10.96 -9.41
N ARG A 56 5.36 10.07 -9.34
CA ARG A 56 5.51 9.22 -8.18
C ARG A 56 5.29 10.02 -6.90
N GLN A 57 5.96 11.17 -6.84
CA GLN A 57 5.85 12.03 -5.67
C GLN A 57 4.39 12.11 -5.21
N GLU A 58 3.56 12.66 -6.08
CA GLU A 58 2.14 12.81 -5.78
C GLU A 58 1.60 11.51 -5.17
N GLY A 59 1.90 10.41 -5.83
CA GLY A 59 1.45 9.10 -5.37
C GLY A 59 1.82 8.89 -3.91
N LEU A 60 3.03 9.30 -3.57
CA LEU A 60 3.51 9.16 -2.20
C LEU A 60 2.53 9.82 -1.24
N MET A 61 2.28 11.10 -1.47
CA MET A 61 1.36 11.85 -0.64
C MET A 61 -0.02 11.18 -0.60
N ILE A 62 -0.51 10.84 -1.78
CA ILE A 62 -1.81 10.21 -1.89
C ILE A 62 -1.78 8.87 -1.13
N SER A 63 -0.77 8.07 -1.44
CA SER A 63 -0.62 6.78 -0.79
C SER A 63 -0.96 6.89 0.70
N ALA A 64 -0.34 7.86 1.35
CA ALA A 64 -0.57 8.07 2.77
C ALA A 64 -2.07 8.03 3.04
N SER A 65 -2.81 8.77 2.23
CA SER A 65 -4.25 8.84 2.37
C SER A 65 -4.84 7.43 2.41
N LEU A 66 -4.30 6.58 1.53
CA LEU A 66 -4.75 5.21 1.45
C LEU A 66 -4.44 4.48 2.77
N LEU A 67 -3.15 4.50 3.11
CA LEU A 67 -2.70 3.86 4.34
C LEU A 67 -3.48 4.41 5.52
N SER A 68 -3.34 5.72 5.72
CA SER A 68 -4.02 6.39 6.81
C SER A 68 -5.43 5.80 6.98
N GLU A 69 -6.24 5.97 5.95
CA GLU A 69 -7.60 5.47 5.97
C GLU A 69 -7.64 4.06 6.55
N GLY A 70 -6.65 3.26 6.17
CA GLY A 70 -6.55 1.90 6.64
C GLY A 70 -6.73 0.91 5.49
N TYR A 71 -6.28 1.33 4.31
CA TYR A 71 -6.39 0.49 3.13
C TYR A 71 -5.15 -0.38 2.96
N LEU A 72 -4.09 0.02 3.65
CA LEU A 72 -2.83 -0.71 3.58
C LEU A 72 -2.38 -1.06 5.00
N GLN A 73 -2.16 -2.35 5.21
CA GLN A 73 -1.72 -2.83 6.51
C GLN A 73 -0.19 -2.93 6.56
N PRO A 74 0.39 -2.27 7.59
CA PRO A 74 1.84 -2.26 7.76
C PRO A 74 2.32 -3.61 8.30
N ALA A 75 3.19 -4.25 7.53
CA ALA A 75 3.73 -5.54 7.92
C ALA A 75 5.23 -5.39 8.21
N GLY A 76 5.68 -6.13 9.20
CA GLY A 76 7.08 -6.09 9.59
C GLY A 76 7.29 -5.18 10.80
N ASP A 77 8.18 -4.21 10.62
CA ASP A 77 8.49 -3.26 11.68
C ASP A 77 8.64 -1.87 11.08
N LEU A 78 9.42 -1.80 10.02
CA LEU A 78 9.66 -0.53 9.34
C LEU A 78 8.32 0.16 9.10
N SER A 79 7.61 -0.34 8.09
CA SER A 79 6.31 0.23 7.74
C SER A 79 5.52 0.56 9.01
N LYS A 80 5.63 -0.34 9.98
CA LYS A 80 4.94 -0.17 11.25
C LYS A 80 5.39 1.15 11.89
N ASN A 81 6.70 1.34 11.93
CA ASN A 81 7.27 2.53 12.51
C ASN A 81 6.76 3.76 11.75
N ALA A 82 6.61 3.59 10.44
CA ALA A 82 6.13 4.66 9.59
C ALA A 82 4.82 5.20 10.15
N ALA A 83 3.84 4.31 10.24
CA ALA A 83 2.53 4.68 10.75
C ALA A 83 2.52 4.51 12.27
N ASP A 84 3.59 4.98 12.89
CA ASP A 84 3.72 4.89 14.33
C ASP A 84 3.65 6.29 14.94
N GLY A 85 4.65 7.10 14.62
CA GLY A 85 4.70 8.46 15.11
C GLY A 85 5.60 9.33 14.23
N ILE A 86 5.72 8.92 12.98
CA ILE A 86 6.54 9.65 12.02
C ILE A 86 5.95 11.05 11.81
N ALA A 87 4.78 11.07 11.21
CA ALA A 87 4.10 12.33 10.95
C ALA A 87 4.63 12.93 9.65
N GLU A 88 3.84 13.84 9.09
CA GLU A 88 4.23 14.49 7.85
C GLU A 88 4.06 13.53 6.66
N ASN A 89 3.82 12.27 7.01
CA ASN A 89 3.64 11.25 5.98
C ASN A 89 3.94 9.88 6.60
N PRO A 90 2.86 9.09 6.81
CA PRO A 90 2.99 7.76 7.38
C PRO A 90 3.53 6.77 6.35
N PHE A 91 3.20 7.05 5.09
CA PHE A 91 3.65 6.20 4.00
C PHE A 91 5.13 6.45 3.68
N LEU A 92 5.79 5.39 3.21
CA LEU A 92 7.19 5.48 2.86
C LEU A 92 7.39 4.99 1.43
N ASP A 93 7.64 5.93 0.55
CA ASP A 93 7.86 5.60 -0.86
C ASP A 93 9.17 4.82 -1.01
N SER A 94 9.16 3.61 -0.49
CA SER A 94 10.33 2.75 -0.55
C SER A 94 9.93 1.32 -0.88
N PRO A 95 10.83 0.60 -1.60
CA PRO A 95 10.56 -0.77 -1.98
C PRO A 95 10.75 -1.71 -0.78
N ASP A 96 11.20 -1.13 0.32
CA ASP A 96 11.42 -1.90 1.53
C ASP A 96 10.11 -2.01 2.30
N ALA A 97 9.47 -0.87 2.50
CA ALA A 97 8.21 -0.83 3.22
C ALA A 97 7.18 -1.68 2.47
N PHE A 98 6.72 -2.73 3.15
CA PHE A 98 5.73 -3.62 2.57
C PHE A 98 4.35 -3.39 3.19
N TYR A 99 3.37 -3.21 2.31
CA TYR A 99 2.01 -2.98 2.75
C TYR A 99 1.04 -3.97 2.09
N TYR A 100 0.17 -4.53 2.91
CA TYR A 100 -0.80 -5.49 2.42
C TYR A 100 -2.23 -5.08 2.83
N PHE A 101 -3.16 -5.29 1.91
CA PHE A 101 -4.55 -4.95 2.15
C PHE A 101 -5.08 -5.70 3.38
N PRO A 102 -6.00 -5.01 4.12
CA PRO A 102 -6.59 -5.60 5.31
C PRO A 102 -7.63 -6.66 4.94
N ASP A 103 -7.15 -7.70 4.27
CA ASP A 103 -8.03 -8.79 3.85
C ASP A 103 -7.19 -9.88 3.18
N SER A 104 -6.22 -9.44 2.40
CA SER A 104 -5.35 -10.36 1.69
C SER A 104 -4.00 -10.46 2.42
N GLY A 105 -3.07 -11.15 1.77
CA GLY A 105 -1.75 -11.34 2.34
C GLY A 105 -1.40 -12.82 2.45
N PRO A 106 -0.61 -13.15 3.50
CA PRO A 106 -0.20 -14.53 3.73
C PRO A 106 -1.35 -15.36 4.30
N SER A 107 -2.05 -14.76 5.25
CA SER A 107 -3.17 -15.44 5.88
C SER A 107 -4.43 -15.24 5.03
N SER A 108 -4.78 -16.30 4.32
CA SER A 108 -5.96 -16.26 3.47
C SER A 108 -7.21 -16.54 4.29
N GLY A 109 -8.35 -16.20 3.71
CA GLY A 109 -9.62 -16.40 4.39
C GLY A 109 -10.29 -17.70 3.92
N GLY A 1 -15.90 -3.43 2.20
CA GLY A 1 -16.89 -2.37 2.25
C GLY A 1 -16.48 -1.18 1.39
N SER A 2 -17.29 -0.14 1.45
CA SER A 2 -17.02 1.06 0.67
C SER A 2 -17.95 2.19 1.13
N SER A 3 -17.47 2.95 2.11
CA SER A 3 -18.23 4.06 2.65
C SER A 3 -17.29 5.16 3.12
N GLY A 4 -17.82 6.38 3.13
CA GLY A 4 -17.03 7.53 3.56
C GLY A 4 -15.59 7.43 3.07
N SER A 5 -15.44 7.61 1.76
CA SER A 5 -14.11 7.54 1.16
C SER A 5 -14.19 7.96 -0.31
N SER A 6 -14.91 9.05 -0.54
CA SER A 6 -15.07 9.57 -1.90
C SER A 6 -13.71 9.68 -2.58
N GLY A 7 -13.38 8.65 -3.34
CA GLY A 7 -12.11 8.63 -4.05
C GLY A 7 -11.33 7.35 -3.75
N LEU A 8 -10.59 7.40 -2.65
CA LEU A 8 -9.79 6.25 -2.23
C LEU A 8 -10.59 4.96 -2.47
N GLY A 9 -11.65 4.82 -1.69
CA GLY A 9 -12.51 3.65 -1.79
C GLY A 9 -12.48 3.08 -3.22
N ALA A 10 -13.06 3.85 -4.14
CA ALA A 10 -13.11 3.43 -5.52
C ALA A 10 -11.70 3.04 -5.99
N LEU A 11 -10.80 4.00 -5.91
CA LEU A 11 -9.42 3.77 -6.32
C LEU A 11 -8.93 2.46 -5.69
N TYR A 12 -9.03 2.40 -4.37
CA TYR A 12 -8.60 1.21 -3.65
C TYR A 12 -9.22 -0.05 -4.24
N LEU A 13 -10.55 -0.03 -4.36
CA LEU A 13 -11.27 -1.16 -4.90
C LEU A 13 -10.52 -1.70 -6.12
N SER A 14 -9.96 -0.77 -6.90
CA SER A 14 -9.22 -1.14 -8.09
C SER A 14 -7.92 -1.86 -7.69
N MET A 15 -7.16 -1.19 -6.84
CA MET A 15 -5.90 -1.75 -6.37
C MET A 15 -6.04 -3.22 -6.03
N LYS A 16 -7.26 -3.61 -5.68
CA LYS A 16 -7.56 -4.98 -5.32
C LYS A 16 -7.37 -5.87 -6.55
N ASP A 17 -7.97 -5.44 -7.65
CA ASP A 17 -7.90 -6.18 -8.89
C ASP A 17 -6.43 -6.55 -9.16
N PRO A 18 -6.17 -7.88 -9.15
CA PRO A 18 -4.83 -8.38 -9.39
C PRO A 18 -4.47 -8.29 -10.87
N GLU A 19 -5.42 -7.81 -11.66
CA GLU A 19 -5.22 -7.67 -13.08
C GLU A 19 -5.33 -6.19 -13.49
N LYS A 20 -6.44 -5.59 -13.12
CA LYS A 20 -6.68 -4.19 -13.45
C LYS A 20 -6.31 -3.33 -12.24
N GLY A 21 -5.59 -3.95 -11.31
CA GLY A 21 -5.17 -3.24 -10.11
C GLY A 21 -3.74 -3.61 -9.74
N ILE A 22 -3.43 -3.43 -8.47
CA ILE A 22 -2.09 -3.74 -7.97
C ILE A 22 -1.92 -5.26 -7.88
N LYS A 23 -0.68 -5.70 -8.05
CA LYS A 23 -0.38 -7.12 -7.98
C LYS A 23 -0.07 -7.51 -6.53
N GLU A 24 0.34 -8.76 -6.36
CA GLU A 24 0.67 -9.26 -5.05
C GLU A 24 1.90 -10.17 -5.12
N LEU A 25 3.07 -9.55 -5.06
CA LEU A 25 4.32 -10.28 -5.12
C LEU A 25 4.69 -10.75 -3.71
N ASN A 26 5.40 -11.87 -3.66
CA ASN A 26 5.82 -12.43 -2.39
C ASN A 26 7.14 -11.78 -1.96
N LEU A 27 7.18 -11.37 -0.71
CA LEU A 27 8.37 -10.74 -0.17
C LEU A 27 8.79 -11.45 1.11
N GLU A 28 10.01 -11.99 1.08
CA GLU A 28 10.53 -12.71 2.23
C GLU A 28 11.47 -11.80 3.03
N LYS A 29 11.27 -11.81 4.34
CA LYS A 29 12.09 -11.00 5.23
C LYS A 29 12.70 -11.90 6.31
N ASP A 30 13.77 -12.58 5.93
CA ASP A 30 14.47 -13.47 6.84
C ASP A 30 13.45 -14.42 7.49
N LYS A 31 13.29 -15.58 6.87
CA LYS A 31 12.36 -16.57 7.37
C LYS A 31 10.93 -16.09 7.13
N LYS A 32 10.61 -14.97 7.74
CA LYS A 32 9.28 -14.39 7.61
C LYS A 32 8.94 -14.25 6.12
N VAL A 33 8.05 -15.13 5.67
CA VAL A 33 7.62 -15.12 4.28
C VAL A 33 6.29 -14.39 4.16
N PHE A 34 6.37 -13.07 4.08
CA PHE A 34 5.19 -12.24 3.97
C PHE A 34 4.58 -12.36 2.57
N ASN A 35 3.51 -13.15 2.49
CA ASN A 35 2.82 -13.35 1.23
C ASN A 35 1.66 -12.36 1.12
N HIS A 36 1.35 -11.99 -0.11
CA HIS A 36 0.26 -11.06 -0.37
C HIS A 36 0.61 -9.70 0.22
N CYS A 37 1.74 -9.16 -0.24
CA CYS A 37 2.20 -7.86 0.24
C CYS A 37 2.61 -7.05 -0.97
N LEU A 38 2.64 -5.73 -0.78
CA LEU A 38 3.02 -4.82 -1.85
C LEU A 38 4.30 -4.08 -1.45
N THR A 39 4.43 -2.86 -1.96
CA THR A 39 5.60 -2.05 -1.66
C THR A 39 5.30 -0.57 -1.94
N GLY A 40 5.58 0.25 -0.95
CA GLY A 40 5.34 1.68 -1.08
C GLY A 40 5.92 2.22 -2.38
N SER A 41 6.93 1.52 -2.87
CA SER A 41 7.58 1.91 -4.12
C SER A 41 6.80 1.35 -5.31
N GLY A 42 6.41 0.09 -5.18
CA GLY A 42 5.67 -0.57 -6.24
C GLY A 42 4.26 -0.01 -6.35
N VAL A 43 3.64 0.18 -5.19
CA VAL A 43 2.29 0.70 -5.14
C VAL A 43 2.21 1.99 -5.98
N ILE A 44 3.09 2.92 -5.65
CA ILE A 44 3.13 4.19 -6.36
C ILE A 44 3.30 3.93 -7.86
N ASP A 45 4.28 3.08 -8.16
CA ASP A 45 4.56 2.74 -9.55
C ASP A 45 3.24 2.43 -10.26
N TRP A 46 2.37 1.72 -9.55
CA TRP A 46 1.08 1.35 -10.11
C TRP A 46 0.27 2.63 -10.30
N LEU A 47 0.34 3.50 -9.30
CA LEU A 47 -0.39 4.75 -9.34
C LEU A 47 -0.06 5.49 -10.64
N VAL A 48 1.24 5.59 -10.91
CA VAL A 48 1.70 6.26 -12.11
C VAL A 48 1.34 5.41 -13.33
N SER A 49 1.68 4.13 -13.24
CA SER A 49 1.41 3.21 -14.32
C SER A 49 0.02 3.47 -14.90
N ASN A 50 -0.95 3.52 -14.00
CA ASN A 50 -2.33 3.77 -14.40
C ASN A 50 -2.52 5.26 -14.70
N LYS A 51 -1.67 6.06 -14.06
CA LYS A 51 -1.74 7.50 -14.24
C LYS A 51 -2.76 8.09 -13.26
N LEU A 52 -2.61 7.71 -12.00
CA LEU A 52 -3.51 8.18 -10.97
C LEU A 52 -3.06 9.57 -10.51
N VAL A 53 -1.76 9.82 -10.64
CA VAL A 53 -1.21 11.10 -10.26
C VAL A 53 -0.43 11.70 -11.45
N ARG A 54 0.25 12.79 -11.18
CA ARG A 54 1.03 13.47 -12.21
C ARG A 54 2.50 13.04 -12.12
N ASN A 55 2.89 12.61 -10.92
CA ASN A 55 4.26 12.18 -10.69
C ASN A 55 4.28 11.18 -9.53
N ARG A 56 5.47 10.64 -9.28
CA ARG A 56 5.64 9.69 -8.21
C ARG A 56 5.37 10.35 -6.86
N GLN A 57 5.85 11.58 -6.73
CA GLN A 57 5.66 12.33 -5.50
C GLN A 57 4.19 12.29 -5.06
N GLU A 58 3.35 12.89 -5.89
CA GLU A 58 1.93 12.92 -5.59
C GLU A 58 1.46 11.57 -5.03
N GLY A 59 1.88 10.51 -5.72
CA GLY A 59 1.52 9.16 -5.31
C GLY A 59 1.96 8.90 -3.86
N LEU A 60 3.15 9.40 -3.53
CA LEU A 60 3.69 9.23 -2.20
C LEU A 60 2.72 9.83 -1.17
N MET A 61 2.28 11.04 -1.47
CA MET A 61 1.36 11.73 -0.59
C MET A 61 -0.01 11.04 -0.57
N ILE A 62 -0.54 10.82 -1.76
CA ILE A 62 -1.83 10.16 -1.89
C ILE A 62 -1.80 8.83 -1.13
N SER A 63 -0.77 8.06 -1.40
CA SER A 63 -0.61 6.76 -0.76
C SER A 63 -0.94 6.88 0.74
N ALA A 64 -0.32 7.87 1.37
CA ALA A 64 -0.53 8.10 2.79
C ALA A 64 -2.04 8.14 3.07
N SER A 65 -2.74 8.87 2.22
CA SER A 65 -4.18 9.01 2.36
C SER A 65 -4.83 7.62 2.44
N LEU A 66 -4.29 6.70 1.66
CA LEU A 66 -4.81 5.34 1.64
C LEU A 66 -4.49 4.66 2.97
N LEU A 67 -3.20 4.62 3.29
CA LEU A 67 -2.76 4.00 4.54
C LEU A 67 -3.59 4.55 5.70
N SER A 68 -3.57 5.88 5.82
CA SER A 68 -4.30 6.54 6.87
C SER A 68 -5.66 5.87 7.07
N GLU A 69 -6.49 5.99 6.04
CA GLU A 69 -7.83 5.40 6.08
C GLU A 69 -7.76 3.98 6.64
N GLY A 70 -6.65 3.31 6.34
CA GLY A 70 -6.46 1.95 6.81
C GLY A 70 -6.60 0.95 5.65
N TYR A 71 -6.23 1.41 4.46
CA TYR A 71 -6.31 0.57 3.28
C TYR A 71 -5.05 -0.28 3.13
N LEU A 72 -3.97 0.20 3.73
CA LEU A 72 -2.71 -0.51 3.67
C LEU A 72 -2.27 -0.89 5.08
N GLN A 73 -2.11 -2.19 5.28
CA GLN A 73 -1.70 -2.70 6.57
C GLN A 73 -0.19 -2.97 6.59
N PRO A 74 0.48 -2.44 7.65
CA PRO A 74 1.91 -2.61 7.79
C PRO A 74 2.26 -4.04 8.24
N ALA A 75 3.15 -4.67 7.47
CA ALA A 75 3.56 -6.02 7.78
C ALA A 75 5.06 -6.04 8.06
N GLY A 76 5.40 -6.10 9.34
CA GLY A 76 6.79 -6.12 9.75
C GLY A 76 7.04 -5.15 10.90
N ASP A 77 7.96 -4.23 10.67
CA ASP A 77 8.30 -3.24 11.68
C ASP A 77 8.47 -1.87 11.01
N LEU A 78 9.28 -1.86 9.96
CA LEU A 78 9.54 -0.64 9.22
C LEU A 78 8.22 0.07 8.94
N SER A 79 7.45 -0.51 8.03
CA SER A 79 6.17 0.06 7.66
C SER A 79 5.35 0.37 8.91
N LYS A 80 5.68 -0.33 9.99
CA LYS A 80 4.99 -0.13 11.25
C LYS A 80 5.45 1.18 11.88
N ASN A 81 6.76 1.34 11.96
CA ASN A 81 7.34 2.54 12.53
C ASN A 81 6.84 3.76 11.75
N ALA A 82 6.80 3.61 10.44
CA ALA A 82 6.34 4.69 9.57
C ALA A 82 4.97 5.17 10.05
N ALA A 83 4.02 4.25 10.08
CA ALA A 83 2.68 4.56 10.51
C ALA A 83 2.57 4.36 12.02
N ASP A 84 3.59 4.82 12.72
CA ASP A 84 3.62 4.69 14.17
C ASP A 84 3.49 6.08 14.80
N GLY A 85 4.50 6.91 14.56
CA GLY A 85 4.51 8.25 15.10
C GLY A 85 5.47 9.15 14.32
N ILE A 86 5.69 8.78 13.07
CA ILE A 86 6.59 9.53 12.21
C ILE A 86 6.00 10.92 11.97
N ALA A 87 4.88 10.94 11.25
CA ALA A 87 4.22 12.19 10.94
C ALA A 87 4.86 12.82 9.70
N GLU A 88 4.15 13.77 9.12
CA GLU A 88 4.64 14.46 7.93
C GLU A 88 4.55 13.53 6.71
N ASN A 89 4.19 12.29 6.98
CA ASN A 89 4.07 11.31 5.93
C ASN A 89 4.31 9.90 6.50
N PRO A 90 3.17 9.18 6.71
CA PRO A 90 3.25 7.83 7.25
C PRO A 90 3.73 6.84 6.20
N PHE A 91 3.42 7.15 4.95
CA PHE A 91 3.81 6.30 3.84
C PHE A 91 5.28 6.53 3.47
N LEU A 92 5.96 5.43 3.17
CA LEU A 92 7.36 5.49 2.80
C LEU A 92 7.53 4.97 1.37
N ASP A 93 7.83 5.90 0.48
CA ASP A 93 8.02 5.55 -0.93
C ASP A 93 9.29 4.71 -1.07
N SER A 94 9.20 3.47 -0.60
CA SER A 94 10.33 2.56 -0.67
C SER A 94 9.85 1.12 -0.90
N PRO A 95 10.68 0.34 -1.63
CA PRO A 95 10.35 -1.04 -1.93
C PRO A 95 10.52 -1.92 -0.69
N ASP A 96 11.04 -1.32 0.36
CA ASP A 96 11.26 -2.04 1.60
C ASP A 96 9.95 -2.10 2.40
N ALA A 97 9.32 -0.94 2.52
CA ALA A 97 8.07 -0.85 3.25
C ALA A 97 7.00 -1.67 2.52
N PHE A 98 6.59 -2.76 3.17
CA PHE A 98 5.57 -3.62 2.59
C PHE A 98 4.20 -3.36 3.21
N TYR A 99 3.19 -3.37 2.36
CA TYR A 99 1.83 -3.13 2.82
C TYR A 99 0.85 -4.07 2.12
N TYR A 100 -0.12 -4.55 2.88
CA TYR A 100 -1.13 -5.45 2.35
C TYR A 100 -2.53 -5.01 2.75
N PHE A 101 -3.48 -5.25 1.86
CA PHE A 101 -4.86 -4.89 2.11
C PHE A 101 -5.43 -5.69 3.28
N PRO A 102 -6.21 -4.97 4.15
CA PRO A 102 -6.83 -5.61 5.30
C PRO A 102 -8.02 -6.46 4.87
N ASP A 103 -7.72 -7.59 4.26
CA ASP A 103 -8.76 -8.50 3.80
C ASP A 103 -8.11 -9.73 3.18
N SER A 104 -7.05 -9.50 2.41
CA SER A 104 -6.34 -10.58 1.76
C SER A 104 -5.09 -10.94 2.56
N GLY A 105 -4.05 -10.14 2.38
CA GLY A 105 -2.80 -10.36 3.08
C GLY A 105 -2.42 -11.84 3.06
N PRO A 106 -1.39 -12.19 3.88
CA PRO A 106 -0.92 -13.55 3.97
C PRO A 106 -1.89 -14.42 4.77
N SER A 107 -1.67 -15.73 4.71
CA SER A 107 -2.51 -16.66 5.42
C SER A 107 -1.67 -17.80 6.00
N SER A 108 -2.11 -18.32 7.13
CA SER A 108 -1.41 -19.41 7.78
C SER A 108 -2.33 -20.09 8.80
N GLY A 109 -2.37 -21.41 8.72
CA GLY A 109 -3.21 -22.18 9.62
C GLY A 109 -3.07 -23.68 9.34
N GLY A 1 -18.42 -3.17 2.95
CA GLY A 1 -18.40 -2.01 3.82
C GLY A 1 -18.10 -0.74 3.03
N SER A 2 -16.85 -0.29 3.13
CA SER A 2 -16.43 0.92 2.43
C SER A 2 -17.26 2.11 2.90
N SER A 3 -16.90 2.64 4.05
CA SER A 3 -17.62 3.77 4.62
C SER A 3 -16.85 5.06 4.32
N GLY A 4 -17.60 6.11 4.05
CA GLY A 4 -17.01 7.41 3.75
C GLY A 4 -15.77 7.24 2.86
N SER A 5 -14.88 8.21 2.97
CA SER A 5 -13.66 8.20 2.19
C SER A 5 -13.99 8.20 0.69
N SER A 6 -14.99 8.99 0.33
CA SER A 6 -15.42 9.09 -1.05
C SER A 6 -14.19 9.31 -1.95
N GLY A 7 -13.73 8.22 -2.54
CA GLY A 7 -12.59 8.28 -3.43
C GLY A 7 -11.70 7.04 -3.26
N LEU A 8 -10.86 7.09 -2.23
CA LEU A 8 -9.95 5.99 -1.95
C LEU A 8 -10.70 4.67 -2.11
N GLY A 9 -11.89 4.61 -1.50
CA GLY A 9 -12.71 3.41 -1.57
C GLY A 9 -12.60 2.75 -2.95
N ALA A 10 -13.32 3.32 -3.91
CA ALA A 10 -13.32 2.80 -5.26
C ALA A 10 -11.87 2.49 -5.68
N LEU A 11 -10.98 3.40 -5.34
CA LEU A 11 -9.58 3.25 -5.67
C LEU A 11 -9.07 1.95 -5.06
N TYR A 12 -9.33 1.79 -3.77
CA TYR A 12 -8.90 0.60 -3.06
C TYR A 12 -9.48 -0.67 -3.70
N LEU A 13 -10.78 -0.62 -3.95
CA LEU A 13 -11.47 -1.74 -4.55
C LEU A 13 -10.66 -2.25 -5.75
N SER A 14 -10.07 -1.30 -6.47
CA SER A 14 -9.27 -1.64 -7.63
C SER A 14 -7.97 -2.32 -7.20
N MET A 15 -7.27 -1.66 -6.28
CA MET A 15 -6.02 -2.19 -5.78
C MET A 15 -6.15 -3.67 -5.42
N LYS A 16 -7.39 -4.07 -5.13
CA LYS A 16 -7.65 -5.45 -4.78
C LYS A 16 -7.46 -6.33 -6.00
N ASP A 17 -7.93 -5.83 -7.14
CA ASP A 17 -7.81 -6.56 -8.39
C ASP A 17 -6.34 -6.87 -8.67
N PRO A 18 -6.01 -8.19 -8.60
CA PRO A 18 -4.64 -8.62 -8.84
C PRO A 18 -4.30 -8.57 -10.33
N GLU A 19 -5.29 -8.16 -11.12
CA GLU A 19 -5.10 -8.06 -12.55
C GLU A 19 -5.31 -6.61 -13.01
N LYS A 20 -6.44 -6.06 -12.63
CA LYS A 20 -6.77 -4.69 -12.99
C LYS A 20 -6.44 -3.76 -11.82
N GLY A 21 -5.63 -4.28 -10.91
CA GLY A 21 -5.23 -3.50 -9.74
C GLY A 21 -3.75 -3.72 -9.42
N ILE A 22 -3.41 -3.53 -8.16
CA ILE A 22 -2.04 -3.69 -7.72
C ILE A 22 -1.67 -5.17 -7.75
N LYS A 23 -0.38 -5.42 -7.95
CA LYS A 23 0.11 -6.79 -8.02
C LYS A 23 0.55 -7.23 -6.62
N GLU A 24 0.65 -8.54 -6.44
CA GLU A 24 1.06 -9.10 -5.17
C GLU A 24 2.27 -10.01 -5.35
N LEU A 25 3.42 -9.51 -4.94
CA LEU A 25 4.66 -10.26 -5.05
C LEU A 25 5.12 -10.70 -3.65
N ASN A 26 6.07 -11.61 -3.64
CA ASN A 26 6.60 -12.11 -2.38
C ASN A 26 7.97 -11.47 -2.12
N LEU A 27 8.13 -10.96 -0.91
CA LEU A 27 9.38 -10.33 -0.52
C LEU A 27 9.77 -10.79 0.88
N GLU A 28 11.06 -11.03 1.05
CA GLU A 28 11.57 -11.48 2.33
C GLU A 28 12.56 -10.45 2.89
N LYS A 29 12.06 -9.65 3.81
CA LYS A 29 12.88 -8.62 4.44
C LYS A 29 14.14 -9.26 5.01
N ASP A 30 13.93 -10.18 5.94
CA ASP A 30 15.04 -10.88 6.57
C ASP A 30 14.74 -12.37 6.62
N LYS A 31 13.83 -12.72 7.51
CA LYS A 31 13.44 -14.12 7.66
C LYS A 31 11.91 -14.23 7.59
N LYS A 32 11.29 -13.12 7.25
CA LYS A 32 9.83 -13.07 7.15
C LYS A 32 9.44 -12.98 5.68
N VAL A 33 8.78 -14.02 5.21
CA VAL A 33 8.34 -14.08 3.82
C VAL A 33 6.99 -13.37 3.70
N PHE A 34 7.05 -12.11 3.33
CA PHE A 34 5.84 -11.31 3.18
C PHE A 34 5.13 -11.64 1.86
N ASN A 35 4.08 -12.44 1.97
CA ASN A 35 3.31 -12.85 0.81
C ASN A 35 2.02 -12.03 0.74
N HIS A 36 1.48 -11.93 -0.46
CA HIS A 36 0.25 -11.19 -0.67
C HIS A 36 0.41 -9.77 -0.10
N CYS A 37 1.58 -9.19 -0.36
CA CYS A 37 1.87 -7.85 0.11
C CYS A 37 2.18 -6.97 -1.09
N LEU A 38 2.53 -5.74 -0.80
CA LEU A 38 2.87 -4.78 -1.85
C LEU A 38 4.23 -4.16 -1.58
N THR A 39 4.38 -2.92 -2.00
CA THR A 39 5.63 -2.20 -1.79
C THR A 39 5.40 -0.69 -1.91
N GLY A 40 5.89 0.02 -0.90
CA GLY A 40 5.75 1.47 -0.87
C GLY A 40 5.90 2.07 -2.27
N SER A 41 7.03 1.75 -2.90
CA SER A 41 7.30 2.25 -4.23
C SER A 41 6.29 1.66 -5.23
N GLY A 42 6.15 0.34 -5.16
CA GLY A 42 5.22 -0.36 -6.04
C GLY A 42 3.83 0.28 -5.98
N VAL A 43 3.33 0.43 -4.78
CA VAL A 43 2.02 1.03 -4.57
C VAL A 43 1.89 2.27 -5.44
N ILE A 44 2.89 3.14 -5.33
CA ILE A 44 2.90 4.37 -6.10
C ILE A 44 3.11 4.05 -7.58
N ASP A 45 3.79 2.93 -7.81
CA ASP A 45 4.07 2.51 -9.17
C ASP A 45 2.75 2.23 -9.89
N TRP A 46 1.85 1.56 -9.17
CA TRP A 46 0.55 1.22 -9.73
C TRP A 46 -0.19 2.53 -10.01
N LEU A 47 0.05 3.51 -9.16
CA LEU A 47 -0.59 4.80 -9.31
C LEU A 47 -0.09 5.47 -10.59
N VAL A 48 1.22 5.57 -10.71
CA VAL A 48 1.83 6.17 -11.87
C VAL A 48 1.56 5.29 -13.10
N SER A 49 1.60 3.99 -12.88
CA SER A 49 1.36 3.04 -13.94
C SER A 49 0.03 3.35 -14.63
N ASN A 50 -0.99 3.53 -13.81
CA ASN A 50 -2.31 3.83 -14.32
C ASN A 50 -2.41 5.32 -14.64
N LYS A 51 -1.50 6.08 -14.05
CA LYS A 51 -1.46 7.52 -14.27
C LYS A 51 -2.46 8.19 -13.31
N LEU A 52 -2.46 7.71 -12.08
CA LEU A 52 -3.35 8.25 -11.06
C LEU A 52 -2.87 9.64 -10.66
N VAL A 53 -1.57 9.86 -10.84
CA VAL A 53 -0.97 11.14 -10.50
C VAL A 53 -0.13 11.63 -11.67
N ARG A 54 0.60 12.72 -11.43
CA ARG A 54 1.44 13.29 -12.46
C ARG A 54 2.89 12.83 -12.27
N ASN A 55 3.22 12.51 -11.03
CA ASN A 55 4.57 12.04 -10.71
C ASN A 55 4.50 11.15 -9.48
N ARG A 56 5.64 10.53 -9.18
CA ARG A 56 5.73 9.63 -8.04
C ARG A 56 5.41 10.39 -6.74
N GLN A 57 5.94 11.60 -6.66
CA GLN A 57 5.71 12.43 -5.49
C GLN A 57 4.22 12.44 -5.13
N GLU A 58 3.44 13.04 -6.01
CA GLU A 58 2.00 13.12 -5.80
C GLU A 58 1.48 11.84 -5.17
N GLY A 59 1.88 10.72 -5.75
CA GLY A 59 1.47 9.42 -5.25
C GLY A 59 1.88 9.24 -3.79
N LEU A 60 3.13 9.57 -3.51
CA LEU A 60 3.66 9.44 -2.17
C LEU A 60 2.64 10.00 -1.18
N MET A 61 2.18 11.21 -1.46
CA MET A 61 1.21 11.86 -0.60
C MET A 61 -0.11 11.08 -0.57
N ILE A 62 -0.67 10.90 -1.76
CA ILE A 62 -1.93 10.19 -1.89
C ILE A 62 -1.83 8.85 -1.15
N SER A 63 -0.81 8.08 -1.52
CA SER A 63 -0.58 6.79 -0.90
C SER A 63 -0.92 6.86 0.59
N ALA A 64 -0.36 7.86 1.25
CA ALA A 64 -0.58 8.05 2.67
C ALA A 64 -2.08 7.94 2.96
N SER A 65 -2.85 8.75 2.25
CA SER A 65 -4.30 8.76 2.42
C SER A 65 -4.83 7.33 2.45
N LEU A 66 -4.33 6.53 1.52
CA LEU A 66 -4.74 5.13 1.42
C LEU A 66 -4.32 4.40 2.69
N LEU A 67 -3.02 4.47 2.99
CA LEU A 67 -2.49 3.81 4.17
C LEU A 67 -3.25 4.29 5.40
N SER A 68 -3.16 5.59 5.65
CA SER A 68 -3.84 6.18 6.80
C SER A 68 -5.21 5.53 6.99
N GLU A 69 -6.09 5.74 6.02
CA GLU A 69 -7.42 5.18 6.09
C GLU A 69 -7.37 3.76 6.66
N GLY A 70 -6.34 3.03 6.26
CA GLY A 70 -6.17 1.66 6.73
C GLY A 70 -6.30 0.67 5.57
N TYR A 71 -6.53 1.22 4.39
CA TYR A 71 -6.69 0.39 3.20
C TYR A 71 -5.45 -0.48 2.97
N LEU A 72 -4.37 -0.10 3.65
CA LEU A 72 -3.11 -0.83 3.54
C LEU A 72 -2.56 -1.10 4.94
N GLN A 73 -2.29 -2.37 5.19
CA GLN A 73 -1.75 -2.78 6.48
C GLN A 73 -0.22 -2.86 6.42
N PRO A 74 0.43 -2.22 7.43
CA PRO A 74 1.88 -2.22 7.50
C PRO A 74 2.41 -3.56 7.96
N ALA A 75 3.49 -4.00 7.32
CA ALA A 75 4.11 -5.26 7.66
C ALA A 75 5.63 -5.11 7.68
N GLY A 76 6.18 -5.12 8.88
CA GLY A 76 7.62 -4.98 9.04
C GLY A 76 7.95 -4.14 10.28
N ASP A 77 8.41 -2.93 10.03
CA ASP A 77 8.78 -2.03 11.11
C ASP A 77 8.77 -0.59 10.60
N LEU A 78 9.49 -0.39 9.50
CA LEU A 78 9.59 0.94 8.90
C LEU A 78 8.22 1.59 8.93
N SER A 79 7.38 1.20 7.99
CA SER A 79 6.03 1.74 7.89
C SER A 79 5.41 1.84 9.29
N LYS A 80 5.41 0.72 9.98
CA LYS A 80 4.84 0.66 11.32
C LYS A 80 5.34 1.86 12.12
N ASN A 81 6.63 1.85 12.42
CA ASN A 81 7.24 2.93 13.18
C ASN A 81 6.71 4.27 12.66
N ALA A 82 6.48 4.31 11.35
CA ALA A 82 5.98 5.52 10.72
C ALA A 82 4.54 5.77 11.16
N ALA A 83 3.70 4.77 10.91
CA ALA A 83 2.30 4.86 11.28
C ALA A 83 2.19 5.28 12.74
N ASP A 84 3.22 4.95 13.50
CA ASP A 84 3.26 5.28 14.91
C ASP A 84 3.04 6.78 15.09
N GLY A 85 3.98 7.56 14.55
CA GLY A 85 3.90 9.00 14.64
C GLY A 85 5.24 9.64 14.28
N ILE A 86 5.68 9.37 13.06
CA ILE A 86 6.95 9.92 12.58
C ILE A 86 6.76 11.38 12.20
N ALA A 87 5.93 11.58 11.17
CA ALA A 87 5.65 12.93 10.70
C ALA A 87 4.26 12.96 10.06
N GLU A 88 4.16 13.70 8.96
CA GLU A 88 2.90 13.82 8.25
C GLU A 88 2.90 12.89 7.03
N ASN A 89 3.88 12.01 7.00
CA ASN A 89 3.99 11.06 5.89
C ASN A 89 4.25 9.67 6.46
N PRO A 90 3.13 8.91 6.67
CA PRO A 90 3.24 7.56 7.20
C PRO A 90 3.72 6.59 6.13
N PHE A 91 3.45 6.95 4.87
CA PHE A 91 3.86 6.12 3.76
C PHE A 91 5.30 6.42 3.34
N LEU A 92 6.09 5.36 3.25
CA LEU A 92 7.48 5.50 2.88
C LEU A 92 7.66 5.07 1.42
N ASP A 93 7.93 6.04 0.57
CA ASP A 93 8.10 5.78 -0.85
C ASP A 93 9.42 5.03 -1.05
N SER A 94 9.47 3.82 -0.54
CA SER A 94 10.65 2.99 -0.65
C SER A 94 10.26 1.55 -0.98
N PRO A 95 11.17 0.86 -1.72
CA PRO A 95 10.93 -0.52 -2.11
C PRO A 95 11.12 -1.46 -0.92
N ASP A 96 11.71 -0.92 0.14
CA ASP A 96 11.96 -1.70 1.34
C ASP A 96 10.64 -1.93 2.08
N ALA A 97 9.99 -0.83 2.43
CA ALA A 97 8.72 -0.90 3.14
C ALA A 97 7.82 -1.94 2.45
N PHE A 98 6.86 -2.42 3.22
CA PHE A 98 5.92 -3.40 2.70
C PHE A 98 4.54 -3.22 3.33
N TYR A 99 3.53 -3.28 2.48
CA TYR A 99 2.15 -3.13 2.93
C TYR A 99 1.25 -4.21 2.33
N TYR A 100 0.17 -4.51 3.05
CA TYR A 100 -0.77 -5.52 2.59
C TYR A 100 -2.20 -5.13 2.98
N PHE A 101 -3.12 -5.44 2.07
CA PHE A 101 -4.52 -5.13 2.30
C PHE A 101 -5.06 -5.91 3.51
N PRO A 102 -6.06 -5.28 4.18
CA PRO A 102 -6.67 -5.90 5.35
C PRO A 102 -7.61 -7.04 4.94
N ASP A 103 -7.00 -8.14 4.51
CA ASP A 103 -7.78 -9.29 4.10
C ASP A 103 -6.83 -10.35 3.52
N SER A 104 -5.83 -9.88 2.79
CA SER A 104 -4.85 -10.77 2.20
C SER A 104 -3.47 -10.49 2.77
N GLY A 105 -2.61 -11.49 2.69
CA GLY A 105 -1.26 -11.37 3.20
C GLY A 105 -0.69 -12.74 3.60
N PRO A 106 0.39 -12.69 4.43
CA PRO A 106 1.02 -13.91 4.89
C PRO A 106 0.18 -14.60 5.97
N SER A 107 -0.76 -15.42 5.50
CA SER A 107 -1.63 -16.14 6.41
C SER A 107 -0.81 -17.07 7.31
N SER A 108 -0.91 -16.83 8.60
CA SER A 108 -0.17 -17.64 9.57
C SER A 108 -1.15 -18.51 10.37
N GLY A 109 -2.16 -17.87 10.92
CA GLY A 109 -3.16 -18.56 11.71
C GLY A 109 -4.30 -19.07 10.81
#